data_7K7I
#
_entry.id   7K7I
#
_cell.length_a   1.00
_cell.length_b   1.00
_cell.length_c   1.00
_cell.angle_alpha   90.00
_cell.angle_beta   90.00
_cell.angle_gamma   90.00
#
_symmetry.space_group_name_H-M   'P 1'
#
loop_
_entity.id
_entity.type
_entity.pdbx_description
1 polymer 'Putative pertussis-like toxin subunit'
2 polymer 'Fab Light Chain Variable Domain'
3 polymer 'Fab Heavy Chain Variable Domain'
#
loop_
_entity_poly.entity_id
_entity_poly.type
_entity_poly.pdbx_seq_one_letter_code
_entity_poly.pdbx_strand_id
1 'polypeptide(L)'
;EWTGDNTNAYYSDEVISELHVGQIDTSPYFCIKTVKANGSGTPVVACAVSKQSIWAPSFKELLDQARYFYSTGQSVRIHV
QKNIWTYPLFVNTFSANALVGLSSCSATQCFGPK
;
A,B,C,D,E
2 'polypeptide(L)'
;DILLTQSPSILSVSPGERVSFSCRASQSIGTSIHWYQQKPNGSPRLLIQYASQSISGIPSRFSGSGSGTDFTLTINSVES
EDIADYYCQHTNGWPYTFGWGDHAGNKP
;
L,K,N,Q,Y
3 'polypeptide(L)'
;VKLVESGGGLVKPGGSLKLSCAASGFAFSTYDMSWVRQTPEKRLEWVATISGGGSYTYYPDIVKGRFTISRDNARNTLYL
QMSSLRSEDTALYFCVRQYYGSSNYGMDYWGQGTSVTVS
;
H,J,M,P,X
#
# COMPACT_ATOMS: atom_id res chain seq x y z
N GLU A 1 10.12 5.30 21.09
CA GLU A 1 11.20 5.20 22.07
C GLU A 1 12.24 4.19 21.60
N TRP A 2 13.50 4.43 21.97
CA TRP A 2 14.57 3.52 21.59
C TRP A 2 14.38 2.16 22.26
N THR A 3 15.10 1.17 21.74
CA THR A 3 15.01 -0.19 22.29
C THR A 3 15.76 -0.31 23.60
N GLY A 4 17.05 -0.04 23.59
CA GLY A 4 17.87 -0.24 24.77
C GLY A 4 17.94 0.95 25.70
N ASP A 5 16.79 1.41 26.17
CA ASP A 5 16.75 2.48 27.16
C ASP A 5 16.98 1.88 28.55
N ASN A 6 16.75 2.69 29.58
CA ASN A 6 16.88 2.22 30.96
C ASN A 6 15.59 1.64 31.51
N THR A 7 14.49 1.74 30.77
CA THR A 7 13.20 1.23 31.22
C THR A 7 12.84 -0.11 30.58
N ASN A 8 13.58 -0.54 29.57
CA ASN A 8 13.34 -1.82 28.91
C ASN A 8 14.37 -2.82 29.39
N ALA A 9 13.93 -3.84 30.12
CA ALA A 9 14.82 -4.87 30.61
C ALA A 9 15.21 -5.82 29.49
N TYR A 10 16.40 -6.40 29.60
CA TYR A 10 16.92 -7.31 28.60
C TYR A 10 17.40 -8.59 29.27
N TYR A 11 17.49 -9.65 28.46
CA TYR A 11 17.97 -10.95 28.92
C TYR A 11 19.01 -11.45 27.92
N SER A 12 20.16 -11.86 28.44
CA SER A 12 21.29 -12.23 27.62
C SER A 12 21.47 -13.74 27.56
N ASP A 13 22.07 -14.21 26.46
CA ASP A 13 22.42 -15.62 26.26
C ASP A 13 21.17 -16.52 26.35
N GLU A 14 20.19 -16.20 25.52
CA GLU A 14 18.93 -16.93 25.49
C GLU A 14 18.73 -17.57 24.14
N VAL A 15 18.17 -18.78 24.14
CA VAL A 15 17.92 -19.55 22.93
C VAL A 15 16.41 -19.65 22.74
N ILE A 16 15.93 -19.15 21.59
CA ILE A 16 14.51 -19.22 21.31
C ILE A 16 14.09 -20.68 21.17
N SER A 17 13.05 -21.06 21.91
CA SER A 17 12.65 -22.46 22.00
C SER A 17 11.28 -22.76 21.40
N GLU A 18 10.37 -21.79 21.36
CA GLU A 18 9.05 -22.00 20.80
C GLU A 18 8.62 -20.76 20.03
N LEU A 19 7.49 -20.88 19.33
CA LEU A 19 6.95 -19.76 18.57
C LEU A 19 5.50 -20.06 18.25
N HIS A 20 4.60 -19.13 18.60
CA HIS A 20 3.18 -19.26 18.36
C HIS A 20 2.71 -18.07 17.54
N VAL A 21 1.87 -18.34 16.55
CA VAL A 21 1.33 -17.31 15.66
C VAL A 21 -0.19 -17.39 15.71
N GLY A 22 -0.84 -16.22 15.66
CA GLY A 22 -2.28 -16.20 15.69
C GLY A 22 -2.87 -14.83 15.44
N GLN A 23 -4.03 -14.55 16.03
CA GLN A 23 -4.69 -13.26 15.85
C GLN A 23 -5.43 -12.91 17.13
N ILE A 24 -5.40 -11.64 17.50
CA ILE A 24 -6.16 -11.14 18.63
C ILE A 24 -6.55 -9.69 18.35
N ASP A 25 -7.82 -9.37 18.57
CA ASP A 25 -8.33 -8.00 18.42
C ASP A 25 -8.10 -7.47 17.00
N THR A 26 -8.44 -8.29 16.01
CA THR A 26 -8.34 -7.92 14.59
C THR A 26 -6.93 -7.47 14.22
N SER A 27 -5.94 -8.20 14.72
CA SER A 27 -4.54 -7.89 14.46
C SER A 27 -3.67 -9.10 14.73
N PRO A 28 -2.82 -9.51 13.79
CA PRO A 28 -1.96 -10.67 14.02
C PRO A 28 -0.99 -10.41 15.16
N TYR A 29 -0.52 -11.50 15.76
CA TYR A 29 0.45 -11.42 16.84
C TYR A 29 1.32 -12.67 16.80
N PHE A 30 2.36 -12.66 17.62
CA PHE A 30 3.23 -13.82 17.76
C PHE A 30 3.95 -13.73 19.09
N CYS A 31 4.16 -14.88 19.72
CA CYS A 31 4.81 -14.95 21.02
C CYS A 31 5.90 -16.01 20.99
N ILE A 32 7.05 -15.67 21.56
CA ILE A 32 8.18 -16.57 21.65
C ILE A 32 8.37 -16.98 23.10
N LYS A 33 9.27 -17.93 23.33
CA LYS A 33 9.60 -18.37 24.68
C LYS A 33 11.01 -18.92 24.65
N THR A 34 11.91 -18.33 25.43
CA THR A 34 13.33 -18.62 25.35
C THR A 34 13.84 -19.18 26.67
N VAL A 35 14.51 -20.31 26.60
CA VAL A 35 15.21 -20.91 27.74
C VAL A 35 16.69 -20.63 27.57
N LYS A 36 17.37 -20.37 28.69
CA LYS A 36 18.79 -20.05 28.63
C LYS A 36 19.58 -21.18 27.98
N ALA A 37 20.76 -20.82 27.46
CA ALA A 37 21.58 -21.78 26.74
C ALA A 37 22.02 -22.92 27.66
N ASN A 38 22.50 -22.59 28.85
CA ASN A 38 22.98 -23.59 29.80
C ASN A 38 21.86 -24.27 30.59
N GLY A 39 20.62 -24.14 30.16
CA GLY A 39 19.53 -24.86 30.79
C GLY A 39 18.96 -24.20 32.04
N SER A 40 19.80 -23.46 32.76
CA SER A 40 19.36 -22.81 33.98
C SER A 40 18.45 -21.63 33.65
N GLY A 41 17.96 -20.96 34.70
CA GLY A 41 17.14 -19.79 34.53
C GLY A 41 15.72 -20.08 34.10
N THR A 42 14.79 -19.22 34.51
CA THR A 42 13.39 -19.38 34.13
C THR A 42 13.16 -18.91 32.70
N PRO A 43 12.22 -19.52 31.99
CA PRO A 43 11.92 -19.06 30.63
C PRO A 43 11.33 -17.66 30.64
N VAL A 44 11.52 -16.98 29.51
CA VAL A 44 11.01 -15.62 29.30
C VAL A 44 10.12 -15.62 28.08
N VAL A 45 8.90 -15.10 28.24
CA VAL A 45 7.93 -15.02 27.16
C VAL A 45 7.70 -13.57 26.81
N ALA A 46 7.62 -13.27 25.52
CA ALA A 46 7.44 -11.89 25.06
C ALA A 46 6.68 -11.91 23.74
N CYS A 47 5.50 -11.32 23.73
CA CYS A 47 4.66 -11.27 22.54
C CYS A 47 4.91 -10.00 21.76
N ALA A 48 4.15 -9.83 20.67
CA ALA A 48 4.19 -8.62 19.87
C ALA A 48 2.94 -8.57 19.01
N VAL A 49 2.13 -7.55 19.18
CA VAL A 49 0.88 -7.39 18.45
C VAL A 49 1.13 -6.39 17.32
N SER A 50 0.40 -6.58 16.21
CA SER A 50 0.71 -5.82 14.99
C SER A 50 0.17 -4.40 15.06
N LYS A 51 -1.02 -4.20 15.62
CA LYS A 51 -1.70 -2.91 15.55
C LYS A 51 -2.26 -2.50 16.90
N GLN A 52 -1.45 -2.62 17.96
CA GLN A 52 -1.93 -2.29 19.30
C GLN A 52 -1.15 -1.19 19.98
N SER A 53 0.17 -1.28 20.03
CA SER A 53 0.99 -0.43 20.88
C SER A 53 1.86 0.49 20.03
N ILE A 54 2.75 1.22 20.71
CA ILE A 54 3.71 2.08 20.03
C ILE A 54 4.80 1.28 19.33
N TRP A 55 4.91 -0.02 19.61
CA TRP A 55 5.85 -0.89 18.94
C TRP A 55 5.23 -1.59 17.73
N ALA A 56 4.24 -0.95 17.09
CA ALA A 56 3.63 -1.55 15.91
C ALA A 56 4.55 -1.53 14.70
N PRO A 57 5.18 -0.42 14.31
CA PRO A 57 5.94 -0.41 13.05
C PRO A 57 7.09 -1.41 13.01
N SER A 58 7.54 -1.92 14.15
CA SER A 58 8.63 -2.87 14.19
C SER A 58 8.15 -4.31 14.27
N PHE A 59 6.93 -4.58 13.80
CA PHE A 59 6.38 -5.93 13.88
C PHE A 59 7.02 -6.85 12.83
N LYS A 60 6.84 -6.52 11.56
CA LYS A 60 7.32 -7.41 10.50
C LYS A 60 8.84 -7.51 10.48
N GLU A 61 9.54 -6.42 10.82
CA GLU A 61 10.99 -6.48 10.87
C GLU A 61 11.50 -7.39 11.99
N LEU A 62 10.65 -7.71 12.97
CA LEU A 62 11.01 -8.59 14.06
C LEU A 62 10.56 -10.03 13.85
N LEU A 63 9.35 -10.22 13.31
CA LEU A 63 8.83 -11.56 13.07
C LEU A 63 9.76 -12.34 12.14
N ASP A 64 10.29 -11.66 11.11
CA ASP A 64 11.25 -12.32 10.22
C ASP A 64 12.57 -12.62 10.92
N GLN A 65 12.91 -11.89 11.97
CA GLN A 65 14.15 -12.13 12.71
C GLN A 65 13.95 -13.11 13.85
N ALA A 66 12.84 -13.02 14.57
CA ALA A 66 12.55 -13.99 15.62
C ALA A 66 12.38 -15.39 15.04
N ARG A 67 11.99 -15.49 13.77
CA ARG A 67 11.87 -16.79 13.11
C ARG A 67 13.22 -17.27 12.58
N TYR A 68 14.14 -16.35 12.29
CA TYR A 68 15.47 -16.75 11.86
C TYR A 68 16.22 -17.42 13.00
N PHE A 69 16.32 -16.75 14.16
CA PHE A 69 17.05 -17.31 15.29
C PHE A 69 16.42 -18.62 15.77
N TYR A 70 15.14 -18.83 15.50
CA TYR A 70 14.50 -20.10 15.84
C TYR A 70 15.08 -21.25 15.02
N SER A 71 15.27 -21.03 13.72
CA SER A 71 15.69 -22.13 12.85
C SER A 71 17.14 -22.52 13.09
N THR A 72 17.99 -21.58 13.49
CA THR A 72 19.41 -21.88 13.65
C THR A 72 19.70 -22.51 15.01
N GLY A 73 19.36 -21.81 16.08
CA GLY A 73 19.63 -22.27 17.42
C GLY A 73 20.79 -21.59 18.11
N GLN A 74 21.03 -20.31 17.81
CA GLN A 74 22.16 -19.57 18.36
C GLN A 74 21.70 -18.66 19.48
N SER A 75 22.62 -18.37 20.41
CA SER A 75 22.30 -17.53 21.56
C SER A 75 22.02 -16.11 21.11
N VAL A 76 20.96 -15.51 21.66
CA VAL A 76 20.56 -14.15 21.32
C VAL A 76 20.22 -13.40 22.60
N ARG A 77 20.33 -12.07 22.51
CA ARG A 77 19.88 -11.17 23.56
C ARG A 77 18.52 -10.61 23.20
N ILE A 78 17.63 -10.53 24.17
CA ILE A 78 16.25 -10.14 23.94
C ILE A 78 15.91 -8.96 24.83
N HIS A 79 15.35 -7.92 24.25
CA HIS A 79 14.91 -6.72 24.95
C HIS A 79 13.39 -6.73 25.04
N VAL A 80 12.86 -6.38 26.22
CA VAL A 80 11.42 -6.40 26.44
C VAL A 80 11.03 -5.17 27.24
N GLN A 81 9.78 -4.72 27.07
CA GLN A 81 9.19 -3.68 27.88
C GLN A 81 8.05 -4.29 28.68
N LYS A 82 8.19 -4.31 30.00
CA LYS A 82 7.27 -5.07 30.83
C LYS A 82 5.94 -4.35 30.98
N ASN A 83 4.88 -5.15 31.14
CA ASN A 83 3.53 -4.68 31.45
C ASN A 83 3.00 -3.72 30.38
N ILE A 84 2.81 -4.28 29.19
CA ILE A 84 2.22 -3.55 28.07
C ILE A 84 0.81 -4.04 27.76
N TRP A 85 0.65 -5.35 27.58
CA TRP A 85 -0.64 -5.89 27.16
C TRP A 85 -1.62 -5.92 28.32
N THR A 86 -2.83 -5.42 28.09
CA THR A 86 -3.88 -5.36 29.09
C THR A 86 -5.05 -6.29 28.76
N TYR A 87 -4.82 -7.29 27.93
CA TYR A 87 -5.89 -8.19 27.54
C TYR A 87 -6.22 -9.13 28.71
N PRO A 88 -7.50 -9.48 28.90
CA PRO A 88 -7.92 -10.16 30.13
C PRO A 88 -7.23 -11.50 30.38
N LEU A 89 -7.38 -12.44 29.46
CA LEU A 89 -6.84 -13.78 29.63
C LEU A 89 -5.68 -14.06 28.68
N PHE A 90 -5.24 -13.07 27.91
CA PHE A 90 -4.08 -13.24 27.04
C PHE A 90 -2.78 -13.10 27.82
N VAL A 91 -2.76 -12.19 28.81
CA VAL A 91 -1.56 -11.99 29.62
C VAL A 91 -1.32 -13.12 30.59
N ASN A 92 -2.31 -13.98 30.81
CA ASN A 92 -2.16 -15.09 31.74
C ASN A 92 -1.55 -16.32 31.11
N THR A 93 -1.66 -16.47 29.79
CA THR A 93 -1.10 -17.64 29.12
C THR A 93 0.35 -17.42 28.70
N PHE A 94 0.59 -16.43 27.83
CA PHE A 94 1.95 -16.20 27.35
C PHE A 94 2.75 -15.33 28.31
N SER A 95 2.40 -14.04 28.39
CA SER A 95 3.12 -13.05 29.19
C SER A 95 2.50 -11.68 29.00
N ALA A 96 3.01 -10.68 29.74
CA ALA A 96 2.59 -9.29 29.59
C ALA A 96 3.72 -8.41 29.07
N ASN A 97 4.79 -9.00 28.55
CA ASN A 97 5.95 -8.25 28.07
C ASN A 97 5.69 -7.78 26.64
N ALA A 98 6.73 -7.24 26.00
CA ALA A 98 6.62 -6.77 24.63
C ALA A 98 7.99 -6.85 23.97
N LEU A 99 8.11 -7.69 22.95
CA LEU A 99 9.38 -7.88 22.27
C LEU A 99 9.75 -6.62 21.49
N VAL A 100 10.95 -6.10 21.74
CA VAL A 100 11.37 -4.85 21.12
C VAL A 100 12.77 -4.96 20.52
N GLY A 101 13.28 -6.19 20.39
CA GLY A 101 14.58 -6.36 19.79
C GLY A 101 15.21 -7.73 19.99
N LEU A 102 15.97 -8.19 19.02
CA LEU A 102 16.68 -9.48 19.11
C LEU A 102 18.14 -9.24 18.71
N SER A 103 18.96 -8.84 19.68
CA SER A 103 20.37 -8.62 19.43
C SER A 103 21.09 -9.95 19.37
N SER A 104 21.91 -10.14 18.34
CA SER A 104 22.72 -11.35 18.26
C SER A 104 23.82 -11.31 19.31
N CYS A 105 24.28 -12.49 19.70
CA CYS A 105 25.26 -12.63 20.77
C CYS A 105 26.45 -13.44 20.29
N SER A 106 27.65 -12.96 20.63
CA SER A 106 28.87 -13.70 20.39
C SER A 106 29.20 -14.54 21.63
N ALA A 107 30.42 -15.06 21.70
CA ALA A 107 30.83 -15.88 22.84
C ALA A 107 30.80 -15.07 24.14
N THR A 108 31.59 -14.00 24.19
CA THR A 108 31.71 -13.21 25.41
C THR A 108 30.75 -12.01 25.40
N GLN A 109 30.88 -11.13 24.41
CA GLN A 109 30.08 -9.92 24.34
C GLN A 109 28.92 -10.11 23.39
N CYS A 110 27.87 -9.31 23.61
CA CYS A 110 26.68 -9.32 22.76
C CYS A 110 26.57 -7.97 22.06
N PHE A 111 26.32 -8.00 20.75
CA PHE A 111 26.20 -6.77 19.97
C PHE A 111 24.82 -6.18 20.19
N GLY A 112 24.75 -5.08 20.92
CA GLY A 112 23.49 -4.43 21.19
C GLY A 112 23.56 -3.54 22.41
N PRO A 113 22.50 -2.78 22.67
CA PRO A 113 22.48 -1.91 23.84
C PRO A 113 22.36 -2.70 25.13
N LYS A 114 22.58 -1.99 26.23
CA LYS A 114 22.44 -2.59 27.56
C LYS A 114 22.32 -1.50 28.63
N GLU B 1 -12.70 -13.63 19.08
CA GLU B 1 -11.78 -12.69 18.47
C GLU B 1 -10.34 -13.08 18.73
N TRP B 2 -10.14 -13.95 19.71
CA TRP B 2 -8.83 -14.46 20.06
C TRP B 2 -8.69 -15.89 19.56
N THR B 3 -7.45 -16.32 19.37
CA THR B 3 -7.19 -17.67 18.89
C THR B 3 -7.63 -18.71 19.90
N GLY B 4 -7.11 -18.64 21.12
CA GLY B 4 -7.40 -19.65 22.12
C GLY B 4 -8.58 -19.33 23.01
N ASP B 5 -9.74 -19.06 22.40
CA ASP B 5 -10.97 -18.89 23.16
C ASP B 5 -11.51 -20.25 23.59
N ASN B 6 -12.71 -20.27 24.13
CA ASN B 6 -13.37 -21.52 24.49
C ASN B 6 -14.22 -22.08 23.36
N THR B 7 -14.43 -21.32 22.29
CA THR B 7 -15.23 -21.75 21.16
C THR B 7 -14.40 -22.24 19.98
N ASN B 8 -13.08 -22.08 20.03
CA ASN B 8 -12.19 -22.55 18.97
C ASN B 8 -11.51 -23.83 19.43
N ALA B 9 -11.87 -24.94 18.79
CA ALA B 9 -11.25 -26.22 19.14
C ALA B 9 -9.83 -26.28 18.60
N TYR B 10 -8.99 -27.06 19.27
CA TYR B 10 -7.59 -27.22 18.90
C TYR B 10 -7.23 -28.70 18.84
N TYR B 11 -6.11 -28.98 18.19
CA TYR B 11 -5.59 -30.33 18.07
C TYR B 11 -4.09 -30.31 18.34
N SER B 12 -3.63 -31.20 19.21
CA SER B 12 -2.25 -31.21 19.66
C SER B 12 -1.47 -32.35 19.02
N ASP B 13 -0.16 -32.14 18.90
CA ASP B 13 0.78 -33.13 18.38
C ASP B 13 0.38 -33.58 16.97
N GLU B 14 0.38 -32.61 16.05
CA GLU B 14 0.01 -32.84 14.67
C GLU B 14 1.14 -32.42 13.74
N VAL B 15 1.34 -33.20 12.69
CA VAL B 15 2.39 -32.96 11.70
C VAL B 15 1.72 -32.57 10.39
N ILE B 16 2.03 -31.38 9.89
CA ILE B 16 1.45 -30.94 8.62
C ILE B 16 1.95 -31.85 7.50
N SER B 17 1.00 -32.38 6.72
CA SER B 17 1.31 -33.39 5.72
C SER B 17 1.10 -32.93 4.28
N GLU B 18 0.21 -31.98 4.04
CA GLU B 18 -0.03 -31.48 2.69
C GLU B 18 -0.26 -29.98 2.74
N LEU B 19 -0.36 -29.39 1.55
CA LEU B 19 -0.60 -27.95 1.44
C LEU B 19 -1.07 -27.66 0.02
N HIS B 20 -2.20 -26.98 -0.11
CA HIS B 20 -2.77 -26.62 -1.40
C HIS B 20 -3.00 -25.12 -1.44
N VAL B 21 -2.59 -24.49 -2.53
CA VAL B 21 -2.72 -23.06 -2.73
C VAL B 21 -3.58 -22.83 -3.96
N GLY B 22 -4.43 -21.81 -3.92
CA GLY B 22 -5.29 -21.51 -5.05
C GLY B 22 -6.00 -20.17 -4.94
N GLN B 23 -7.23 -20.12 -5.45
CA GLN B 23 -8.03 -18.90 -5.41
C GLN B 23 -9.50 -19.27 -5.45
N ILE B 24 -10.30 -18.59 -4.65
CA ILE B 24 -11.75 -18.77 -4.66
C ILE B 24 -12.40 -17.43 -4.33
N ASP B 25 -13.41 -17.06 -5.13
CA ASP B 25 -14.17 -15.83 -4.92
C ASP B 25 -13.27 -14.59 -4.95
N THR B 26 -12.38 -14.56 -5.95
CA THR B 26 -11.46 -13.43 -6.15
C THR B 26 -10.63 -13.16 -4.89
N SER B 27 -10.14 -14.23 -4.27
CA SER B 27 -9.32 -14.10 -3.07
C SER B 27 -8.48 -15.36 -2.89
N PRO B 28 -7.16 -15.23 -2.79
CA PRO B 28 -6.32 -16.41 -2.62
C PRO B 28 -6.57 -17.09 -1.29
N TYR B 29 -6.46 -18.42 -1.30
CA TYR B 29 -6.67 -19.22 -0.11
C TYR B 29 -5.59 -20.28 -0.04
N PHE B 30 -5.60 -21.05 1.05
CA PHE B 30 -4.70 -22.18 1.19
C PHE B 30 -5.25 -23.13 2.24
N CYS B 31 -5.08 -24.42 2.01
CA CYS B 31 -5.58 -25.44 2.92
C CYS B 31 -4.48 -26.42 3.26
N ILE B 32 -4.44 -26.85 4.52
CA ILE B 32 -3.46 -27.83 4.97
C ILE B 32 -4.18 -29.10 5.37
N LYS B 33 -3.42 -30.12 5.73
CA LYS B 33 -4.01 -31.39 6.20
C LYS B 33 -2.97 -32.08 7.05
N THR B 34 -3.29 -32.32 8.32
CA THR B 34 -2.31 -32.76 9.30
C THR B 34 -2.73 -34.12 9.86
N VAL B 35 -1.85 -35.09 9.71
CA VAL B 35 -2.01 -36.41 10.33
C VAL B 35 -1.20 -36.40 11.62
N LYS B 36 -1.70 -37.09 12.64
CA LYS B 36 -1.03 -37.11 13.93
C LYS B 36 0.37 -37.70 13.79
N ALA B 37 1.24 -37.33 14.73
CA ALA B 37 2.63 -37.75 14.67
C ALA B 37 2.77 -39.26 14.77
N ASN B 38 2.08 -39.87 15.74
CA ASN B 38 2.18 -41.30 15.96
C ASN B 38 1.32 -42.12 14.99
N GLY B 39 0.83 -41.52 13.91
CA GLY B 39 0.10 -42.22 12.89
C GLY B 39 -1.37 -42.44 13.19
N SER B 40 -1.75 -42.47 14.47
CA SER B 40 -3.14 -42.69 14.83
C SER B 40 -3.97 -41.44 14.55
N GLY B 41 -5.24 -41.51 14.91
CA GLY B 41 -6.13 -40.37 14.76
C GLY B 41 -6.49 -40.07 13.32
N THR B 42 -7.56 -39.31 13.13
CA THR B 42 -7.98 -38.94 11.78
C THR B 42 -7.39 -37.59 11.39
N PRO B 43 -7.07 -37.41 10.12
CA PRO B 43 -6.55 -36.11 9.67
C PRO B 43 -7.61 -35.03 9.79
N VAL B 44 -7.14 -33.80 10.04
CA VAL B 44 -8.01 -32.64 10.15
C VAL B 44 -7.58 -31.62 9.12
N VAL B 45 -8.53 -31.12 8.36
CA VAL B 45 -8.27 -30.13 7.32
C VAL B 45 -8.74 -28.77 7.81
N ALA B 46 -7.97 -27.73 7.50
CA ALA B 46 -8.29 -26.38 7.95
C ALA B 46 -7.78 -25.39 6.92
N CYS B 47 -8.68 -24.67 6.28
CA CYS B 47 -8.34 -23.71 5.25
C CYS B 47 -8.22 -22.31 5.86
N ALA B 48 -7.90 -21.35 5.00
CA ALA B 48 -7.85 -19.95 5.41
C ALA B 48 -7.95 -19.10 4.14
N VAL B 49 -9.04 -18.37 4.00
CA VAL B 49 -9.31 -17.57 2.82
C VAL B 49 -9.06 -16.10 3.16
N SER B 50 -8.32 -15.42 2.30
CA SER B 50 -8.05 -14.01 2.52
C SER B 50 -9.29 -13.17 2.21
N LYS B 51 -9.37 -12.02 2.87
CA LYS B 51 -10.42 -11.01 2.64
C LYS B 51 -11.83 -11.60 2.59
N GLN B 52 -12.06 -12.69 3.34
CA GLN B 52 -13.41 -13.26 3.41
C GLN B 52 -14.00 -13.24 4.80
N SER B 53 -13.32 -13.80 5.79
CA SER B 53 -13.85 -13.93 7.13
C SER B 53 -13.34 -12.82 8.03
N ILE B 54 -13.58 -12.94 9.33
CA ILE B 54 -12.99 -12.02 10.29
C ILE B 54 -11.53 -12.34 10.55
N TRP B 55 -11.08 -13.53 10.15
CA TRP B 55 -9.69 -13.94 10.27
C TRP B 55 -8.87 -13.56 9.04
N ALA B 56 -9.29 -12.54 8.29
CA ALA B 56 -8.53 -12.11 7.12
C ALA B 56 -7.19 -11.49 7.49
N PRO B 57 -7.09 -10.55 8.45
CA PRO B 57 -5.80 -9.90 8.70
C PRO B 57 -4.67 -10.85 9.07
N SER B 58 -4.98 -12.03 9.61
CA SER B 58 -3.96 -12.99 9.99
C SER B 58 -3.66 -13.99 8.89
N PHE B 59 -3.88 -13.63 7.63
CA PHE B 59 -3.65 -14.57 6.53
C PHE B 59 -2.16 -14.73 6.26
N LYS B 60 -1.49 -13.65 5.87
CA LYS B 60 -0.09 -13.74 5.47
C LYS B 60 0.81 -14.14 6.63
N GLU B 61 0.49 -13.70 7.84
CA GLU B 61 1.29 -14.09 9.00
C GLU B 61 1.18 -15.58 9.30
N LEU B 62 0.16 -16.25 8.76
CA LEU B 62 -0.03 -17.68 8.95
C LEU B 62 0.50 -18.51 7.79
N LEU B 63 0.29 -18.06 6.56
CA LEU B 63 0.77 -18.80 5.39
C LEU B 63 2.28 -18.98 5.44
N ASP B 64 3.01 -17.95 5.86
CA ASP B 64 4.46 -18.07 6.00
C ASP B 64 4.83 -19.01 7.14
N GLN B 65 3.95 -19.20 8.12
CA GLN B 65 4.22 -20.10 9.23
C GLN B 65 3.72 -21.52 8.95
N ALA B 66 2.54 -21.64 8.33
CA ALA B 66 2.06 -22.96 7.93
C ALA B 66 2.98 -23.61 6.90
N ARG B 67 3.76 -22.83 6.17
CA ARG B 67 4.72 -23.36 5.23
C ARG B 67 6.06 -23.68 5.88
N TYR B 68 6.40 -23.00 6.99
CA TYR B 68 7.61 -23.34 7.71
C TYR B 68 7.51 -24.72 8.33
N PHE B 69 6.45 -24.95 9.13
CA PHE B 69 6.27 -26.25 9.76
C PHE B 69 6.16 -27.39 8.75
N TYR B 70 5.74 -27.09 7.52
CA TYR B 70 5.67 -28.11 6.49
C TYR B 70 7.07 -28.58 6.11
N SER B 71 8.00 -27.66 5.90
CA SER B 71 9.32 -28.02 5.41
C SER B 71 10.13 -28.78 6.45
N THR B 72 9.95 -28.48 7.74
CA THR B 72 10.75 -29.11 8.78
C THR B 72 10.24 -30.52 9.09
N GLY B 73 8.99 -30.61 9.54
CA GLY B 73 8.41 -31.87 9.94
C GLY B 73 8.27 -32.07 11.42
N GLN B 74 8.05 -31.01 12.19
CA GLN B 74 7.96 -31.08 13.64
C GLN B 74 6.50 -31.00 14.09
N SER B 75 6.24 -31.56 15.27
CA SER B 75 4.89 -31.60 15.81
C SER B 75 4.43 -30.18 16.17
N VAL B 76 3.20 -29.84 15.78
CA VAL B 76 2.64 -28.53 16.06
C VAL B 76 1.21 -28.69 16.56
N ARG B 77 0.75 -27.69 17.29
CA ARG B 77 -0.63 -27.58 17.73
C ARG B 77 -1.38 -26.64 16.79
N ILE B 78 -2.61 -26.99 16.45
CA ILE B 78 -3.41 -26.24 15.49
C ILE B 78 -4.75 -25.90 16.12
N HIS B 79 -5.13 -24.64 16.05
CA HIS B 79 -6.42 -24.17 16.53
C HIS B 79 -7.30 -23.83 15.33
N VAL B 80 -8.59 -24.17 15.43
CA VAL B 80 -9.53 -23.98 14.34
C VAL B 80 -10.85 -23.51 14.91
N GLN B 81 -11.63 -22.79 14.10
CA GLN B 81 -12.99 -22.41 14.42
C GLN B 81 -13.92 -23.10 13.44
N LYS B 82 -14.68 -24.07 13.93
CA LYS B 82 -15.47 -24.93 13.07
C LYS B 82 -16.62 -24.17 12.42
N ASN B 83 -16.98 -24.61 11.21
CA ASN B 83 -18.16 -24.14 10.48
C ASN B 83 -18.10 -22.63 10.22
N ILE B 84 -17.12 -22.25 9.40
CA ILE B 84 -16.99 -20.88 8.92
C ILE B 84 -17.36 -20.76 7.44
N TRP B 85 -16.71 -21.53 6.58
CA TRP B 85 -16.93 -21.39 5.15
C TRP B 85 -18.27 -21.96 4.74
N THR B 86 -18.98 -21.23 3.86
CA THR B 86 -20.29 -21.63 3.38
C THR B 86 -20.32 -21.84 1.87
N TYR B 87 -19.16 -22.10 1.26
CA TYR B 87 -19.11 -22.30 -0.17
C TYR B 87 -19.66 -23.68 -0.54
N PRO B 88 -20.29 -23.80 -1.71
CA PRO B 88 -21.01 -25.05 -2.04
C PRO B 88 -20.11 -26.27 -2.12
N LEU B 89 -19.09 -26.23 -2.97
CA LEU B 89 -18.21 -27.37 -3.16
C LEU B 89 -16.89 -27.26 -2.41
N PHE B 90 -16.51 -26.05 -2.01
CA PHE B 90 -15.26 -25.87 -1.27
C PHE B 90 -15.32 -26.53 0.10
N VAL B 91 -16.51 -26.57 0.71
CA VAL B 91 -16.65 -27.20 2.03
C VAL B 91 -16.52 -28.70 1.92
N ASN B 92 -17.09 -29.30 0.87
CA ASN B 92 -17.11 -30.75 0.75
C ASN B 92 -15.74 -31.33 0.39
N THR B 93 -14.85 -30.53 -0.19
CA THR B 93 -13.57 -31.08 -0.64
C THR B 93 -12.51 -31.07 0.46
N PHE B 94 -12.15 -29.89 0.96
CA PHE B 94 -11.16 -29.81 2.04
C PHE B 94 -11.82 -29.96 3.41
N SER B 95 -12.59 -28.95 3.81
CA SER B 95 -13.22 -28.88 5.13
C SER B 95 -13.98 -27.57 5.29
N ALA B 96 -14.67 -27.40 6.41
CA ALA B 96 -15.37 -26.16 6.74
C ALA B 96 -14.73 -25.41 7.91
N ASN B 97 -13.55 -25.83 8.36
CA ASN B 97 -12.89 -25.22 9.50
C ASN B 97 -12.21 -23.92 9.06
N ALA B 98 -11.48 -23.29 9.97
CA ALA B 98 -10.76 -22.06 9.68
C ALA B 98 -9.50 -22.02 10.53
N LEU B 99 -8.34 -21.95 9.88
CA LEU B 99 -7.07 -21.93 10.60
C LEU B 99 -6.88 -20.60 11.32
N VAL B 100 -6.60 -20.65 12.62
CA VAL B 100 -6.48 -19.44 13.41
C VAL B 100 -5.21 -19.45 14.25
N GLY B 101 -4.29 -20.37 13.96
CA GLY B 101 -3.03 -20.38 14.69
C GLY B 101 -2.27 -21.69 14.59
N LEU B 102 -0.95 -21.61 14.67
CA LEU B 102 -0.07 -22.78 14.63
C LEU B 102 0.91 -22.68 15.79
N SER B 103 0.48 -23.14 16.96
CA SER B 103 1.34 -23.13 18.14
C SER B 103 2.37 -24.24 18.03
N SER B 104 3.65 -23.89 18.20
CA SER B 104 4.69 -24.90 18.21
C SER B 104 4.56 -25.78 19.43
N CYS B 105 5.07 -27.00 19.32
CA CYS B 105 4.95 -28.00 20.38
C CYS B 105 6.32 -28.51 20.78
N SER B 106 6.37 -29.12 21.95
CA SER B 106 7.57 -29.72 22.51
C SER B 106 7.25 -31.17 22.88
N ALA B 107 8.19 -31.80 23.61
CA ALA B 107 8.00 -33.19 24.01
C ALA B 107 6.78 -33.37 24.89
N THR B 108 6.74 -32.65 26.02
CA THR B 108 5.65 -32.80 26.98
C THR B 108 4.54 -31.78 26.75
N GLN B 109 4.86 -30.50 26.84
CA GLN B 109 3.87 -29.44 26.75
C GLN B 109 4.03 -28.65 25.46
N CYS B 110 2.94 -28.04 25.03
CA CYS B 110 2.92 -27.19 23.85
C CYS B 110 2.76 -25.74 24.26
N PHE B 111 3.48 -24.85 23.57
CA PHE B 111 3.44 -23.42 23.88
C PHE B 111 2.26 -22.80 23.15
N GLY B 112 1.23 -22.44 23.89
CA GLY B 112 0.06 -21.84 23.31
C GLY B 112 -1.15 -21.97 24.21
N PRO B 113 -2.26 -21.35 23.82
CA PRO B 113 -3.48 -21.43 24.63
C PRO B 113 -4.11 -22.81 24.55
N LYS B 114 -5.07 -23.03 25.42
CA LYS B 114 -5.82 -24.29 25.45
C LYS B 114 -7.11 -24.14 26.25
N GLU C 1 21.05 10.25 -4.39
CA GLU C 1 22.51 10.24 -4.46
C GLU C 1 23.05 8.82 -4.58
N TRP C 2 24.07 8.64 -5.41
CA TRP C 2 24.59 7.31 -5.67
C TRP C 2 25.26 6.74 -4.43
N THR C 3 25.42 5.42 -4.43
CA THR C 3 26.07 4.73 -3.31
C THR C 3 27.57 4.98 -3.30
N GLY C 4 28.25 4.63 -4.39
CA GLY C 4 29.69 4.75 -4.43
C GLY C 4 30.21 6.06 -4.99
N ASP C 5 29.84 7.17 -4.33
CA ASP C 5 30.38 8.47 -4.69
C ASP C 5 31.78 8.59 -4.10
N ASN C 6 32.36 9.79 -4.18
CA ASN C 6 33.66 10.05 -3.58
C ASN C 6 33.56 10.42 -2.11
N THR C 7 32.35 10.60 -1.58
CA THR C 7 32.15 10.98 -0.19
C THR C 7 31.71 9.82 0.69
N ASN C 8 31.42 8.66 0.13
CA ASN C 8 31.01 7.48 0.89
C ASN C 8 32.18 6.53 0.97
N ALA C 9 32.73 6.34 2.17
CA ALA C 9 33.84 5.43 2.36
C ALA C 9 33.36 3.98 2.30
N TYR C 10 34.25 3.09 1.91
CA TYR C 10 33.93 1.67 1.79
C TYR C 10 34.99 0.85 2.50
N TYR C 11 34.66 -0.41 2.75
CA TYR C 11 35.57 -1.35 3.41
C TYR C 11 35.48 -2.70 2.70
N SER C 12 36.62 -3.21 2.26
CA SER C 12 36.68 -4.41 1.45
C SER C 12 37.05 -5.62 2.28
N ASP C 13 36.61 -6.79 1.81
CA ASP C 13 36.93 -8.08 2.42
C ASP C 13 36.51 -8.13 3.89
N GLU C 14 35.21 -7.94 4.12
CA GLU C 14 34.65 -7.92 5.45
C GLU C 14 33.58 -8.99 5.59
N VAL C 15 33.56 -9.66 6.74
CA VAL C 15 32.62 -10.73 7.04
C VAL C 15 31.64 -10.22 8.08
N ILE C 16 30.35 -10.22 7.75
CA ILE C 16 29.33 -9.80 8.70
C ILE C 16 29.31 -10.77 9.87
N SER C 17 29.41 -10.22 11.08
CA SER C 17 29.58 -11.05 12.28
C SER C 17 28.42 -10.96 13.26
N GLU C 18 27.64 -9.87 13.24
CA GLU C 18 26.51 -9.73 14.14
C GLU C 18 25.38 -9.01 13.42
N LEU C 19 24.23 -8.96 14.07
CA LEU C 19 23.06 -8.29 13.50
C LEU C 19 22.05 -8.04 14.62
N HIS C 20 21.64 -6.79 14.76
CA HIS C 20 20.67 -6.37 15.77
C HIS C 20 19.49 -5.71 15.10
N VAL C 21 18.28 -6.07 15.52
CA VAL C 21 17.06 -5.53 14.97
C VAL C 21 16.28 -4.88 16.11
N GLY C 22 15.65 -3.74 15.82
CA GLY C 22 14.88 -3.06 16.84
C GLY C 22 14.04 -1.91 16.31
N GLN C 23 13.80 -0.91 17.15
CA GLN C 23 13.00 0.25 16.77
C GLN C 23 13.54 1.48 17.48
N ILE C 24 13.59 2.60 16.77
CA ILE C 24 13.96 3.88 17.36
C ILE C 24 13.21 4.98 16.64
N ASP C 25 12.60 5.88 17.40
CA ASP C 25 11.89 7.04 16.86
C ASP C 25 10.77 6.60 15.91
N THR C 26 9.99 5.62 16.35
CA THR C 26 8.85 5.10 15.59
C THR C 26 9.26 4.66 14.19
N SER C 27 10.38 3.94 14.11
CA SER C 27 10.87 3.43 12.84
C SER C 27 11.81 2.26 13.08
N PRO C 28 11.57 1.11 12.46
CA PRO C 28 12.48 -0.03 12.66
C PRO C 28 13.84 0.25 12.06
N TYR C 29 14.87 -0.35 12.66
CA TYR C 29 16.24 -0.17 12.22
C TYR C 29 16.98 -1.49 12.37
N PHE C 30 18.23 -1.51 11.90
CA PHE C 30 19.07 -2.68 12.08
C PHE C 30 20.52 -2.25 11.95
N CYS C 31 21.39 -2.87 12.74
CA CYS C 31 22.81 -2.57 12.74
C CYS C 31 23.62 -3.85 12.63
N ILE C 32 24.69 -3.79 11.84
CA ILE C 32 25.56 -4.94 11.66
C ILE C 32 26.93 -4.61 12.26
N LYS C 33 27.83 -5.58 12.25
CA LYS C 33 29.19 -5.37 12.73
C LYS C 33 30.08 -6.40 12.06
N THR C 34 31.06 -5.93 11.28
CA THR C 34 31.84 -6.79 10.41
C THR C 34 33.31 -6.75 10.81
N VAL C 35 33.85 -7.90 11.14
CA VAL C 35 35.28 -8.08 11.38
C VAL C 35 35.91 -8.58 10.09
N LYS C 36 37.13 -8.14 9.81
CA LYS C 36 37.81 -8.54 8.58
C LYS C 36 37.96 -10.05 8.50
N ALA C 37 38.07 -10.56 7.27
CA ALA C 37 38.14 -11.99 7.06
C ALA C 37 39.37 -12.59 7.71
N ASN C 38 40.53 -11.96 7.54
CA ASN C 38 41.78 -12.49 8.07
C ASN C 38 41.98 -12.16 9.55
N GLY C 39 40.94 -11.75 10.27
CA GLY C 39 41.01 -11.49 11.69
C GLY C 39 41.57 -10.13 12.07
N SER C 40 42.37 -9.52 11.20
CA SER C 40 42.97 -8.23 11.50
C SER C 40 41.91 -7.13 11.39
N GLY C 41 42.36 -5.88 11.55
CA GLY C 41 41.49 -4.74 11.40
C GLY C 41 40.46 -4.59 12.51
N THR C 42 39.86 -3.41 12.59
CA THR C 42 38.85 -3.10 13.59
C THR C 42 37.45 -3.31 13.02
N PRO C 43 36.48 -3.64 13.86
CA PRO C 43 35.11 -3.79 13.37
C PRO C 43 34.56 -2.46 12.86
N VAL C 44 33.61 -2.55 11.94
CA VAL C 44 33.00 -1.38 11.31
C VAL C 44 31.49 -1.51 11.48
N VAL C 45 30.94 -0.90 12.51
CA VAL C 45 29.50 -0.91 12.73
C VAL C 45 28.84 0.10 11.81
N ALA C 46 27.68 -0.25 11.27
CA ALA C 46 26.99 0.62 10.32
C ALA C 46 25.50 0.29 10.38
N CYS C 47 24.71 1.21 10.94
CA CYS C 47 23.28 1.01 11.09
C CYS C 47 22.53 1.42 9.83
N ALA C 48 21.21 1.29 9.87
CA ALA C 48 20.34 1.75 8.79
C ALA C 48 18.93 1.88 9.36
N VAL C 49 18.44 3.11 9.42
CA VAL C 49 17.14 3.41 10.01
C VAL C 49 16.15 3.70 8.89
N SER C 50 14.96 3.12 8.98
CA SER C 50 13.92 3.38 8.00
C SER C 50 13.32 4.76 8.22
N LYS C 51 12.79 5.33 7.13
CA LYS C 51 12.07 6.61 7.13
C LYS C 51 12.78 7.69 7.95
N GLN C 52 14.10 7.75 7.82
CA GLN C 52 14.87 8.79 8.50
C GLN C 52 15.66 9.68 7.55
N SER C 53 16.42 9.11 6.64
CA SER C 53 17.31 9.87 5.77
C SER C 53 16.93 9.66 4.31
N ILE C 54 17.79 10.13 3.41
CA ILE C 54 17.63 9.84 1.99
C ILE C 54 17.82 8.35 1.71
N TRP C 55 18.56 7.66 2.58
CA TRP C 55 18.77 6.22 2.44
C TRP C 55 17.61 5.40 2.98
N ALA C 56 16.43 6.01 3.11
CA ALA C 56 15.26 5.25 3.59
C ALA C 56 14.72 4.29 2.53
N PRO C 57 14.50 4.69 1.27
CA PRO C 57 13.92 3.75 0.31
C PRO C 57 14.73 2.48 0.09
N SER C 58 16.02 2.49 0.40
CA SER C 58 16.85 1.30 0.25
C SER C 58 16.94 0.48 1.52
N PHE C 59 15.93 0.57 2.40
CA PHE C 59 15.98 -0.17 3.65
C PHE C 59 15.69 -1.65 3.45
N LYS C 60 14.50 -1.97 2.95
CA LYS C 60 14.10 -3.37 2.84
C LYS C 60 14.96 -4.11 1.83
N GLU C 61 15.35 -3.45 0.74
CA GLU C 61 16.22 -4.08 -0.25
C GLU C 61 17.60 -4.40 0.30
N LEU C 62 17.96 -3.83 1.46
CA LEU C 62 19.24 -4.09 2.10
C LEU C 62 19.13 -5.07 3.27
N LEU C 63 18.06 -4.97 4.05
CA LEU C 63 17.89 -5.87 5.20
C LEU C 63 17.84 -7.32 4.75
N ASP C 64 17.17 -7.60 3.63
CA ASP C 64 17.15 -8.95 3.11
C ASP C 64 18.50 -9.39 2.59
N GLN C 65 19.37 -8.44 2.23
CA GLN C 65 20.71 -8.79 1.76
C GLN C 65 21.71 -8.90 2.91
N ALA C 66 21.53 -8.12 3.98
CA ALA C 66 22.40 -8.27 5.14
C ALA C 66 22.18 -9.60 5.84
N ARG C 67 20.97 -10.15 5.75
CA ARG C 67 20.72 -11.47 6.32
C ARG C 67 21.38 -12.56 5.50
N TYR C 68 21.40 -12.39 4.17
CA TYR C 68 22.01 -13.41 3.31
C TYR C 68 23.51 -13.54 3.60
N PHE C 69 24.25 -12.44 3.49
CA PHE C 69 25.68 -12.47 3.75
C PHE C 69 25.99 -12.91 5.18
N TYR C 70 25.04 -12.75 6.10
CA TYR C 70 25.24 -13.22 7.47
C TYR C 70 25.15 -14.74 7.54
N SER C 71 24.14 -15.32 6.90
CA SER C 71 23.91 -16.75 7.02
C SER C 71 25.01 -17.57 6.34
N THR C 72 25.57 -17.07 5.25
CA THR C 72 26.57 -17.85 4.52
C THR C 72 27.94 -17.76 5.17
N GLY C 73 28.49 -16.55 5.26
CA GLY C 73 29.80 -16.36 5.85
C GLY C 73 30.85 -16.00 4.82
N GLN C 74 30.42 -15.37 3.73
CA GLN C 74 31.31 -14.99 2.64
C GLN C 74 31.74 -13.53 2.79
N SER C 75 32.95 -13.24 2.33
CA SER C 75 33.50 -11.90 2.44
C SER C 75 32.78 -10.95 1.50
N VAL C 76 32.43 -9.77 2.00
CA VAL C 76 31.70 -8.77 1.23
C VAL C 76 32.33 -7.41 1.43
N ARG C 77 32.07 -6.52 0.48
CA ARG C 77 32.46 -5.12 0.57
C ARG C 77 31.27 -4.31 1.06
N ILE C 78 31.53 -3.32 1.91
CA ILE C 78 30.48 -2.54 2.55
C ILE C 78 30.74 -1.06 2.31
N HIS C 79 29.71 -0.35 1.87
CA HIS C 79 29.78 1.08 1.64
C HIS C 79 28.99 1.80 2.72
N VAL C 80 29.55 2.90 3.25
CA VAL C 80 28.94 3.64 4.34
C VAL C 80 29.09 5.13 4.08
N GLN C 81 28.19 5.91 4.68
CA GLN C 81 28.27 7.36 4.70
C GLN C 81 28.40 7.81 6.14
N LYS C 82 29.55 8.40 6.47
CA LYS C 82 29.88 8.68 7.86
C LYS C 82 29.08 9.87 8.39
N ASN C 83 28.79 9.82 9.70
CA ASN C 83 28.19 10.92 10.44
C ASN C 83 26.82 11.32 9.87
N ILE C 84 25.88 10.39 9.99
CA ILE C 84 24.48 10.63 9.64
C ILE C 84 23.61 10.73 10.89
N TRP C 85 23.59 9.68 11.71
CA TRP C 85 22.67 9.64 12.84
C TRP C 85 23.08 10.65 13.91
N THR C 86 22.12 11.44 14.37
CA THR C 86 22.34 12.45 15.40
C THR C 86 21.62 12.12 16.70
N TYR C 87 21.27 10.86 16.91
CA TYR C 87 20.56 10.47 18.12
C TYR C 87 21.51 10.52 19.31
N PRO C 88 21.01 10.91 20.50
CA PRO C 88 21.92 11.22 21.62
C PRO C 88 22.80 10.05 22.06
N LEU C 89 22.18 8.95 22.46
CA LEU C 89 22.92 7.80 22.97
C LEU C 89 22.88 6.60 22.03
N PHE C 90 22.29 6.75 20.85
CA PHE C 90 22.28 5.67 19.87
C PHE C 90 23.60 5.61 19.10
N VAL C 91 24.19 6.76 18.81
CA VAL C 91 25.48 6.80 18.10
C VAL C 91 26.64 6.35 18.95
N ASN C 92 26.46 6.28 20.27
CA ASN C 92 27.52 5.86 21.16
C ASN C 92 27.61 4.35 21.32
N THR C 93 26.51 3.63 21.09
CA THR C 93 26.52 2.17 21.24
C THR C 93 26.97 1.48 19.95
N PHE C 94 26.23 1.66 18.86
CA PHE C 94 26.57 0.99 17.61
C PHE C 94 27.60 1.78 16.81
N SER C 95 27.18 2.92 16.26
CA SER C 95 28.01 3.75 15.38
C SER C 95 27.21 4.94 14.87
N ALA C 96 27.86 5.83 14.12
CA ALA C 96 27.20 6.95 13.49
C ALA C 96 27.19 6.85 11.96
N ASN C 97 27.53 5.69 11.40
CA ASN C 97 27.60 5.52 9.96
C ASN C 97 26.21 5.25 9.40
N ALA C 98 26.13 4.86 8.12
CA ALA C 98 24.87 4.52 7.49
C ALA C 98 25.13 3.55 6.36
N LEU C 99 24.56 2.35 6.45
CA LEU C 99 24.79 1.34 5.44
C LEU C 99 24.11 1.75 4.13
N VAL C 100 24.88 1.72 3.04
CA VAL C 100 24.36 2.12 1.73
C VAL C 100 24.67 1.11 0.64
N GLY C 101 25.33 0.00 0.95
CA GLY C 101 25.65 -0.98 -0.08
C GLY C 101 26.22 -2.24 0.53
N LEU C 102 26.06 -3.34 -0.21
CA LEU C 102 26.58 -4.64 0.19
C LEU C 102 27.02 -5.36 -1.08
N SER C 103 28.28 -5.18 -1.46
CA SER C 103 28.81 -5.77 -2.68
C SER C 103 29.48 -7.11 -2.36
N SER C 104 29.15 -8.13 -3.14
CA SER C 104 29.74 -9.45 -2.97
C SER C 104 30.99 -9.60 -3.82
N CYS C 105 31.98 -10.31 -3.28
CA CYS C 105 33.24 -10.48 -3.99
C CYS C 105 34.05 -11.57 -3.32
N SER C 106 34.65 -12.45 -4.13
CA SER C 106 35.40 -13.59 -3.62
C SER C 106 36.90 -13.31 -3.53
N ALA C 107 37.56 -13.10 -4.66
CA ALA C 107 39.01 -12.95 -4.68
C ALA C 107 39.49 -11.65 -5.30
N THR C 108 38.99 -11.30 -6.49
CA THR C 108 39.49 -10.16 -7.23
C THR C 108 38.88 -8.87 -6.67
N GLN C 109 39.04 -7.77 -7.40
CA GLN C 109 38.38 -6.52 -7.02
C GLN C 109 36.88 -6.76 -6.92
N CYS C 110 36.26 -6.11 -5.93
CA CYS C 110 34.88 -6.43 -5.62
C CYS C 110 33.94 -5.80 -6.62
N PHE C 111 32.85 -6.52 -6.93
CA PHE C 111 31.88 -6.04 -7.90
C PHE C 111 31.11 -4.88 -7.27
N GLY C 112 31.49 -3.67 -7.63
CA GLY C 112 30.87 -2.48 -7.10
C GLY C 112 31.76 -1.28 -7.25
N PRO C 113 31.24 -0.11 -6.90
CA PRO C 113 32.03 1.13 -7.02
C PRO C 113 33.19 1.14 -6.03
N LYS C 114 34.09 2.09 -6.25
CA LYS C 114 35.24 2.29 -5.36
C LYS C 114 35.85 3.67 -5.58
N GLU D 1 5.94 -3.88 -23.23
CA GLU D 1 7.03 -4.48 -23.99
C GLU D 1 7.38 -5.85 -23.42
N TRP D 2 7.33 -6.87 -24.27
CA TRP D 2 7.65 -8.22 -23.83
C TRP D 2 9.14 -8.35 -23.53
N THR D 3 9.48 -9.41 -22.79
CA THR D 3 10.87 -9.66 -22.46
C THR D 3 11.66 -10.16 -23.67
N GLY D 4 11.24 -11.29 -24.23
CA GLY D 4 11.97 -11.89 -25.32
C GLY D 4 11.56 -11.40 -26.70
N ASP D 5 11.61 -10.10 -26.91
CA ASP D 5 11.33 -9.52 -28.22
C ASP D 5 12.57 -9.68 -29.10
N ASN D 6 12.56 -9.06 -30.27
CA ASN D 6 13.70 -9.11 -31.17
C ASN D 6 14.73 -8.02 -30.87
N THR D 7 14.40 -7.05 -30.03
CA THR D 7 15.29 -5.96 -29.70
C THR D 7 16.03 -6.17 -28.38
N ASN D 8 15.72 -7.22 -27.63
CA ASN D 8 16.37 -7.53 -26.37
C ASN D 8 17.31 -8.71 -26.59
N ALA D 9 18.60 -8.49 -26.36
CA ALA D 9 19.58 -9.55 -26.51
C ALA D 9 19.55 -10.47 -25.29
N TYR D 10 19.94 -11.72 -25.52
CA TYR D 10 19.96 -12.72 -24.46
C TYR D 10 21.27 -13.48 -24.49
N TYR D 11 21.70 -13.93 -23.32
CA TYR D 11 22.93 -14.71 -23.17
C TYR D 11 22.59 -16.03 -22.49
N SER D 12 23.02 -17.14 -23.09
CA SER D 12 22.66 -18.46 -22.63
C SER D 12 23.79 -19.06 -21.80
N ASP D 13 23.41 -20.03 -20.95
CA ASP D 13 24.35 -20.81 -20.14
C ASP D 13 25.14 -19.92 -19.18
N GLU D 14 24.57 -18.79 -18.77
CA GLU D 14 25.25 -17.91 -17.83
C GLU D 14 25.08 -18.41 -16.41
N VAL D 15 26.06 -18.10 -15.57
CA VAL D 15 26.08 -18.49 -14.16
C VAL D 15 26.30 -17.22 -13.35
N ILE D 16 25.30 -16.84 -12.55
CA ILE D 16 25.42 -15.63 -11.76
C ILE D 16 26.55 -15.78 -10.75
N SER D 17 27.46 -14.81 -10.73
CA SER D 17 28.66 -14.91 -9.92
C SER D 17 28.79 -13.83 -8.86
N GLU D 18 28.21 -12.66 -9.07
CA GLU D 18 28.27 -11.58 -8.09
C GLU D 18 26.89 -10.96 -7.94
N LEU D 19 26.76 -10.06 -6.95
CA LEU D 19 25.51 -9.36 -6.72
C LEU D 19 25.79 -8.16 -5.83
N HIS D 20 25.38 -6.98 -6.28
CA HIS D 20 25.58 -5.74 -5.55
C HIS D 20 24.24 -5.07 -5.35
N VAL D 21 23.98 -4.61 -4.13
CA VAL D 21 22.72 -3.94 -3.78
C VAL D 21 23.05 -2.56 -3.25
N GLY D 22 22.26 -1.57 -3.64
CA GLY D 22 22.50 -0.21 -3.19
C GLY D 22 21.35 0.73 -3.48
N GLN D 23 21.67 1.99 -3.74
CA GLN D 23 20.64 3.00 -4.02
C GLN D 23 21.23 4.05 -4.93
N ILE D 24 20.45 4.50 -5.91
CA ILE D 24 20.84 5.59 -6.79
C ILE D 24 19.59 6.37 -7.18
N ASP D 25 19.68 7.69 -7.09
CA ASP D 25 18.58 8.59 -7.49
C ASP D 25 17.31 8.30 -6.69
N THR D 26 17.48 8.16 -5.37
CA THR D 26 16.36 7.93 -4.45
C THR D 26 15.53 6.71 -4.86
N SER D 27 16.21 5.65 -5.29
CA SER D 27 15.54 4.42 -5.69
C SER D 27 16.52 3.26 -5.64
N PRO D 28 16.21 2.19 -4.90
CA PRO D 28 17.14 1.07 -4.80
C PRO D 28 17.38 0.40 -6.14
N TYR D 29 18.53 -0.25 -6.26
CA TYR D 29 18.89 -0.95 -7.48
C TYR D 29 19.70 -2.19 -7.10
N PHE D 30 20.02 -3.00 -8.10
CA PHE D 30 20.88 -4.15 -7.90
C PHE D 30 21.49 -4.55 -9.23
N CYS D 31 22.73 -5.02 -9.18
CA CYS D 31 23.46 -5.42 -10.38
C CYS D 31 24.06 -6.79 -10.17
N ILE D 32 24.11 -7.57 -11.24
CA ILE D 32 24.69 -8.90 -11.20
C ILE D 32 25.86 -8.97 -12.18
N LYS D 33 26.53 -10.11 -12.23
CA LYS D 33 27.64 -10.30 -13.17
C LYS D 33 27.80 -11.80 -13.38
N THR D 34 27.62 -12.25 -14.61
CA THR D 34 27.54 -13.67 -14.92
C THR D 34 28.69 -14.08 -15.82
N VAL D 35 29.49 -15.03 -15.35
CA VAL D 35 30.52 -15.66 -16.16
C VAL D 35 29.95 -16.97 -16.69
N LYS D 36 30.31 -17.32 -17.92
CA LYS D 36 29.79 -18.54 -18.54
C LYS D 36 30.15 -19.77 -17.71
N ALA D 37 29.35 -20.82 -17.86
CA ALA D 37 29.54 -22.02 -17.07
C ALA D 37 30.89 -22.67 -17.36
N ASN D 38 31.24 -22.79 -18.64
CA ASN D 38 32.48 -23.44 -19.04
C ASN D 38 33.71 -22.53 -18.93
N GLY D 39 33.59 -21.40 -18.24
CA GLY D 39 34.72 -20.52 -17.99
C GLY D 39 35.03 -19.54 -19.12
N SER D 40 34.71 -19.91 -20.35
CA SER D 40 35.00 -19.05 -21.49
C SER D 40 34.05 -17.85 -21.50
N GLY D 41 34.20 -17.00 -22.52
CA GLY D 41 33.31 -15.87 -22.69
C GLY D 41 33.55 -14.75 -21.70
N THR D 42 33.16 -13.54 -22.07
CA THR D 42 33.30 -12.37 -21.23
C THR D 42 32.10 -12.24 -20.29
N PRO D 43 32.28 -11.65 -19.12
CA PRO D 43 31.15 -11.44 -18.21
C PRO D 43 30.12 -10.50 -18.81
N VAL D 44 28.90 -10.60 -18.30
CA VAL D 44 27.77 -9.80 -18.77
C VAL D 44 27.12 -9.16 -17.55
N VAL D 45 27.35 -7.87 -17.38
CA VAL D 45 26.78 -7.12 -16.26
C VAL D 45 25.46 -6.53 -16.69
N ALA D 46 24.46 -6.57 -15.80
CA ALA D 46 23.13 -6.08 -16.12
C ALA D 46 22.44 -5.68 -14.83
N CYS D 47 22.15 -4.39 -14.69
CA CYS D 47 21.55 -3.84 -13.49
C CYS D 47 20.03 -3.79 -13.62
N ALA D 48 19.38 -3.24 -12.59
CA ALA D 48 17.94 -3.04 -12.60
C ALA D 48 17.59 -2.04 -11.51
N VAL D 49 16.99 -0.93 -11.88
CA VAL D 49 16.64 0.13 -10.95
C VAL D 49 15.16 0.01 -10.60
N SER D 50 14.82 0.37 -9.37
CA SER D 50 13.46 0.18 -8.88
C SER D 50 12.46 0.97 -9.71
N LYS D 51 12.58 2.30 -9.70
CA LYS D 51 11.63 3.17 -10.40
C LYS D 51 12.40 4.16 -11.27
N GLN D 52 12.81 3.71 -12.45
CA GLN D 52 13.42 4.61 -13.41
C GLN D 52 12.85 4.47 -14.82
N SER D 53 12.54 3.26 -15.25
CA SER D 53 12.18 3.02 -16.65
C SER D 53 10.87 2.26 -16.78
N ILE D 54 10.57 1.78 -17.99
CA ILE D 54 9.38 0.97 -18.19
C ILE D 54 9.50 -0.41 -17.58
N TRP D 55 10.71 -0.81 -17.18
CA TRP D 55 10.93 -2.09 -16.49
C TRP D 55 10.86 -1.94 -14.97
N ALA D 56 10.10 -0.96 -14.48
CA ALA D 56 9.98 -0.79 -13.03
C ALA D 56 9.15 -1.88 -12.39
N PRO D 57 7.93 -2.21 -12.85
CA PRO D 57 7.08 -3.15 -12.11
C PRO D 57 7.66 -4.55 -11.96
N SER D 58 8.70 -4.90 -12.71
CA SER D 58 9.31 -6.22 -12.62
C SER D 58 10.56 -6.24 -11.76
N PHE D 59 10.70 -5.27 -10.85
CA PHE D 59 11.90 -5.20 -10.01
C PHE D 59 11.89 -6.28 -8.93
N LYS D 60 10.89 -6.24 -8.06
CA LYS D 60 10.88 -7.15 -6.92
C LYS D 60 10.71 -8.60 -7.38
N GLU D 61 9.90 -8.83 -8.41
CA GLU D 61 9.72 -10.18 -8.92
C GLU D 61 10.99 -10.75 -9.52
N LEU D 62 12.01 -9.92 -9.76
CA LEU D 62 13.28 -10.35 -10.30
C LEU D 62 14.37 -10.46 -9.24
N LEU D 63 14.42 -9.51 -8.31
CA LEU D 63 15.45 -9.53 -7.27
C LEU D 63 15.38 -10.80 -6.44
N ASP D 64 14.16 -11.28 -6.15
CA ASP D 64 14.01 -12.54 -5.44
C ASP D 64 14.44 -13.73 -6.28
N GLN D 65 14.43 -13.59 -7.60
CA GLN D 65 14.87 -14.67 -8.47
C GLN D 65 16.37 -14.62 -8.75
N ALA D 66 16.95 -13.42 -8.86
CA ALA D 66 18.39 -13.31 -9.04
C ALA D 66 19.14 -13.82 -7.81
N ARG D 67 18.52 -13.76 -6.63
CA ARG D 67 19.14 -14.30 -5.44
C ARG D 67 19.02 -15.82 -5.38
N TYR D 68 17.97 -16.39 -5.98
CA TYR D 68 17.84 -17.84 -6.00
C TYR D 68 18.93 -18.47 -6.86
N PHE D 69 19.04 -18.04 -8.12
CA PHE D 69 20.06 -18.58 -9.00
C PHE D 69 21.47 -18.33 -8.48
N TYR D 70 21.64 -17.31 -7.64
CA TYR D 70 22.94 -17.05 -7.03
C TYR D 70 23.27 -18.12 -5.99
N SER D 71 22.30 -18.48 -5.14
CA SER D 71 22.58 -19.38 -4.04
C SER D 71 22.86 -20.80 -4.53
N THR D 72 22.18 -21.24 -5.60
CA THR D 72 22.32 -22.61 -6.06
C THR D 72 23.58 -22.78 -6.91
N GLY D 73 23.66 -22.05 -8.01
CA GLY D 73 24.77 -22.18 -8.93
C GLY D 73 24.45 -22.89 -10.22
N GLN D 74 23.22 -22.78 -10.73
CA GLN D 74 22.79 -23.47 -11.92
C GLN D 74 22.81 -22.54 -13.12
N SER D 75 22.98 -23.14 -14.30
CA SER D 75 23.06 -22.36 -15.53
C SER D 75 21.72 -21.72 -15.84
N VAL D 76 21.73 -20.43 -16.17
CA VAL D 76 20.52 -19.68 -16.47
C VAL D 76 20.73 -18.86 -17.74
N ARG D 77 19.61 -18.56 -18.40
CA ARG D 77 19.59 -17.66 -19.53
C ARG D 77 19.15 -16.28 -19.06
N ILE D 78 19.81 -15.24 -19.56
CA ILE D 78 19.57 -13.88 -19.10
C ILE D 78 19.23 -13.01 -20.30
N HIS D 79 18.15 -12.24 -20.18
CA HIS D 79 17.71 -11.32 -21.20
C HIS D 79 18.03 -9.90 -20.76
N VAL D 80 18.49 -9.07 -21.70
CA VAL D 80 18.88 -7.70 -21.39
C VAL D 80 18.42 -6.78 -22.52
N GLN D 81 18.16 -5.53 -22.18
CA GLN D 81 17.89 -4.48 -23.16
C GLN D 81 19.01 -3.46 -23.08
N LYS D 82 19.82 -3.38 -24.12
CA LYS D 82 21.05 -2.61 -24.06
C LYS D 82 20.77 -1.11 -24.08
N ASN D 83 21.66 -0.35 -23.42
CA ASN D 83 21.66 1.11 -23.44
C ASN D 83 20.34 1.69 -22.92
N ILE D 84 20.10 1.45 -21.63
CA ILE D 84 18.96 2.02 -20.93
C ILE D 84 19.38 3.11 -19.96
N TRP D 85 20.37 2.83 -19.11
CA TRP D 85 20.77 3.78 -18.07
C TRP D 85 21.64 4.89 -18.65
N THR D 86 21.41 6.11 -18.16
CA THR D 86 22.10 7.30 -18.63
C THR D 86 22.84 8.02 -17.52
N TYR D 87 23.12 7.33 -16.41
CA TYR D 87 23.80 7.98 -15.30
C TYR D 87 25.29 8.13 -15.60
N PRO D 88 25.91 9.20 -15.08
CA PRO D 88 27.29 9.52 -15.50
C PRO D 88 28.31 8.45 -15.14
N LEU D 89 28.40 8.08 -13.86
CA LEU D 89 29.38 7.11 -13.41
C LEU D 89 28.80 5.72 -13.22
N PHE D 90 27.49 5.60 -13.07
CA PHE D 90 26.86 4.30 -12.89
C PHE D 90 27.01 3.43 -14.14
N VAL D 91 27.01 4.05 -15.32
CA VAL D 91 27.15 3.29 -16.56
C VAL D 91 28.55 2.72 -16.69
N ASN D 92 29.57 3.50 -16.30
CA ASN D 92 30.95 3.08 -16.49
C ASN D 92 31.37 2.01 -15.49
N THR D 93 30.72 1.93 -14.33
CA THR D 93 31.17 0.99 -13.30
C THR D 93 30.63 -0.42 -13.57
N PHE D 94 29.31 -0.59 -13.53
CA PHE D 94 28.73 -1.92 -13.78
C PHE D 94 28.51 -2.16 -15.27
N SER D 95 27.55 -1.43 -15.86
CA SER D 95 27.14 -1.60 -17.25
C SER D 95 25.99 -0.66 -17.57
N ALA D 96 25.57 -0.66 -18.84
CA ALA D 96 24.42 0.14 -19.28
C ALA D 96 23.24 -0.72 -19.70
N ASN D 97 23.25 -2.01 -19.40
CA ASN D 97 22.18 -2.92 -19.80
C ASN D 97 21.02 -2.80 -18.82
N ALA D 98 20.04 -3.69 -18.94
CA ALA D 98 18.89 -3.70 -18.04
C ALA D 98 18.35 -5.12 -17.96
N LEU D 99 18.38 -5.71 -16.77
CA LEU D 99 17.90 -7.07 -16.60
C LEU D 99 16.39 -7.13 -16.80
N VAL D 100 15.93 -8.03 -17.67
CA VAL D 100 14.53 -8.15 -18.00
C VAL D 100 14.03 -9.58 -17.92
N GLY D 101 14.87 -10.54 -17.55
CA GLY D 101 14.43 -11.92 -17.46
C GLY D 101 15.51 -12.87 -16.97
N LEU D 102 15.10 -13.89 -16.22
CA LEU D 102 16.02 -14.91 -15.71
C LEU D 102 15.41 -16.27 -16.00
N SER D 103 15.63 -16.77 -17.21
CA SER D 103 15.08 -18.04 -17.63
C SER D 103 15.98 -19.18 -17.19
N SER D 104 15.39 -20.19 -16.57
CA SER D 104 16.17 -21.37 -16.20
C SER D 104 16.59 -22.14 -17.44
N CYS D 105 17.66 -22.91 -17.30
CA CYS D 105 18.24 -23.64 -18.42
C CYS D 105 18.43 -25.10 -18.04
N SER D 106 18.06 -25.99 -18.95
CA SER D 106 18.32 -27.42 -18.81
C SER D 106 19.66 -27.74 -19.45
N ALA D 107 19.93 -29.04 -19.65
CA ALA D 107 21.19 -29.45 -20.26
C ALA D 107 21.32 -28.92 -21.68
N THR D 108 20.39 -29.28 -22.56
CA THR D 108 20.45 -28.90 -23.96
C THR D 108 19.68 -27.61 -24.25
N GLN D 109 18.38 -27.62 -23.98
CA GLN D 109 17.52 -26.49 -24.29
C GLN D 109 17.19 -25.70 -23.03
N CYS D 110 16.90 -24.42 -23.23
CA CYS D 110 16.52 -23.52 -22.15
C CYS D 110 15.06 -23.14 -22.29
N PHE D 111 14.36 -23.02 -21.16
CA PHE D 111 12.96 -22.67 -21.15
C PHE D 111 12.83 -21.15 -21.15
N GLY D 112 12.39 -20.60 -22.27
CA GLY D 112 12.22 -19.17 -22.40
C GLY D 112 12.25 -18.73 -23.84
N PRO D 113 11.97 -17.44 -24.07
CA PRO D 113 11.98 -16.92 -25.45
C PRO D 113 13.40 -16.84 -25.99
N LYS D 114 13.47 -16.61 -27.30
CA LYS D 114 14.75 -16.44 -27.97
C LYS D 114 14.57 -15.79 -29.33
N GLU E 1 -13.74 -17.17 -9.42
CA GLU E 1 -14.10 -18.58 -9.60
C GLU E 1 -13.19 -19.48 -8.79
N TRP E 2 -13.72 -20.63 -8.39
CA TRP E 2 -12.92 -21.60 -7.66
C TRP E 2 -11.85 -22.21 -8.56
N THR E 3 -10.84 -22.82 -7.93
CA THR E 3 -9.76 -23.45 -8.66
C THR E 3 -10.21 -24.76 -9.30
N GLY E 4 -10.66 -25.71 -8.49
CA GLY E 4 -11.00 -27.02 -8.98
C GLY E 4 -12.44 -27.18 -9.42
N ASP E 5 -12.87 -26.35 -10.35
CA ASP E 5 -14.20 -26.48 -10.94
C ASP E 5 -14.17 -27.58 -12.01
N ASN E 6 -15.23 -27.65 -12.80
CA ASN E 6 -15.30 -28.62 -13.90
C ASN E 6 -14.75 -28.07 -15.21
N THR E 7 -14.44 -26.78 -15.27
CA THR E 7 -13.92 -26.16 -16.48
C THR E 7 -12.41 -25.98 -16.46
N ASN E 8 -11.76 -26.22 -15.32
CA ASN E 8 -10.31 -26.09 -15.19
C ASN E 8 -9.72 -27.49 -15.15
N ALA E 9 -8.99 -27.86 -16.20
CA ALA E 9 -8.35 -29.16 -16.23
C ALA E 9 -7.13 -29.17 -15.33
N TYR E 10 -6.79 -30.35 -14.82
CA TYR E 10 -5.66 -30.52 -13.92
C TYR E 10 -4.76 -31.63 -14.43
N TYR E 11 -3.56 -31.70 -13.84
CA TYR E 11 -2.58 -32.72 -14.19
C TYR E 11 -1.93 -33.20 -12.90
N SER E 12 -1.92 -34.52 -12.71
CA SER E 12 -1.44 -35.11 -11.47
C SER E 12 -0.02 -35.64 -11.62
N ASP E 13 0.67 -35.76 -10.48
CA ASP E 13 2.01 -36.32 -10.41
C ASP E 13 3.02 -35.52 -11.23
N GLU E 14 2.77 -34.22 -11.41
CA GLU E 14 3.68 -33.37 -12.15
C GLU E 14 4.85 -32.95 -11.27
N VAL E 15 6.00 -32.76 -11.91
CA VAL E 15 7.23 -32.34 -11.23
C VAL E 15 7.73 -31.09 -11.94
N ILE E 16 7.74 -29.96 -11.22
CA ILE E 16 8.18 -28.71 -11.81
C ILE E 16 9.65 -28.83 -12.20
N SER E 17 9.95 -28.49 -13.45
CA SER E 17 11.29 -28.68 -14.00
C SER E 17 11.99 -27.39 -14.40
N GLU E 18 11.25 -26.35 -14.79
CA GLU E 18 11.86 -25.08 -15.17
C GLU E 18 11.05 -23.94 -14.57
N LEU E 19 11.57 -22.72 -14.72
CA LEU E 19 10.89 -21.53 -14.22
C LEU E 19 11.50 -20.30 -14.90
N HIS E 20 10.66 -19.48 -15.50
CA HIS E 20 11.08 -18.28 -16.19
C HIS E 20 10.33 -17.09 -15.60
N VAL E 21 11.06 -16.00 -15.35
CA VAL E 21 10.50 -14.79 -14.77
C VAL E 21 10.79 -13.63 -15.71
N GLY E 22 9.82 -12.75 -15.90
CA GLY E 22 9.99 -11.62 -16.79
C GLY E 22 8.91 -10.57 -16.66
N GLN E 23 8.65 -9.85 -17.75
CA GLN E 23 7.63 -8.80 -17.76
C GLN E 23 6.99 -8.76 -19.13
N ILE E 24 5.68 -8.55 -19.16
CA ILE E 24 4.94 -8.37 -20.41
C ILE E 24 3.76 -7.46 -20.14
N ASP E 25 3.58 -6.46 -20.98
CA ASP E 25 2.46 -5.50 -20.89
C ASP E 25 2.46 -4.78 -19.54
N THR E 26 3.63 -4.26 -19.17
CA THR E 26 3.79 -3.47 -17.95
C THR E 26 3.29 -4.22 -16.72
N SER E 27 3.59 -5.51 -16.66
CA SER E 27 3.18 -6.35 -15.54
C SER E 27 4.03 -7.61 -15.49
N PRO E 28 4.64 -7.92 -14.35
CA PRO E 28 5.49 -9.11 -14.28
C PRO E 28 4.68 -10.39 -14.46
N TYR E 29 5.38 -11.44 -14.87
CA TYR E 29 4.76 -12.74 -15.09
C TYR E 29 5.78 -13.82 -14.75
N PHE E 30 5.33 -15.08 -14.82
CA PHE E 30 6.23 -16.20 -14.62
C PHE E 30 5.59 -17.44 -15.23
N CYS E 31 6.42 -18.31 -15.79
CA CYS E 31 5.96 -19.52 -16.44
C CYS E 31 6.76 -20.71 -15.95
N ILE E 32 6.06 -21.81 -15.70
CA ILE E 32 6.67 -23.05 -15.27
C ILE E 32 6.52 -24.07 -16.39
N LYS E 33 7.16 -25.23 -16.21
CA LYS E 33 7.04 -26.33 -17.16
C LYS E 33 7.33 -27.61 -16.41
N THR E 34 6.37 -28.53 -16.40
CA THR E 34 6.41 -29.70 -15.55
C THR E 34 6.41 -30.97 -16.40
N VAL E 35 7.42 -31.80 -16.21
CA VAL E 35 7.47 -33.13 -16.80
C VAL E 35 7.03 -34.13 -15.74
N LYS E 36 6.33 -35.18 -16.17
CA LYS E 36 5.82 -36.17 -15.23
C LYS E 36 6.96 -36.81 -14.44
N ALA E 37 6.61 -37.33 -13.26
CA ALA E 37 7.62 -37.91 -12.37
C ALA E 37 8.28 -39.12 -13.01
N ASN E 38 7.49 -40.02 -13.59
CA ASN E 38 8.02 -41.24 -14.18
C ASN E 38 8.57 -41.04 -15.58
N GLY E 39 8.81 -39.79 -16.01
CA GLY E 39 9.42 -39.51 -17.28
C GLY E 39 8.47 -39.52 -18.47
N SER E 40 7.38 -40.28 -18.39
CA SER E 40 6.44 -40.37 -19.49
C SER E 40 5.64 -39.08 -19.61
N GLY E 41 4.72 -39.05 -20.57
CA GLY E 41 3.84 -37.92 -20.74
C GLY E 41 4.53 -36.69 -21.31
N THR E 42 3.75 -35.77 -21.86
CA THR E 42 4.24 -34.54 -22.42
C THR E 42 4.29 -33.44 -21.36
N PRO E 43 5.20 -32.48 -21.50
CA PRO E 43 5.25 -31.37 -20.54
C PRO E 43 3.98 -30.53 -20.60
N VAL E 44 3.73 -29.81 -19.52
CA VAL E 44 2.54 -28.96 -19.38
C VAL E 44 3.02 -27.59 -18.93
N VAL E 45 3.05 -26.64 -19.85
CA VAL E 45 3.47 -25.29 -19.56
C VAL E 45 2.26 -24.46 -19.15
N ALA E 46 2.43 -23.62 -18.13
CA ALA E 46 1.33 -22.81 -17.62
C ALA E 46 1.91 -21.55 -17.00
N CYS E 47 1.50 -20.40 -17.50
CA CYS E 47 2.01 -19.11 -17.04
C CYS E 47 1.04 -18.47 -16.05
N ALA E 48 1.40 -17.27 -15.61
CA ALA E 48 0.55 -16.48 -14.72
C ALA E 48 1.03 -15.04 -14.76
N VAL E 49 0.16 -14.15 -15.17
CA VAL E 49 0.48 -12.73 -15.29
C VAL E 49 -0.03 -12.01 -14.06
N SER E 50 0.69 -10.96 -13.65
CA SER E 50 0.36 -10.26 -12.41
C SER E 50 -1.04 -9.66 -12.46
N LYS E 51 -1.26 -8.73 -13.39
CA LYS E 51 -2.54 -8.01 -13.49
C LYS E 51 -3.03 -8.09 -14.93
N GLN E 52 -3.64 -9.21 -15.30
CA GLN E 52 -4.25 -9.30 -16.62
C GLN E 52 -5.67 -9.85 -16.59
N SER E 53 -5.95 -10.82 -15.73
CA SER E 53 -7.23 -11.52 -15.77
C SER E 53 -7.87 -11.61 -14.39
N ILE E 54 -8.92 -12.43 -14.27
CA ILE E 54 -9.56 -12.64 -12.98
C ILE E 54 -8.69 -13.41 -12.01
N TRP E 55 -7.61 -14.03 -12.49
CA TRP E 55 -6.65 -14.74 -11.65
C TRP E 55 -5.51 -13.83 -11.20
N ALA E 56 -5.75 -12.51 -11.11
CA ALA E 56 -4.70 -11.60 -10.67
C ALA E 56 -4.40 -11.72 -9.18
N PRO E 57 -5.38 -11.64 -8.27
CA PRO E 57 -5.04 -11.57 -6.84
C PRO E 57 -4.29 -12.78 -6.30
N SER E 58 -4.25 -13.89 -7.04
CA SER E 58 -3.54 -15.08 -6.60
C SER E 58 -2.14 -15.19 -7.19
N PHE E 59 -1.52 -14.06 -7.53
CA PHE E 59 -0.19 -14.10 -8.14
C PHE E 59 0.88 -14.41 -7.10
N LYS E 60 1.04 -13.54 -6.10
CA LYS E 60 2.13 -13.70 -5.14
C LYS E 60 1.96 -14.95 -4.29
N GLU E 61 0.72 -15.34 -4.00
CA GLU E 61 0.49 -16.56 -3.24
C GLU E 61 0.89 -17.81 -4.01
N LEU E 62 1.02 -17.70 -5.33
CA LEU E 62 1.42 -18.82 -6.18
C LEU E 62 2.90 -18.78 -6.54
N LEU E 63 3.44 -17.60 -6.84
CA LEU E 63 4.84 -17.49 -7.23
C LEU E 63 5.75 -18.00 -6.10
N ASP E 64 5.42 -17.69 -4.85
CA ASP E 64 6.19 -18.21 -3.73
C ASP E 64 6.00 -19.71 -3.56
N GLN E 65 4.88 -20.26 -4.01
CA GLN E 65 4.64 -21.69 -3.91
C GLN E 65 5.19 -22.47 -5.10
N ALA E 66 5.04 -21.92 -6.31
CA ALA E 66 5.64 -22.56 -7.48
C ALA E 66 7.15 -22.57 -7.40
N ARG E 67 7.73 -21.64 -6.65
CA ARG E 67 9.18 -21.62 -6.44
C ARG E 67 9.60 -22.57 -5.34
N TYR E 68 8.72 -22.84 -4.38
CA TYR E 68 9.04 -23.82 -3.34
C TYR E 68 9.16 -25.22 -3.92
N PHE E 69 8.12 -25.68 -4.61
CA PHE E 69 8.13 -27.02 -5.20
C PHE E 69 9.26 -27.21 -6.19
N TYR E 70 9.75 -26.12 -6.78
CA TYR E 70 10.90 -26.21 -7.67
C TYR E 70 12.15 -26.64 -6.91
N SER E 71 12.39 -26.05 -5.73
CA SER E 71 13.61 -26.32 -5.00
C SER E 71 13.67 -27.73 -4.45
N THR E 72 12.52 -28.30 -4.06
CA THR E 72 12.51 -29.61 -3.43
C THR E 72 12.59 -30.72 -4.47
N GLY E 73 11.61 -30.80 -5.35
CA GLY E 73 11.56 -31.85 -6.35
C GLY E 73 10.50 -32.89 -6.03
N GLN E 74 9.41 -32.46 -5.41
CA GLN E 74 8.33 -33.34 -5.00
C GLN E 74 7.19 -33.29 -6.01
N SER E 75 6.46 -34.40 -6.11
CA SER E 75 5.36 -34.48 -7.05
C SER E 75 4.20 -33.58 -6.61
N VAL E 76 3.64 -32.84 -7.57
CA VAL E 76 2.57 -31.91 -7.29
C VAL E 76 1.48 -32.06 -8.35
N ARG E 77 0.26 -31.71 -7.96
CA ARG E 77 -0.86 -31.60 -8.87
C ARG E 77 -1.04 -30.14 -9.26
N ILE E 78 -1.31 -29.89 -10.53
CA ILE E 78 -1.36 -28.55 -11.07
C ILE E 78 -2.69 -28.34 -11.78
N HIS E 79 -3.36 -27.24 -11.45
CA HIS E 79 -4.62 -26.87 -12.06
C HIS E 79 -4.39 -25.73 -13.05
N VAL E 80 -5.04 -25.80 -14.21
CA VAL E 80 -4.88 -24.81 -15.25
C VAL E 80 -6.24 -24.52 -15.88
N GLN E 81 -6.35 -23.33 -16.48
CA GLN E 81 -7.53 -22.95 -17.25
C GLN E 81 -7.10 -22.68 -18.68
N LYS E 82 -7.66 -23.43 -19.61
CA LYS E 82 -7.20 -23.39 -21.00
C LYS E 82 -7.58 -22.09 -21.68
N ASN E 83 -6.67 -21.57 -22.51
CA ASN E 83 -6.93 -20.48 -23.44
C ASN E 83 -7.36 -19.20 -22.70
N ILE E 84 -6.42 -18.65 -21.96
CA ILE E 84 -6.59 -17.35 -21.31
C ILE E 84 -5.79 -16.26 -22.01
N TRP E 85 -4.51 -16.52 -22.30
CA TRP E 85 -3.64 -15.49 -22.86
C TRP E 85 -3.88 -15.33 -24.35
N THR E 86 -3.92 -14.08 -24.79
CA THR E 86 -4.18 -13.74 -26.18
C THR E 86 -3.04 -12.92 -26.80
N TYR E 87 -1.84 -13.03 -26.25
CA TYR E 87 -0.72 -12.26 -26.76
C TYR E 87 -0.15 -12.91 -28.02
N PRO E 88 0.40 -12.11 -28.94
CA PRO E 88 0.83 -12.66 -30.24
C PRO E 88 1.87 -13.77 -30.15
N LEU E 89 3.02 -13.47 -29.54
CA LEU E 89 4.11 -14.44 -29.48
C LEU E 89 4.22 -15.10 -28.12
N PHE E 90 3.62 -14.52 -27.08
CA PHE E 90 3.69 -15.13 -25.75
C PHE E 90 2.95 -16.46 -25.71
N VAL E 91 1.90 -16.61 -26.52
CA VAL E 91 1.15 -17.87 -26.55
C VAL E 91 1.98 -18.97 -27.22
N ASN E 92 2.70 -18.62 -28.28
CA ASN E 92 3.43 -19.62 -29.05
C ASN E 92 4.69 -20.11 -28.33
N THR E 93 5.28 -19.29 -27.45
CA THR E 93 6.54 -19.69 -26.83
C THR E 93 6.33 -20.63 -25.66
N PHE E 94 5.66 -20.15 -24.59
CA PHE E 94 5.41 -21.01 -23.43
C PHE E 94 4.14 -21.83 -23.60
N SER E 95 2.98 -21.15 -23.57
CA SER E 95 1.68 -21.80 -23.59
C SER E 95 0.57 -20.76 -23.48
N ALA E 96 -0.69 -21.20 -23.57
CA ALA E 96 -1.84 -20.32 -23.41
C ALA E 96 -2.68 -20.67 -22.18
N ASN E 97 -2.13 -21.43 -21.24
CA ASN E 97 -2.86 -21.85 -20.06
C ASN E 97 -2.77 -20.77 -18.99
N ALA E 98 -3.22 -21.09 -17.78
CA ALA E 98 -3.15 -20.14 -16.66
C ALA E 98 -3.06 -20.94 -15.37
N LEU E 99 -1.96 -20.76 -14.63
CA LEU E 99 -1.77 -21.47 -13.38
C LEU E 99 -2.76 -20.96 -12.33
N VAL E 100 -3.51 -21.88 -11.72
CA VAL E 100 -4.52 -21.50 -10.76
C VAL E 100 -4.43 -22.34 -9.49
N GLY E 101 -3.34 -23.07 -9.31
CA GLY E 101 -3.16 -23.84 -8.10
C GLY E 101 -2.09 -24.89 -8.16
N LEU E 102 -1.45 -25.17 -7.03
CA LEU E 102 -0.42 -26.20 -6.92
C LEU E 102 -0.73 -27.07 -5.72
N SER E 103 -1.58 -28.08 -5.93
CA SER E 103 -1.92 -29.01 -4.87
C SER E 103 -0.79 -30.01 -4.66
N SER E 104 -0.34 -30.13 -3.41
CA SER E 104 0.68 -31.12 -3.10
C SER E 104 0.12 -32.52 -3.23
N CYS E 105 0.97 -33.47 -3.56
CA CYS E 105 0.58 -34.84 -3.82
C CYS E 105 1.32 -35.80 -2.89
N SER E 106 0.58 -36.75 -2.34
CA SER E 106 1.16 -37.84 -1.56
C SER E 106 1.44 -39.01 -2.49
N ALA E 107 1.73 -40.17 -1.91
CA ALA E 107 2.03 -41.36 -2.72
C ALA E 107 0.85 -41.77 -3.56
N THR E 108 -0.28 -42.08 -2.92
CA THR E 108 -1.46 -42.55 -3.63
C THR E 108 -2.41 -41.42 -3.99
N GLN E 109 -2.91 -40.69 -2.99
CA GLN E 109 -3.87 -39.63 -3.21
C GLN E 109 -3.20 -38.28 -3.18
N CYS E 110 -3.86 -37.30 -3.81
CA CYS E 110 -3.40 -35.92 -3.82
C CYS E 110 -4.40 -35.05 -3.09
N PHE E 111 -3.89 -34.14 -2.26
CA PHE E 111 -4.75 -33.24 -1.49
C PHE E 111 -5.15 -32.07 -2.37
N GLY E 112 -6.42 -32.04 -2.76
CA GLY E 112 -6.92 -30.97 -3.59
C GLY E 112 -8.16 -31.38 -4.36
N PRO E 113 -8.79 -30.43 -5.04
CA PRO E 113 -9.98 -30.74 -5.82
C PRO E 113 -9.66 -31.57 -7.05
N LYS E 114 -10.71 -32.09 -7.66
CA LYS E 114 -10.57 -32.86 -8.89
C LYS E 114 -11.92 -32.97 -9.61
N ASP F 1 -12.41 -3.59 45.60
CA ASP F 1 -11.39 -2.81 44.90
C ASP F 1 -10.37 -2.24 45.87
N ILE F 2 -9.55 -1.30 45.38
CA ILE F 2 -8.50 -0.68 46.16
C ILE F 2 -8.85 0.79 46.38
N LEU F 3 -8.63 1.28 47.59
CA LEU F 3 -8.93 2.66 47.96
C LEU F 3 -7.64 3.42 48.22
N LEU F 4 -7.63 4.68 47.80
CA LEU F 4 -6.46 5.55 47.94
C LEU F 4 -6.71 6.59 49.00
N THR F 5 -5.82 6.65 49.99
CA THR F 5 -5.90 7.63 51.08
C THR F 5 -4.77 8.63 50.89
N GLN F 6 -5.10 9.77 50.27
CA GLN F 6 -4.12 10.83 50.03
C GLN F 6 -4.14 11.77 51.22
N SER F 7 -3.28 11.47 52.21
CA SER F 7 -3.17 12.27 53.42
C SER F 7 -1.81 12.94 53.47
N PRO F 8 -1.74 14.23 53.82
CA PRO F 8 -2.88 15.07 54.18
C PRO F 8 -3.59 15.63 52.94
N SER F 9 -4.39 16.68 53.12
CA SER F 9 -5.14 17.27 52.03
C SER F 9 -4.66 18.66 51.64
N ILE F 10 -3.67 19.21 52.35
CA ILE F 10 -3.16 20.54 52.07
C ILE F 10 -1.73 20.62 52.57
N LEU F 11 -0.87 21.27 51.79
CA LEU F 11 0.54 21.46 52.11
C LEU F 11 0.90 22.92 51.94
N SER F 12 0.84 23.68 53.02
CA SER F 12 1.24 25.09 53.02
C SER F 12 2.75 25.14 53.22
N VAL F 13 3.48 25.40 52.14
CA VAL F 13 4.94 25.33 52.15
C VAL F 13 5.50 26.59 51.49
N SER F 14 6.50 27.20 52.12
CA SER F 14 7.14 28.36 51.55
C SER F 14 7.95 27.96 50.31
N PRO F 15 8.04 28.84 49.32
CA PRO F 15 8.78 28.50 48.10
C PRO F 15 10.25 28.21 48.40
N GLY F 16 10.78 27.18 47.75
CA GLY F 16 12.15 26.77 47.97
C GLY F 16 12.30 25.80 49.12
N GLU F 17 11.55 24.71 49.08
CA GLU F 17 11.60 23.70 50.13
C GLU F 17 10.96 22.42 49.59
N ARG F 18 11.49 21.29 50.04
CA ARG F 18 10.99 20.00 49.56
C ARG F 18 9.64 19.68 50.19
N VAL F 19 8.73 19.13 49.37
CA VAL F 19 7.42 18.70 49.83
C VAL F 19 7.28 17.21 49.56
N SER F 20 6.31 16.59 50.26
CA SER F 20 6.10 15.16 50.14
C SER F 20 4.63 14.85 50.40
N PHE F 21 3.97 14.27 49.41
CA PHE F 21 2.60 13.79 49.54
C PHE F 21 2.63 12.35 50.04
N SER F 22 1.48 11.66 50.00
CA SER F 22 1.43 10.28 50.44
C SER F 22 0.20 9.60 49.87
N CYS F 23 0.40 8.59 49.03
CA CYS F 23 -0.68 7.72 48.56
C CYS F 23 -0.62 6.42 49.36
N ARG F 24 -1.07 6.50 50.61
CA ARG F 24 -1.11 5.33 51.48
C ARG F 24 -2.29 4.46 51.04
N ALA F 25 -1.99 3.48 50.19
CA ALA F 25 -3.03 2.61 49.68
C ALA F 25 -3.46 1.60 50.74
N SER F 26 -4.51 0.85 50.43
CA SER F 26 -5.00 -0.20 51.32
C SER F 26 -4.39 -1.56 50.97
N GLN F 27 -4.61 -2.01 49.73
CA GLN F 27 -4.05 -3.25 49.26
C GLN F 27 -2.60 -3.03 48.81
N SER F 28 -1.82 -4.12 48.82
CA SER F 28 -0.45 -4.05 48.32
C SER F 28 -0.48 -3.85 46.80
N ILE F 29 0.15 -2.77 46.34
CA ILE F 29 0.11 -2.41 44.93
C ILE F 29 1.44 -2.66 44.22
N GLY F 30 2.51 -2.89 44.97
CA GLY F 30 3.82 -3.03 44.34
C GLY F 30 4.36 -1.69 43.92
N THR F 31 4.35 -1.41 42.61
CA THR F 31 4.82 -0.12 42.12
C THR F 31 3.96 0.39 40.97
N SER F 32 2.69 -0.02 40.90
CA SER F 32 1.80 0.40 39.83
C SER F 32 0.92 1.55 40.29
N ILE F 33 1.56 2.70 40.50
CA ILE F 33 0.87 3.93 40.90
C ILE F 33 1.51 5.10 40.18
N HIS F 34 0.68 5.97 39.61
CA HIS F 34 1.11 7.12 38.84
C HIS F 34 0.75 8.41 39.59
N TRP F 35 1.17 9.54 39.04
CA TRP F 35 0.92 10.84 39.63
C TRP F 35 0.56 11.84 38.55
N TYR F 36 -0.32 12.77 38.88
CA TYR F 36 -0.81 13.77 37.94
C TYR F 36 -0.66 15.15 38.55
N GLN F 37 -1.04 16.17 37.77
CA GLN F 37 -0.98 17.55 38.25
C GLN F 37 -2.00 18.37 37.47
N GLN F 38 -3.08 18.77 38.14
CA GLN F 38 -4.15 19.55 37.52
C GLN F 38 -4.17 20.94 38.15
N LYS F 39 -3.75 21.94 37.37
CA LYS F 39 -3.87 23.31 37.82
C LYS F 39 -5.34 23.72 37.85
N PRO F 40 -5.70 24.70 38.68
CA PRO F 40 -7.09 25.15 38.74
C PRO F 40 -7.58 25.60 37.37
N ASN F 41 -8.78 25.11 37.00
CA ASN F 41 -9.38 25.36 35.69
C ASN F 41 -8.46 24.89 34.57
N GLY F 42 -8.19 23.60 34.56
CA GLY F 42 -7.34 23.01 33.54
C GLY F 42 -7.38 21.51 33.60
N SER F 43 -6.82 20.88 32.56
CA SER F 43 -6.71 19.43 32.43
C SER F 43 -5.40 18.95 33.02
N PRO F 44 -5.41 17.83 33.74
CA PRO F 44 -4.18 17.37 34.42
C PRO F 44 -3.10 16.93 33.45
N ARG F 45 -1.95 16.55 33.99
CA ARG F 45 -0.80 16.15 33.19
C ARG F 45 0.00 15.10 33.95
N LEU F 46 0.37 14.03 33.26
CA LEU F 46 1.11 12.94 33.89
C LEU F 46 2.49 13.43 34.30
N LEU F 47 2.90 13.09 35.52
CA LEU F 47 4.20 13.49 36.05
C LEU F 47 5.16 12.32 36.21
N ILE F 48 4.76 11.28 36.91
CA ILE F 48 5.63 10.17 37.26
C ILE F 48 4.87 8.87 37.02
N GLN F 49 5.50 7.94 36.31
CA GLN F 49 4.91 6.64 36.04
C GLN F 49 5.52 5.59 36.96
N TYR F 50 4.69 4.64 37.39
CA TYR F 50 5.10 3.54 38.25
C TYR F 50 5.79 4.01 39.52
N ALA F 51 5.53 5.24 39.93
CA ALA F 51 6.02 5.83 41.18
C ALA F 51 7.53 6.03 41.18
N SER F 52 8.21 5.58 40.14
CA SER F 52 9.66 5.75 40.05
C SER F 52 10.11 6.35 38.73
N GLN F 53 9.48 5.99 37.62
CA GLN F 53 9.90 6.43 36.30
C GLN F 53 9.30 7.80 36.00
N SER F 54 10.16 8.79 35.78
CA SER F 54 9.71 10.12 35.39
C SER F 54 9.35 10.10 33.91
N ILE F 55 9.06 11.26 33.34
CA ILE F 55 8.69 11.37 31.94
C ILE F 55 9.43 12.55 31.31
N SER F 56 9.95 12.34 30.10
CA SER F 56 10.62 13.41 29.39
C SER F 56 9.64 14.52 29.04
N GLY F 57 10.14 15.76 29.02
CA GLY F 57 9.32 16.92 28.74
C GLY F 57 8.92 17.71 29.97
N ILE F 58 9.09 17.14 31.16
CA ILE F 58 8.76 17.82 32.41
C ILE F 58 10.06 18.26 33.06
N PRO F 59 10.04 19.25 33.96
CA PRO F 59 11.26 19.58 34.71
C PRO F 59 11.64 18.44 35.65
N SER F 60 12.95 18.24 35.78
CA SER F 60 13.49 17.14 36.57
C SER F 60 13.31 17.32 38.08
N ARG F 61 12.56 18.32 38.52
CA ARG F 61 12.38 18.53 39.96
C ARG F 61 11.53 17.43 40.57
N PHE F 62 10.49 17.00 39.86
CA PHE F 62 9.59 15.97 40.38
C PHE F 62 10.32 14.63 40.42
N SER F 63 10.41 14.04 41.61
CA SER F 63 11.13 12.78 41.82
C SER F 63 10.28 11.90 42.73
N GLY F 64 9.55 10.97 42.16
CA GLY F 64 8.72 10.08 42.94
C GLY F 64 9.48 8.93 43.55
N SER F 65 8.80 8.21 44.43
CA SER F 65 9.37 7.05 45.10
C SER F 65 8.23 6.24 45.69
N GLY F 66 8.57 5.26 46.50
CA GLY F 66 7.56 4.47 47.17
C GLY F 66 7.46 3.06 46.61
N SER F 67 7.14 2.12 47.49
CA SER F 67 7.00 0.71 47.12
C SER F 67 6.20 0.00 48.19
N GLY F 68 5.25 -0.84 47.77
CA GLY F 68 4.43 -1.57 48.70
C GLY F 68 3.08 -0.93 48.92
N THR F 69 2.87 -0.36 50.11
CA THR F 69 1.63 0.34 50.43
C THR F 69 1.92 1.75 50.93
N ASP F 70 3.04 2.33 50.52
CA ASP F 70 3.42 3.68 50.93
C ASP F 70 4.16 4.34 49.78
N PHE F 71 3.50 5.27 49.10
CA PHE F 71 4.07 5.95 47.94
C PHE F 71 3.99 7.45 48.16
N THR F 72 4.97 8.17 47.60
CA THR F 72 5.07 9.60 47.84
C THR F 72 5.75 10.27 46.65
N LEU F 73 5.42 11.54 46.46
CA LEU F 73 6.06 12.39 45.47
C LEU F 73 6.94 13.41 46.20
N THR F 74 8.15 13.60 45.70
CA THR F 74 9.14 14.45 46.36
C THR F 74 9.58 15.55 45.39
N ILE F 75 8.88 16.68 45.42
CA ILE F 75 9.35 17.89 44.73
C ILE F 75 10.52 18.45 45.52
N ASN F 76 11.71 18.41 44.95
CA ASN F 76 12.91 18.80 45.70
C ASN F 76 12.88 20.28 46.07
N SER F 77 12.53 21.13 45.11
CA SER F 77 12.50 22.58 45.34
C SER F 77 11.24 23.14 44.67
N VAL F 78 10.29 23.58 45.49
CA VAL F 78 9.01 24.07 44.99
C VAL F 78 9.19 25.45 44.39
N GLU F 79 8.18 25.90 43.64
CA GLU F 79 8.17 27.24 43.06
C GLU F 79 6.75 27.78 43.13
N SER F 80 6.60 29.06 42.80
CA SER F 80 5.30 29.70 42.83
C SER F 80 4.39 29.25 41.69
N GLU F 81 4.91 28.48 40.73
CA GLU F 81 4.13 27.98 39.62
C GLU F 81 3.68 26.53 39.82
N ASP F 82 3.94 25.95 40.99
CA ASP F 82 3.55 24.58 41.29
C ASP F 82 2.30 24.51 42.15
N ILE F 83 1.49 25.57 42.16
CA ILE F 83 0.24 25.58 42.92
C ILE F 83 -0.79 24.84 42.06
N ALA F 84 -0.96 23.55 42.33
CA ALA F 84 -1.87 22.71 41.55
C ALA F 84 -2.23 21.48 42.38
N ASP F 85 -3.23 20.75 41.89
CA ASP F 85 -3.70 19.54 42.55
C ASP F 85 -2.90 18.34 42.07
N TYR F 86 -2.37 17.57 43.01
CA TYR F 86 -1.56 16.39 42.72
C TYR F 86 -2.37 15.15 43.04
N TYR F 87 -2.83 14.47 42.01
CA TYR F 87 -3.72 13.32 42.16
C TYR F 87 -2.91 12.03 42.26
N CYS F 88 -3.59 10.90 42.14
CA CYS F 88 -3.02 9.59 42.32
C CYS F 88 -3.82 8.61 41.49
N GLN F 89 -3.22 7.47 41.13
CA GLN F 89 -3.90 6.54 40.27
C GLN F 89 -3.41 5.12 40.54
N HIS F 90 -4.25 4.16 40.19
CA HIS F 90 -3.92 2.74 40.24
C HIS F 90 -3.97 2.13 38.85
N THR F 91 -3.22 1.04 38.68
CA THR F 91 -3.30 0.25 37.45
C THR F 91 -3.24 -1.24 37.73
N ASN F 92 -3.42 -1.66 38.99
CA ASN F 92 -3.40 -3.08 39.32
C ASN F 92 -4.53 -3.81 38.59
N GLY F 93 -5.76 -3.45 38.90
CA GLY F 93 -6.91 -4.08 38.27
C GLY F 93 -8.07 -3.12 38.19
N TRP F 94 -9.03 -3.49 37.35
CA TRP F 94 -10.23 -2.68 37.21
C TRP F 94 -11.07 -2.77 38.47
N PRO F 95 -11.62 -1.64 38.95
CA PRO F 95 -11.52 -0.31 38.35
C PRO F 95 -10.25 0.44 38.74
N TYR F 96 -9.89 1.46 37.94
CA TYR F 96 -8.71 2.27 38.20
C TYR F 96 -9.11 3.40 39.14
N THR F 97 -9.08 3.11 40.44
CA THR F 97 -9.46 4.11 41.43
C THR F 97 -8.40 5.20 41.51
N PHE F 98 -8.83 6.45 41.35
CA PHE F 98 -7.93 7.59 41.45
C PHE F 98 -7.65 7.90 42.91
N GLY F 99 -7.05 9.06 43.18
CA GLY F 99 -6.77 9.51 44.52
C GLY F 99 -7.57 10.74 44.88
N TRP F 100 -7.30 11.25 46.08
CA TRP F 100 -8.03 12.40 46.58
C TRP F 100 -7.54 13.69 45.94
N GLY F 101 -6.25 13.98 46.07
CA GLY F 101 -5.69 15.19 45.50
C GLY F 101 -5.33 16.24 46.55
N ASP F 102 -4.06 16.61 46.59
CA ASP F 102 -3.56 17.58 47.55
C ASP F 102 -3.22 18.88 46.84
N HIS F 103 -3.11 19.95 47.63
CA HIS F 103 -2.81 21.28 47.14
C HIS F 103 -1.51 21.76 47.74
N ALA F 104 -0.61 22.26 46.90
CA ALA F 104 0.66 22.84 47.34
C ALA F 104 0.45 24.34 47.49
N GLY F 105 0.37 24.80 48.75
CA GLY F 105 0.14 26.20 49.04
C GLY F 105 1.44 26.91 49.39
N ASN F 106 1.65 28.06 48.76
CA ASN F 106 2.83 28.89 49.01
C ASN F 106 2.35 30.24 49.54
N LYS F 107 2.67 30.53 50.81
CA LYS F 107 2.22 31.75 51.45
C LYS F 107 3.41 32.65 51.76
N PRO F 108 3.47 33.86 51.20
CA PRO F 108 4.52 34.84 51.51
C PRO F 108 4.28 35.51 52.86
N VAL G 1 -4.92 20.20 18.25
CA VAL G 1 -5.48 20.04 19.57
C VAL G 1 -5.54 18.55 19.94
N LYS G 2 -5.71 17.72 18.92
CA LYS G 2 -5.68 16.26 19.02
C LYS G 2 -6.89 15.69 19.74
N LEU G 3 -7.71 16.55 20.34
CA LEU G 3 -8.88 16.11 21.11
C LEU G 3 -9.87 17.26 21.17
N VAL G 4 -11.12 17.01 20.80
CA VAL G 4 -12.14 18.05 20.74
C VAL G 4 -13.24 17.83 21.77
N GLU G 5 -13.61 16.57 22.03
CA GLU G 5 -14.64 16.24 23.02
C GLU G 5 -15.95 16.98 22.76
N SER G 6 -16.35 17.07 21.50
CA SER G 6 -17.56 17.77 21.13
C SER G 6 -18.79 16.96 21.50
N GLY G 7 -19.82 17.65 21.96
CA GLY G 7 -21.08 17.01 22.32
C GLY G 7 -21.23 16.90 23.82
N GLY G 8 -22.43 17.20 24.31
CA GLY G 8 -22.71 17.11 25.74
C GLY G 8 -23.18 18.41 26.35
N GLY G 9 -24.38 18.40 26.92
CA GLY G 9 -24.94 19.58 27.54
C GLY G 9 -25.81 19.26 28.74
N LEU G 10 -27.00 19.83 28.78
CA LEU G 10 -27.97 19.57 29.85
C LEU G 10 -28.99 18.56 29.37
N VAL G 11 -29.35 17.63 30.25
CA VAL G 11 -30.25 16.53 29.91
C VAL G 11 -31.11 16.20 31.12
N LYS G 12 -32.39 15.92 30.88
CA LYS G 12 -33.28 15.50 31.94
C LYS G 12 -32.81 14.16 32.52
N PRO G 13 -33.24 13.82 33.73
CA PRO G 13 -32.76 12.57 34.35
C PRO G 13 -33.32 11.32 33.69
N GLY G 14 -32.69 10.88 32.61
CA GLY G 14 -33.13 9.71 31.89
C GLY G 14 -32.90 9.77 30.39
N GLY G 15 -32.45 10.91 29.90
CA GLY G 15 -32.17 11.06 28.49
C GLY G 15 -30.91 10.34 28.04
N SER G 16 -30.31 10.79 26.95
CA SER G 16 -29.12 10.15 26.41
C SER G 16 -28.35 11.15 25.57
N LEU G 17 -27.04 10.95 25.49
CA LEU G 17 -26.15 11.81 24.72
C LEU G 17 -25.05 10.96 24.10
N LYS G 18 -24.18 11.63 23.34
CA LYS G 18 -23.00 11.00 22.74
C LYS G 18 -21.89 12.02 22.71
N LEU G 19 -20.71 11.63 23.19
CA LEU G 19 -19.55 12.50 23.28
C LEU G 19 -18.51 12.04 22.27
N SER G 20 -18.14 12.93 21.35
CA SER G 20 -17.35 12.51 20.19
C SER G 20 -15.89 12.22 20.56
N CYS G 21 -15.17 13.24 21.03
CA CYS G 21 -13.73 13.15 21.29
C CYS G 21 -12.97 12.72 20.03
N ALA G 22 -12.98 13.62 19.05
CA ALA G 22 -12.28 13.38 17.80
C ALA G 22 -10.78 13.61 17.98
N ALA G 23 -9.98 12.67 17.46
CA ALA G 23 -8.53 12.74 17.56
C ALA G 23 -7.93 13.17 16.23
N SER G 24 -6.77 13.84 16.30
CA SER G 24 -6.15 14.40 15.11
C SER G 24 -4.76 13.86 14.82
N GLY G 25 -3.85 13.91 15.78
CA GLY G 25 -2.44 13.79 15.45
C GLY G 25 -1.68 12.58 15.97
N PHE G 26 -2.28 11.41 15.94
CA PHE G 26 -1.55 10.19 16.30
C PHE G 26 -2.24 9.00 15.66
N ALA G 27 -1.61 7.83 15.81
CA ALA G 27 -2.15 6.59 15.25
C ALA G 27 -3.33 6.11 16.06
N PHE G 28 -4.53 6.57 15.71
CA PHE G 28 -5.71 6.23 16.49
C PHE G 28 -6.08 4.75 16.39
N SER G 29 -5.58 4.04 15.37
CA SER G 29 -5.78 2.60 15.33
C SER G 29 -5.17 1.92 16.55
N THR G 30 -3.96 2.34 16.91
CA THR G 30 -3.36 1.97 18.19
C THR G 30 -3.83 2.99 19.24
N TYR G 31 -3.18 3.01 20.40
CA TYR G 31 -3.46 3.99 21.45
C TYR G 31 -4.91 3.90 21.93
N ASP G 32 -5.20 2.77 22.56
CA ASP G 32 -6.52 2.54 23.14
C ASP G 32 -6.88 3.67 24.11
N MET G 33 -8.02 4.31 23.87
CA MET G 33 -8.42 5.48 24.63
C MET G 33 -9.28 5.08 25.83
N SER G 34 -9.74 6.08 26.57
CA SER G 34 -10.57 5.87 27.75
C SER G 34 -11.43 7.10 27.96
N TRP G 35 -12.20 7.10 29.05
CA TRP G 35 -12.99 8.25 29.47
C TRP G 35 -12.82 8.41 30.98
N VAL G 36 -12.73 9.66 31.43
CA VAL G 36 -12.50 9.97 32.84
C VAL G 36 -13.46 11.06 33.28
N ARG G 37 -14.11 10.84 34.41
CA ARG G 37 -15.11 11.76 34.95
C ARG G 37 -14.54 12.55 36.12
N GLN G 38 -14.79 13.85 36.14
CA GLN G 38 -14.37 14.73 37.24
C GLN G 38 -15.63 15.32 37.88
N THR G 39 -16.08 14.69 38.96
CA THR G 39 -17.25 15.19 39.68
C THR G 39 -17.01 16.62 40.14
N PRO G 40 -18.08 17.40 40.37
CA PRO G 40 -17.91 18.82 40.70
C PRO G 40 -17.15 19.07 42.00
N GLU G 41 -16.93 18.05 42.83
CA GLU G 41 -16.09 18.20 44.02
C GLU G 41 -14.60 18.05 43.71
N LYS G 42 -14.23 18.11 42.43
CA LYS G 42 -12.84 18.03 42.00
C LYS G 42 -12.19 16.72 42.44
N ARG G 43 -12.92 15.62 42.28
CA ARG G 43 -12.40 14.28 42.53
C ARG G 43 -12.60 13.46 41.27
N LEU G 44 -11.51 13.12 40.59
CA LEU G 44 -11.59 12.36 39.35
C LEU G 44 -12.06 10.95 39.61
N GLU G 45 -12.91 10.44 38.72
CA GLU G 45 -13.37 9.07 38.75
C GLU G 45 -12.94 8.38 37.45
N TRP G 46 -13.39 7.14 37.26
CA TRP G 46 -13.10 6.38 36.06
C TRP G 46 -14.39 5.99 35.36
N VAL G 47 -14.36 6.00 34.03
CA VAL G 47 -15.51 5.62 33.22
C VAL G 47 -15.00 4.58 32.23
N ALA G 48 -15.84 4.15 31.29
CA ALA G 48 -15.50 3.10 30.35
C ALA G 48 -14.18 3.37 29.64
N THR G 49 -13.52 2.29 29.21
CA THR G 49 -12.36 2.36 28.35
C THR G 49 -12.58 1.42 27.16
N ILE G 50 -11.78 1.62 26.13
CA ILE G 50 -11.88 0.84 24.90
C ILE G 50 -10.49 0.30 24.56
N SER G 51 -10.45 -0.89 23.98
CA SER G 51 -9.19 -1.52 23.63
C SER G 51 -8.71 -0.97 22.28
N GLY G 52 -7.72 -1.65 21.69
CA GLY G 52 -7.16 -1.22 20.41
C GLY G 52 -8.18 -1.14 19.29
N GLY G 53 -8.71 -2.29 18.88
CA GLY G 53 -9.71 -2.31 17.84
C GLY G 53 -11.10 -1.98 18.35
N GLY G 54 -11.44 -2.50 19.53
CA GLY G 54 -12.74 -2.26 20.11
C GLY G 54 -13.43 -3.53 20.56
N SER G 55 -12.78 -4.68 20.32
CA SER G 55 -13.37 -5.95 20.71
C SER G 55 -13.40 -6.12 22.22
N TYR G 56 -12.50 -5.46 22.94
CA TYR G 56 -12.41 -5.55 24.38
C TYR G 56 -12.82 -4.23 25.01
N THR G 57 -13.61 -4.30 26.08
CA THR G 57 -14.14 -3.12 26.73
C THR G 57 -14.31 -3.39 28.21
N TYR G 58 -13.98 -2.41 29.04
CA TYR G 58 -14.07 -2.53 30.48
C TYR G 58 -14.79 -1.32 31.06
N TYR G 59 -15.62 -1.57 32.07
CA TYR G 59 -16.40 -0.55 32.75
C TYR G 59 -16.14 -0.64 34.24
N PRO G 60 -16.40 0.43 34.99
CA PRO G 60 -16.29 0.35 36.45
C PRO G 60 -17.46 -0.39 37.07
N ASP G 61 -17.48 -0.47 38.40
CA ASP G 61 -18.58 -1.17 39.07
C ASP G 61 -19.85 -0.31 39.09
N ILE G 62 -19.69 1.00 39.26
CA ILE G 62 -20.84 1.90 39.33
C ILE G 62 -21.58 1.94 38.00
N VAL G 63 -20.88 1.74 36.89
CA VAL G 63 -21.43 1.90 35.55
C VAL G 63 -21.40 0.54 34.88
N LYS G 64 -22.58 -0.04 34.64
CA LYS G 64 -22.70 -1.29 33.91
C LYS G 64 -24.06 -1.29 33.22
N GLY G 65 -24.09 -0.95 31.94
CA GLY G 65 -25.30 -0.89 31.15
C GLY G 65 -25.75 0.52 30.81
N ARG G 66 -25.54 1.47 31.72
CA ARG G 66 -25.88 2.86 31.42
C ARG G 66 -25.01 3.41 30.30
N PHE G 67 -23.71 3.24 30.43
CA PHE G 67 -22.74 3.77 29.48
C PHE G 67 -22.23 2.67 28.57
N THR G 68 -21.80 3.08 27.38
CA THR G 68 -21.14 2.16 26.45
C THR G 68 -20.20 2.96 25.56
N ILE G 69 -18.97 2.49 25.46
CA ILE G 69 -17.92 3.16 24.68
C ILE G 69 -17.75 2.42 23.36
N SER G 70 -17.59 3.19 22.29
CA SER G 70 -17.36 2.64 20.96
C SER G 70 -16.04 3.18 20.42
N ARG G 71 -15.78 2.91 19.15
CA ARG G 71 -14.57 3.40 18.51
C ARG G 71 -14.74 3.25 17.00
N ASP G 72 -14.54 4.35 16.28
CA ASP G 72 -14.71 4.38 14.82
C ASP G 72 -13.39 4.83 14.20
N ASN G 73 -12.52 3.86 13.91
CA ASN G 73 -11.28 4.16 13.21
C ASN G 73 -11.59 4.64 11.79
N ALA G 74 -10.57 5.21 11.15
CA ALA G 74 -10.64 5.93 9.88
C ALA G 74 -11.39 7.26 10.03
N ARG G 75 -11.92 7.54 11.22
CA ARG G 75 -12.49 8.84 11.55
C ARG G 75 -12.00 9.38 12.89
N ASN G 76 -11.39 8.52 13.72
CA ASN G 76 -10.78 8.93 14.98
C ASN G 76 -11.78 9.58 15.92
N THR G 77 -12.76 8.77 16.35
CA THR G 77 -13.75 9.20 17.33
C THR G 77 -13.85 8.15 18.44
N LEU G 78 -14.58 8.50 19.49
CA LEU G 78 -14.84 7.59 20.60
C LEU G 78 -16.31 7.30 20.80
N TYR G 79 -17.16 8.32 20.83
CA TYR G 79 -18.61 8.17 20.88
C TYR G 79 -19.06 7.38 22.11
N LEU G 80 -18.86 8.00 23.27
CA LEU G 80 -19.41 7.45 24.51
C LEU G 80 -20.91 7.73 24.56
N GLN G 81 -21.72 6.69 24.40
CA GLN G 81 -23.17 6.82 24.39
C GLN G 81 -23.70 6.60 25.80
N MET G 82 -24.23 7.66 26.40
CA MET G 82 -24.79 7.60 27.74
C MET G 82 -26.26 7.22 27.68
N SER G 83 -26.75 6.67 28.79
CA SER G 83 -28.16 6.26 28.87
C SER G 83 -28.54 6.08 30.33
N SER G 84 -29.81 6.35 30.63
CA SER G 84 -30.36 6.19 31.97
C SER G 84 -29.58 7.03 32.99
N LEU G 85 -29.36 8.29 32.65
CA LEU G 85 -28.57 9.18 33.49
C LEU G 85 -29.32 9.50 34.76
N ARG G 86 -28.76 9.09 35.91
CA ARG G 86 -29.34 9.42 37.19
C ARG G 86 -29.08 10.89 37.53
N SER G 87 -29.55 11.31 38.70
CA SER G 87 -29.33 12.69 39.16
C SER G 87 -27.85 13.03 39.26
N GLU G 88 -27.00 12.04 39.44
CA GLU G 88 -25.55 12.23 39.46
C GLU G 88 -25.05 12.33 38.02
N ASP G 89 -23.74 12.18 37.83
CA ASP G 89 -23.11 12.15 36.52
C ASP G 89 -23.18 13.52 35.83
N THR G 90 -23.00 14.58 36.60
CA THR G 90 -22.95 15.94 36.09
C THR G 90 -21.52 16.43 36.30
N ALA G 91 -20.67 16.23 35.29
CA ALA G 91 -19.23 16.41 35.47
C ALA G 91 -18.60 16.86 34.17
N LEU G 92 -17.28 16.76 34.10
CA LEU G 92 -16.48 17.25 32.98
C LEU G 92 -16.33 16.22 31.86
N TYR G 93 -16.06 14.96 32.22
CA TYR G 93 -15.97 13.86 31.25
C TYR G 93 -14.86 14.11 30.21
N PHE G 94 -13.62 14.15 30.69
CA PHE G 94 -12.49 14.15 29.78
C PHE G 94 -12.39 12.83 29.04
N CYS G 95 -11.75 12.87 27.87
CA CYS G 95 -11.30 11.68 27.18
C CYS G 95 -9.79 11.72 27.09
N VAL G 96 -9.15 10.58 27.36
CA VAL G 96 -7.71 10.56 27.58
C VAL G 96 -7.10 9.40 26.81
N ARG G 97 -5.87 9.60 26.33
CA ARG G 97 -5.14 8.56 25.62
C ARG G 97 -4.38 7.71 26.64
N GLN G 98 -3.30 7.08 26.21
CA GLN G 98 -2.50 6.24 27.10
C GLN G 98 -1.01 6.37 26.75
N TYR G 99 -0.16 6.06 27.72
CA TYR G 99 1.28 6.11 27.51
C TYR G 99 1.72 4.88 26.72
N TYR G 100 2.27 5.10 25.54
CA TYR G 100 2.72 4.01 24.66
C TYR G 100 1.53 3.19 24.16
N GLY G 101 0.31 3.59 24.54
CA GLY G 101 -0.88 2.93 24.04
C GLY G 101 -1.25 1.70 24.82
N SER G 102 -1.15 1.77 26.15
CA SER G 102 -1.44 0.61 26.98
C SER G 102 -2.17 1.06 28.23
N SER G 103 -3.26 0.38 28.57
CA SER G 103 -4.05 0.71 29.74
C SER G 103 -3.28 0.47 31.04
N ASN G 104 -2.25 -0.36 30.96
CA ASN G 104 -1.43 -0.67 32.14
C ASN G 104 -0.51 0.47 32.59
N TYR G 105 -0.35 1.51 31.76
CA TYR G 105 0.52 2.64 32.10
C TYR G 105 -0.29 3.90 32.45
N GLY G 106 0.40 5.02 32.73
CA GLY G 106 -0.31 6.23 33.06
C GLY G 106 -1.12 6.75 31.90
N MET G 107 -1.86 7.82 32.17
CA MET G 107 -2.69 8.49 31.18
C MET G 107 -1.94 9.69 30.62
N ASP G 108 -2.07 9.91 29.32
CA ASP G 108 -1.29 10.92 28.63
C ASP G 108 -2.19 11.81 27.78
N TYR G 109 -1.93 13.12 27.86
CA TYR G 109 -2.60 14.12 27.02
C TYR G 109 -4.11 14.07 27.19
N TRP G 110 -4.55 14.44 28.39
CA TRP G 110 -5.96 14.57 28.68
C TRP G 110 -6.60 15.61 27.76
N GLY G 111 -7.93 15.50 27.61
CA GLY G 111 -8.68 16.38 26.73
C GLY G 111 -8.87 17.77 27.29
N GLN G 112 -9.96 18.41 26.86
CA GLN G 112 -10.27 19.76 27.31
C GLN G 112 -11.40 19.82 28.33
N GLY G 113 -12.32 18.86 28.29
CA GLY G 113 -13.40 18.83 29.26
C GLY G 113 -14.71 19.38 28.75
N THR G 114 -15.72 18.52 28.63
CA THR G 114 -17.06 18.94 28.28
C THR G 114 -17.82 19.24 29.57
N SER G 115 -19.13 19.43 29.49
CA SER G 115 -19.95 19.71 30.68
C SER G 115 -21.31 19.05 30.50
N VAL G 116 -21.52 17.94 31.21
CA VAL G 116 -22.81 17.26 31.24
C VAL G 116 -23.52 17.68 32.52
N THR G 117 -24.82 17.88 32.43
CA THR G 117 -25.62 18.27 33.59
C THR G 117 -26.95 17.55 33.55
N VAL G 118 -27.41 17.10 34.70
CA VAL G 118 -28.66 16.35 34.84
C VAL G 118 -29.50 17.06 35.87
N SER G 119 -30.53 17.77 35.42
CA SER G 119 -31.43 18.48 36.31
C SER G 119 -32.76 18.76 35.63
N ASP H 1 -37.47 -28.46 2.62
CA ASP H 1 -36.80 -27.69 3.66
C ASP H 1 -37.13 -28.25 5.04
N ILE H 2 -36.80 -27.48 6.08
CA ILE H 2 -37.05 -27.87 7.46
C ILE H 2 -38.01 -26.86 8.08
N LEU H 3 -39.03 -27.36 8.75
CA LEU H 3 -40.04 -26.53 9.39
C LEU H 3 -39.75 -26.42 10.89
N LEU H 4 -39.96 -25.23 11.43
CA LEU H 4 -39.70 -24.94 12.83
C LEU H 4 -41.01 -24.61 13.53
N THR H 5 -41.35 -25.40 14.55
CA THR H 5 -42.58 -25.23 15.31
C THR H 5 -42.22 -24.61 16.66
N GLN H 6 -42.57 -23.34 16.84
CA GLN H 6 -42.31 -22.63 18.09
C GLN H 6 -43.59 -22.66 18.92
N SER H 7 -43.72 -23.71 19.74
CA SER H 7 -44.87 -23.91 20.60
C SER H 7 -44.47 -23.76 22.07
N PRO H 8 -45.26 -23.03 22.87
CA PRO H 8 -46.51 -22.38 22.47
C PRO H 8 -46.27 -21.01 21.83
N SER H 9 -47.30 -20.18 21.77
CA SER H 9 -47.19 -18.87 21.16
C SER H 9 -47.24 -17.73 22.16
N ILE H 10 -47.46 -18.02 23.44
CA ILE H 10 -47.55 -16.99 24.47
C ILE H 10 -47.09 -17.59 25.79
N LEU H 11 -46.38 -16.78 26.58
CA LEU H 11 -45.88 -17.17 27.90
C LEU H 11 -46.21 -16.06 28.88
N SER H 12 -47.37 -16.16 29.52
CA SER H 12 -47.77 -15.21 30.56
C SER H 12 -47.09 -15.63 31.86
N VAL H 13 -46.02 -14.92 32.22
CA VAL H 13 -45.19 -15.30 33.36
C VAL H 13 -44.99 -14.08 34.25
N SER H 14 -45.09 -14.29 35.56
CA SER H 14 -44.85 -13.21 36.51
C SER H 14 -43.36 -12.89 36.58
N PRO H 15 -43.01 -11.62 36.78
CA PRO H 15 -41.59 -11.25 36.83
C PRO H 15 -40.86 -11.97 37.95
N GLY H 16 -39.61 -12.31 37.68
CA GLY H 16 -38.80 -13.05 38.63
C GLY H 16 -39.11 -14.53 38.64
N GLU H 17 -39.02 -15.16 37.48
CA GLU H 17 -39.28 -16.59 37.34
C GLU H 17 -38.71 -17.07 36.03
N ARG H 18 -38.22 -18.30 36.00
CA ARG H 18 -37.58 -18.84 34.81
C ARG H 18 -38.62 -19.21 33.76
N VAL H 19 -38.35 -18.85 32.52
CA VAL H 19 -39.21 -19.20 31.39
C VAL H 19 -38.43 -20.14 30.48
N SER H 20 -39.17 -20.83 29.62
CA SER H 20 -38.57 -21.80 28.70
C SER H 20 -39.43 -21.88 27.45
N PHE H 21 -38.89 -21.41 26.33
CA PHE H 21 -39.56 -21.56 25.04
C PHE H 21 -39.30 -22.96 24.50
N SER H 22 -39.76 -23.22 23.27
CA SER H 22 -39.53 -24.51 22.64
C SER H 22 -39.63 -24.34 21.12
N CYS H 23 -38.47 -24.32 20.45
CA CYS H 23 -38.41 -24.32 18.99
C CYS H 23 -38.15 -25.75 18.55
N ARG H 24 -39.20 -26.57 18.61
CA ARG H 24 -39.10 -27.98 18.27
C ARG H 24 -39.04 -28.15 16.76
N ALA H 25 -37.92 -28.62 16.26
CA ALA H 25 -37.74 -28.78 14.82
C ALA H 25 -38.42 -30.05 14.33
N SER H 26 -38.49 -30.19 13.01
CA SER H 26 -39.02 -31.40 12.39
C SER H 26 -37.89 -32.38 12.05
N GLN H 27 -36.95 -31.93 11.23
CA GLN H 27 -35.79 -32.73 10.88
C GLN H 27 -34.69 -32.52 11.92
N SER H 28 -33.84 -33.53 12.08
CA SER H 28 -32.72 -33.43 13.01
C SER H 28 -31.77 -32.32 12.57
N ILE H 29 -31.58 -31.33 13.45
CA ILE H 29 -30.79 -30.15 13.13
C ILE H 29 -29.40 -30.29 13.73
N GLY H 30 -29.30 -31.04 14.82
CA GLY H 30 -28.05 -31.15 15.52
C GLY H 30 -27.90 -30.06 16.56
N THR H 31 -27.13 -29.02 16.23
CA THR H 31 -27.00 -27.89 17.15
C THR H 31 -26.93 -26.56 16.41
N SER H 32 -27.42 -26.48 15.18
CA SER H 32 -27.33 -25.25 14.39
C SER H 32 -28.68 -24.52 14.43
N ILE H 33 -28.96 -23.91 15.58
CA ILE H 33 -30.16 -23.09 15.76
C ILE H 33 -29.80 -21.89 16.62
N HIS H 34 -30.22 -20.71 16.19
CA HIS H 34 -29.93 -19.46 16.87
C HIS H 34 -31.21 -18.91 17.50
N TRP H 35 -31.08 -17.79 18.21
CA TRP H 35 -32.21 -17.15 18.88
C TRP H 35 -32.08 -15.65 18.77
N TYR H 36 -33.20 -14.97 18.58
CA TYR H 36 -33.23 -13.53 18.41
C TYR H 36 -34.20 -12.92 19.41
N GLN H 37 -34.32 -11.59 19.39
CA GLN H 37 -35.22 -10.88 20.28
C GLN H 37 -35.62 -9.57 19.62
N GLN H 38 -36.84 -9.49 19.13
CA GLN H 38 -37.36 -8.31 18.46
C GLN H 38 -38.41 -7.67 19.35
N LYS H 39 -38.05 -6.54 19.97
CA LYS H 39 -39.00 -5.77 20.73
C LYS H 39 -40.05 -5.16 19.79
N PRO H 40 -41.24 -4.86 20.29
CA PRO H 40 -42.28 -4.27 19.44
C PRO H 40 -41.79 -2.96 18.81
N ASN H 41 -41.98 -2.86 17.49
CA ASN H 41 -41.54 -1.72 16.70
C ASN H 41 -40.03 -1.53 16.83
N GLY H 42 -39.30 -2.56 16.39
CA GLY H 42 -37.84 -2.51 16.44
C GLY H 42 -37.24 -3.65 15.65
N SER H 43 -35.93 -3.58 15.50
CA SER H 43 -35.15 -4.60 14.79
C SER H 43 -34.56 -5.58 15.78
N PRO H 44 -34.59 -6.88 15.47
CA PRO H 44 -34.13 -7.88 16.44
C PRO H 44 -32.63 -7.88 16.66
N ARG H 45 -32.15 -8.75 17.53
CA ARG H 45 -30.73 -8.85 17.84
C ARG H 45 -30.43 -10.28 18.27
N LEU H 46 -29.26 -10.77 17.88
CA LEU H 46 -28.88 -12.14 18.19
C LEU H 46 -28.65 -12.30 19.69
N LEU H 47 -29.14 -13.42 20.22
CA LEU H 47 -29.02 -13.72 21.64
C LEU H 47 -28.09 -14.90 21.91
N ILE H 48 -28.35 -16.05 21.27
CA ILE H 48 -27.61 -17.27 21.53
C ILE H 48 -27.30 -17.94 20.20
N GLN H 49 -26.05 -18.34 20.02
CA GLN H 49 -25.60 -19.00 18.80
C GLN H 49 -25.49 -20.50 19.03
N TYR H 50 -25.84 -21.28 18.00
CA TYR H 50 -25.75 -22.73 18.02
C TYR H 50 -26.47 -23.35 19.21
N ALA H 51 -27.45 -22.63 19.76
CA ALA H 51 -28.33 -23.04 20.85
C ALA H 51 -27.60 -23.19 22.18
N SER H 52 -26.28 -23.06 22.20
CA SER H 52 -25.53 -23.15 23.46
C SER H 52 -24.57 -22.00 23.67
N GLN H 53 -23.94 -21.51 22.60
CA GLN H 53 -22.93 -20.46 22.72
C GLN H 53 -23.61 -19.11 22.81
N SER H 54 -23.50 -18.46 23.96
CA SER H 54 -24.01 -17.10 24.10
C SER H 54 -23.10 -16.13 23.35
N ILE H 55 -23.41 -14.84 23.47
CA ILE H 55 -22.65 -13.78 22.82
C ILE H 55 -22.29 -12.73 23.86
N SER H 56 -21.04 -12.28 23.85
CA SER H 56 -20.62 -11.24 24.76
C SER H 56 -21.33 -9.93 24.44
N GLY H 57 -21.58 -9.15 25.49
CA GLY H 57 -22.29 -7.89 25.38
C GLY H 57 -23.74 -7.91 25.82
N ILE H 58 -24.33 -9.10 25.93
CA ILE H 58 -25.72 -9.24 26.36
C ILE H 58 -25.73 -9.52 27.86
N PRO H 59 -26.85 -9.31 28.54
CA PRO H 59 -26.94 -9.77 29.93
C PRO H 59 -26.86 -11.29 30.00
N SER H 60 -26.06 -11.78 30.94
CA SER H 60 -25.73 -13.20 31.03
C SER H 60 -26.88 -14.06 31.51
N ARG H 61 -28.11 -13.56 31.65
CA ARG H 61 -29.20 -14.40 32.12
C ARG H 61 -29.71 -15.33 31.04
N PHE H 62 -29.61 -14.94 29.77
CA PHE H 62 -30.05 -15.80 28.67
C PHE H 62 -29.15 -17.02 28.57
N SER H 63 -29.72 -18.19 28.79
CA SER H 63 -28.97 -19.46 28.80
C SER H 63 -29.70 -20.46 27.92
N GLY H 64 -29.21 -20.65 26.70
CA GLY H 64 -29.82 -21.60 25.79
C GLY H 64 -29.32 -23.02 26.02
N SER H 65 -29.99 -23.95 25.35
CA SER H 65 -29.67 -25.37 25.44
C SER H 65 -30.38 -26.07 24.29
N GLY H 66 -30.33 -27.39 24.30
CA GLY H 66 -31.02 -28.17 23.28
C GLY H 66 -30.07 -28.85 22.34
N SER H 67 -30.47 -30.04 21.87
CA SER H 67 -29.68 -30.82 20.94
C SER H 67 -30.58 -31.85 20.29
N GLY H 68 -30.41 -32.03 18.97
CA GLY H 68 -31.22 -32.99 18.24
C GLY H 68 -32.41 -32.34 17.55
N THR H 69 -33.61 -32.61 18.05
CA THR H 69 -34.83 -32.01 17.51
C THR H 69 -35.63 -31.28 18.59
N ASP H 70 -35.00 -30.95 19.72
CA ASP H 70 -35.68 -30.28 20.82
C ASP H 70 -34.73 -29.23 21.38
N PHE H 71 -35.02 -27.96 21.10
CA PHE H 71 -34.18 -26.85 21.53
C PHE H 71 -35.03 -25.85 22.29
N THR H 72 -34.40 -25.15 23.24
CA THR H 72 -35.14 -24.26 24.12
C THR H 72 -34.23 -23.16 24.62
N LEU H 73 -34.84 -22.02 24.93
CA LEU H 73 -34.16 -20.89 25.57
C LEU H 73 -34.64 -20.79 27.02
N THR H 74 -33.71 -20.58 27.94
CA THR H 74 -34.01 -20.55 29.37
C THR H 74 -33.55 -19.22 29.96
N ILE H 75 -34.47 -18.25 30.02
CA ILE H 75 -34.23 -17.02 30.78
C ILE H 75 -34.44 -17.36 32.25
N ASN H 76 -33.34 -17.38 33.02
CA ASN H 76 -33.43 -17.84 34.40
C ASN H 76 -34.24 -16.88 35.26
N SER H 77 -34.05 -15.58 35.07
CA SER H 77 -34.76 -14.57 35.86
C SER H 77 -35.26 -13.49 34.91
N VAL H 78 -36.58 -13.47 34.69
CA VAL H 78 -37.18 -12.52 33.75
C VAL H 78 -37.27 -11.14 34.39
N GLU H 79 -37.53 -10.13 33.58
CA GLU H 79 -37.71 -8.76 34.05
C GLU H 79 -38.81 -8.11 33.22
N SER H 80 -39.17 -6.89 33.60
CA SER H 80 -40.19 -6.15 32.86
C SER H 80 -39.68 -5.58 31.54
N GLU H 81 -38.39 -5.71 31.26
CA GLU H 81 -37.80 -5.23 30.02
C GLU H 81 -37.59 -6.35 29.00
N ASP H 82 -38.05 -7.56 29.30
CA ASP H 82 -37.91 -8.69 28.40
C ASP H 82 -39.19 -8.99 27.63
N ILE H 83 -40.10 -8.03 27.54
CA ILE H 83 -41.32 -8.21 26.77
C ILE H 83 -41.00 -8.01 25.30
N ALA H 84 -40.73 -9.09 24.59
CA ALA H 84 -40.34 -9.03 23.18
C ALA H 84 -40.57 -10.38 22.54
N ASP H 85 -40.46 -10.40 21.22
CA ASP H 85 -40.66 -11.62 20.44
C ASP H 85 -39.34 -12.38 20.32
N TYR H 86 -39.41 -13.69 20.53
CA TYR H 86 -38.22 -14.55 20.52
C TYR H 86 -38.34 -15.53 19.36
N TYR H 87 -37.51 -15.34 18.34
CA TYR H 87 -37.50 -16.18 17.16
C TYR H 87 -36.36 -17.19 17.23
N CYS H 88 -36.46 -18.22 16.40
CA CYS H 88 -35.39 -19.19 16.20
C CYS H 88 -35.10 -19.30 14.72
N GLN H 89 -33.87 -19.72 14.40
CA GLN H 89 -33.39 -19.73 13.03
C GLN H 89 -32.72 -21.07 12.74
N HIS H 90 -32.44 -21.30 11.46
CA HIS H 90 -31.75 -22.48 10.99
C HIS H 90 -30.54 -22.08 10.15
N THR H 91 -29.54 -22.95 10.12
CA THR H 91 -28.38 -22.75 9.25
C THR H 91 -27.91 -24.04 8.59
N ASN H 92 -28.68 -25.13 8.67
CA ASN H 92 -28.27 -26.37 8.04
C ASN H 92 -28.17 -26.21 6.52
N GLY H 93 -29.30 -25.95 5.87
CA GLY H 93 -29.35 -25.86 4.44
C GLY H 93 -30.19 -24.69 3.98
N TRP H 94 -30.40 -24.63 2.68
CA TRP H 94 -31.17 -23.52 2.14
C TRP H 94 -32.61 -23.94 1.87
N PRO H 95 -33.59 -23.11 2.23
CA PRO H 95 -33.38 -21.78 2.81
C PRO H 95 -33.26 -21.81 4.34
N TYR H 96 -32.98 -20.65 4.93
CA TYR H 96 -32.87 -20.52 6.39
C TYR H 96 -34.25 -20.21 6.94
N THR H 97 -35.00 -21.25 7.25
CA THR H 97 -36.35 -21.08 7.77
C THR H 97 -36.30 -20.56 9.21
N PHE H 98 -36.99 -19.46 9.45
CA PHE H 98 -37.05 -18.88 10.79
C PHE H 98 -38.05 -19.65 11.65
N GLY H 99 -38.40 -19.08 12.80
CA GLY H 99 -39.41 -19.64 13.67
C GLY H 99 -40.65 -18.78 13.76
N TRP H 100 -41.60 -19.25 14.56
CA TRP H 100 -42.86 -18.55 14.70
C TRP H 100 -42.70 -17.28 15.53
N GLY H 101 -42.16 -17.40 16.74
CA GLY H 101 -41.97 -16.27 17.61
C GLY H 101 -42.94 -16.23 18.76
N ASP H 102 -42.42 -16.29 19.99
CA ASP H 102 -43.24 -16.28 21.18
C ASP H 102 -43.14 -14.93 21.88
N HIS H 103 -44.10 -14.68 22.77
CA HIS H 103 -44.17 -13.43 23.51
C HIS H 103 -44.07 -13.73 25.00
N ALA H 104 -43.20 -13.00 25.69
CA ALA H 104 -43.05 -13.13 27.14
C ALA H 104 -43.92 -12.06 27.79
N GLY H 105 -45.07 -12.48 28.32
CA GLY H 105 -46.01 -11.57 28.94
C GLY H 105 -45.87 -11.58 30.45
N ASN H 106 -45.83 -10.38 31.02
CA ASN H 106 -45.72 -10.19 32.47
C ASN H 106 -46.94 -9.40 32.94
N LYS H 107 -47.78 -10.05 33.75
CA LYS H 107 -49.01 -9.43 34.22
C LYS H 107 -48.96 -9.24 35.73
N PRO H 108 -49.01 -7.99 36.23
CA PRO H 108 -49.06 -7.71 37.66
C PRO H 108 -50.43 -7.99 38.26
N VAL I 1 -24.86 4.07 13.08
CA VAL I 1 -25.96 3.26 12.58
C VAL I 1 -25.42 2.03 11.84
N LYS I 2 -24.43 2.26 10.98
CA LYS I 2 -23.68 1.22 10.29
C LYS I 2 -24.51 0.51 9.22
N LEU I 3 -25.81 0.78 9.16
CA LEU I 3 -26.69 0.12 8.20
C LEU I 3 -27.90 1.02 7.97
N VAL I 4 -27.96 1.65 6.79
CA VAL I 4 -29.08 2.50 6.42
C VAL I 4 -29.63 2.01 5.08
N GLU I 5 -30.95 1.80 5.04
CA GLU I 5 -31.64 1.33 3.85
C GLU I 5 -32.39 2.49 3.20
N SER I 6 -32.71 2.32 1.92
CA SER I 6 -33.41 3.36 1.19
C SER I 6 -34.06 2.74 -0.05
N GLY I 7 -35.31 3.11 -0.29
CA GLY I 7 -36.01 2.66 -1.48
C GLY I 7 -37.30 1.91 -1.20
N GLY I 8 -38.34 2.24 -1.96
CA GLY I 8 -39.59 1.50 -1.90
C GLY I 8 -40.63 2.07 -0.97
N GLY I 9 -41.67 2.66 -1.53
CA GLY I 9 -42.80 3.11 -0.74
C GLY I 9 -44.12 2.56 -1.26
N LEU I 10 -44.18 2.30 -2.56
CA LEU I 10 -45.36 1.76 -3.21
C LEU I 10 -45.00 1.38 -4.64
N VAL I 11 -45.42 0.20 -5.06
CA VAL I 11 -45.13 -0.32 -6.40
C VAL I 11 -46.32 -1.14 -6.87
N LYS I 12 -46.79 -0.84 -8.08
CA LYS I 12 -47.89 -1.59 -8.67
C LYS I 12 -47.52 -3.06 -8.83
N PRO I 13 -48.51 -3.94 -8.92
CA PRO I 13 -48.20 -5.38 -8.96
C PRO I 13 -47.54 -5.80 -10.26
N GLY I 14 -46.22 -5.61 -10.34
CA GLY I 14 -45.48 -5.94 -11.54
C GLY I 14 -44.31 -5.01 -11.80
N GLY I 15 -44.20 -3.94 -11.00
CA GLY I 15 -43.11 -3.00 -11.15
C GLY I 15 -41.79 -3.53 -10.66
N SER I 16 -40.89 -2.63 -10.26
CA SER I 16 -39.57 -3.01 -9.78
C SER I 16 -39.08 -1.98 -8.77
N LEU I 17 -38.01 -2.33 -8.07
CA LEU I 17 -37.46 -1.46 -7.04
C LEU I 17 -35.95 -1.64 -7.00
N LYS I 18 -35.30 -0.91 -6.10
CA LYS I 18 -33.86 -0.98 -5.90
C LYS I 18 -33.55 -0.44 -4.52
N LEU I 19 -33.05 -1.30 -3.64
CA LEU I 19 -32.73 -0.92 -2.27
C LEU I 19 -31.22 -0.79 -2.12
N SER I 20 -30.78 0.27 -1.45
CA SER I 20 -29.35 0.58 -1.38
C SER I 20 -28.66 -0.17 -0.25
N CYS I 21 -29.05 0.09 0.99
CA CYS I 21 -28.52 -0.62 2.16
C CYS I 21 -27.00 -0.45 2.26
N ALA I 22 -26.59 0.79 2.53
CA ALA I 22 -25.17 1.12 2.59
C ALA I 22 -24.64 0.93 4.00
N ALA I 23 -23.48 0.29 4.12
CA ALA I 23 -22.80 0.12 5.39
C ALA I 23 -21.88 1.31 5.66
N SER I 24 -21.42 1.43 6.91
CA SER I 24 -20.65 2.61 7.31
C SER I 24 -19.22 2.27 7.71
N GLY I 25 -19.01 1.41 8.72
CA GLY I 25 -17.70 1.36 9.33
C GLY I 25 -17.09 0.01 9.63
N PHE I 26 -17.41 -1.01 8.85
CA PHE I 26 -16.80 -2.33 8.98
C PHE I 26 -16.17 -2.74 7.65
N ALA I 27 -15.47 -3.87 7.68
CA ALA I 27 -14.81 -4.38 6.48
C ALA I 27 -15.85 -4.97 5.54
N PHE I 28 -16.48 -4.12 4.73
CA PHE I 28 -17.55 -4.57 3.84
C PHE I 28 -17.06 -5.57 2.80
N SER I 29 -15.76 -5.59 2.51
CA SER I 29 -15.23 -6.61 1.60
C SER I 29 -15.44 -8.00 2.18
N THR I 30 -15.21 -8.15 3.48
CA THR I 30 -15.60 -9.35 4.21
C THR I 30 -17.06 -9.23 4.61
N TYR I 31 -17.53 -10.09 5.52
CA TYR I 31 -18.86 -10.00 6.10
C TYR I 31 -19.95 -10.09 5.02
N ASP I 32 -20.05 -11.27 4.42
CA ASP I 32 -21.09 -11.56 3.46
C ASP I 32 -22.47 -11.19 4.01
N MET I 33 -23.17 -10.31 3.32
CA MET I 33 -24.44 -9.79 3.80
C MET I 33 -25.59 -10.71 3.39
N SER I 34 -26.80 -10.30 3.71
CA SER I 34 -28.02 -11.02 3.34
C SER I 34 -29.18 -10.04 3.36
N TRP I 35 -30.38 -10.55 3.15
CA TRP I 35 -31.61 -9.77 3.29
C TRP I 35 -32.63 -10.61 4.03
N VAL I 36 -33.39 -9.96 4.92
CA VAL I 36 -34.42 -10.63 5.70
C VAL I 36 -35.66 -9.76 5.70
N ARG I 37 -36.80 -10.34 5.32
CA ARG I 37 -38.06 -9.60 5.27
C ARG I 37 -38.94 -9.96 6.46
N GLN I 38 -39.75 -8.99 6.87
CA GLN I 38 -40.79 -9.22 7.86
C GLN I 38 -42.09 -9.58 7.12
N THR I 39 -43.23 -9.52 7.81
CA THR I 39 -44.52 -9.77 7.18
C THR I 39 -45.57 -9.18 8.11
N PRO I 40 -46.64 -8.56 7.59
CA PRO I 40 -47.66 -7.97 8.47
C PRO I 40 -48.21 -8.90 9.55
N GLU I 41 -47.94 -10.20 9.45
CA GLU I 41 -48.24 -11.13 10.53
C GLU I 41 -47.07 -11.31 11.48
N LYS I 42 -46.05 -10.45 11.39
CA LYS I 42 -44.88 -10.49 12.28
C LYS I 42 -44.14 -11.81 12.18
N ARG I 43 -43.96 -12.31 10.96
CA ARG I 43 -43.14 -13.48 10.70
C ARG I 43 -42.03 -13.10 9.74
N LEU I 44 -40.83 -13.63 10.00
CA LEU I 44 -39.65 -13.28 9.23
C LEU I 44 -39.36 -14.37 8.19
N GLU I 45 -38.86 -13.94 7.03
CA GLU I 45 -38.53 -14.84 5.95
C GLU I 45 -37.15 -14.52 5.41
N TRP I 46 -36.51 -15.51 4.79
CA TRP I 46 -35.15 -15.36 4.27
C TRP I 46 -35.20 -14.98 2.80
N VAL I 47 -34.31 -14.06 2.41
CA VAL I 47 -34.26 -13.59 1.02
C VAL I 47 -32.82 -13.28 0.62
N ALA I 48 -32.33 -13.94 -0.43
CA ALA I 48 -31.19 -13.49 -1.23
C ALA I 48 -29.92 -13.33 -0.39
N THR I 49 -29.39 -14.46 0.05
CA THR I 49 -28.06 -14.48 0.65
C THR I 49 -27.01 -14.07 -0.38
N ILE I 50 -25.88 -13.55 0.11
CA ILE I 50 -24.75 -13.22 -0.75
C ILE I 50 -23.47 -13.69 -0.09
N SER I 51 -22.42 -13.82 -0.90
CA SER I 51 -21.11 -14.24 -0.43
C SER I 51 -20.21 -13.04 -0.23
N GLY I 52 -18.92 -13.29 -0.01
CA GLY I 52 -17.95 -12.23 0.22
C GLY I 52 -17.72 -11.34 -0.97
N GLY I 53 -17.14 -11.90 -2.04
CA GLY I 53 -16.88 -11.10 -3.23
C GLY I 53 -18.15 -10.78 -4.01
N GLY I 54 -19.09 -11.71 -4.04
CA GLY I 54 -20.33 -11.54 -4.75
C GLY I 54 -20.59 -12.57 -5.84
N SER I 55 -19.64 -13.47 -6.11
CA SER I 55 -19.84 -14.45 -7.16
C SER I 55 -20.75 -15.60 -6.72
N TYR I 56 -21.01 -15.74 -5.44
CA TYR I 56 -21.88 -16.79 -4.91
C TYR I 56 -23.09 -16.13 -4.28
N THR I 57 -24.27 -16.34 -4.89
CA THR I 57 -25.52 -15.86 -4.34
C THR I 57 -26.48 -17.03 -4.15
N TYR I 58 -27.32 -16.95 -3.13
CA TYR I 58 -28.29 -17.98 -2.81
C TYR I 58 -29.65 -17.33 -2.58
N TYR I 59 -30.70 -17.98 -3.06
CA TYR I 59 -32.05 -17.47 -2.96
C TYR I 59 -32.98 -18.56 -2.43
N PRO I 60 -34.08 -18.17 -1.78
CA PRO I 60 -35.03 -19.17 -1.31
C PRO I 60 -35.83 -19.75 -2.47
N ASP I 61 -36.57 -20.82 -2.15
CA ASP I 61 -37.39 -21.48 -3.16
C ASP I 61 -38.53 -20.60 -3.63
N ILE I 62 -39.05 -19.74 -2.75
CA ILE I 62 -40.19 -18.89 -3.10
C ILE I 62 -39.77 -17.83 -4.11
N VAL I 63 -38.59 -17.27 -3.95
CA VAL I 63 -38.09 -16.20 -4.81
C VAL I 63 -36.78 -16.70 -5.41
N LYS I 64 -36.84 -17.24 -6.63
CA LYS I 64 -35.66 -17.72 -7.34
C LYS I 64 -35.68 -17.13 -8.73
N GLY I 65 -34.62 -16.39 -9.08
CA GLY I 65 -34.56 -15.68 -10.35
C GLY I 65 -35.43 -14.45 -10.44
N ARG I 66 -36.38 -14.29 -9.52
CA ARG I 66 -37.23 -13.11 -9.54
C ARG I 66 -36.55 -11.91 -8.90
N PHE I 67 -35.71 -12.14 -7.89
CA PHE I 67 -34.89 -11.11 -7.27
C PHE I 67 -33.42 -11.33 -7.64
N THR I 68 -32.64 -10.27 -7.58
CA THR I 68 -31.22 -10.33 -7.88
C THR I 68 -30.50 -9.26 -7.06
N ILE I 69 -29.66 -9.69 -6.13
CA ILE I 69 -28.88 -8.77 -5.33
C ILE I 69 -27.56 -8.50 -6.03
N SER I 70 -26.90 -7.42 -5.63
CA SER I 70 -25.59 -7.06 -6.16
C SER I 70 -24.83 -6.29 -5.09
N ARG I 71 -23.68 -6.81 -4.70
CA ARG I 71 -22.83 -6.12 -3.73
C ARG I 71 -21.87 -5.20 -4.46
N ASP I 72 -21.62 -4.03 -3.88
CA ASP I 72 -20.81 -2.99 -4.47
C ASP I 72 -19.69 -2.60 -3.52
N ASN I 73 -18.96 -3.60 -3.02
CA ASN I 73 -17.79 -3.35 -2.18
C ASN I 73 -16.84 -2.39 -2.86
N ALA I 74 -16.07 -1.68 -2.05
CA ALA I 74 -15.32 -0.46 -2.34
C ALA I 74 -16.27 0.75 -2.42
N ARG I 75 -17.58 0.53 -2.34
CA ARG I 75 -18.55 1.60 -2.15
C ARG I 75 -19.48 1.34 -0.98
N ASN I 76 -19.43 0.15 -0.38
CA ASN I 76 -20.24 -0.22 0.78
C ASN I 76 -21.73 -0.08 0.46
N THR I 77 -22.18 -0.95 -0.45
CA THR I 77 -23.57 -0.96 -0.87
C THR I 77 -23.99 -2.39 -1.19
N LEU I 78 -25.26 -2.70 -0.97
CA LEU I 78 -25.81 -4.04 -1.11
C LEU I 78 -27.10 -4.00 -1.93
N TYR I 79 -27.03 -3.38 -3.11
CA TYR I 79 -28.19 -3.24 -3.98
C TYR I 79 -28.99 -4.54 -4.09
N LEU I 80 -30.31 -4.41 -4.03
CA LEU I 80 -31.24 -5.50 -4.29
C LEU I 80 -32.23 -5.02 -5.34
N GLN I 81 -32.23 -5.68 -6.50
CA GLN I 81 -33.09 -5.31 -7.60
C GLN I 81 -34.30 -6.24 -7.62
N MET I 82 -35.45 -5.73 -7.17
CA MET I 82 -36.68 -6.49 -7.22
C MET I 82 -37.26 -6.44 -8.63
N SER I 83 -38.08 -7.44 -8.94
CA SER I 83 -38.67 -7.55 -10.27
C SER I 83 -39.89 -8.44 -10.19
N SER I 84 -40.92 -8.09 -10.96
CA SER I 84 -42.17 -8.86 -11.05
C SER I 84 -42.77 -9.06 -9.65
N LEU I 85 -43.07 -7.94 -9.00
CA LEU I 85 -43.61 -7.96 -7.65
C LEU I 85 -45.07 -8.39 -7.69
N ARG I 86 -45.38 -9.47 -6.95
CA ARG I 86 -46.74 -9.95 -6.86
C ARG I 86 -47.52 -9.12 -5.83
N SER I 87 -48.76 -9.52 -5.58
CA SER I 87 -49.57 -8.84 -4.57
C SER I 87 -48.95 -8.98 -3.18
N GLU I 88 -48.17 -10.04 -2.96
CA GLU I 88 -47.44 -10.23 -1.73
C GLU I 88 -46.18 -9.37 -1.75
N ASP I 89 -45.24 -9.67 -0.84
CA ASP I 89 -43.93 -9.01 -0.79
C ASP I 89 -44.06 -7.56 -0.31
N THR I 90 -44.97 -7.32 0.63
CA THR I 90 -45.12 -6.03 1.29
C THR I 90 -44.61 -6.21 2.71
N ALA I 91 -43.36 -5.84 2.93
CA ALA I 91 -42.69 -6.19 4.19
C ALA I 91 -41.69 -5.11 4.54
N LEU I 92 -40.76 -5.44 5.45
CA LEU I 92 -39.76 -4.50 5.96
C LEU I 92 -38.43 -4.59 5.24
N TYR I 93 -37.96 -5.80 4.93
CA TYR I 93 -36.73 -6.02 4.16
C TYR I 93 -35.52 -5.38 4.86
N PHE I 94 -35.20 -5.94 6.02
CA PHE I 94 -34.03 -5.51 6.78
C PHE I 94 -32.75 -5.89 6.04
N CYS I 95 -31.62 -5.46 6.61
CA CYS I 95 -30.29 -5.90 6.18
C CYS I 95 -29.61 -6.55 7.37
N VAL I 96 -28.77 -7.55 7.10
CA VAL I 96 -28.06 -8.24 8.15
C VAL I 96 -26.62 -8.48 7.74
N ARG I 97 -25.72 -8.34 8.69
CA ARG I 97 -24.36 -8.85 8.55
C ARG I 97 -24.39 -10.33 8.92
N GLN I 98 -23.23 -10.93 9.09
CA GLN I 98 -23.13 -12.27 9.62
C GLN I 98 -22.03 -12.31 10.67
N TYR I 99 -22.32 -13.00 11.78
CA TYR I 99 -21.38 -13.08 12.89
C TYR I 99 -20.06 -13.67 12.39
N TYR I 100 -18.99 -12.89 12.51
CA TYR I 100 -17.65 -13.24 12.04
C TYR I 100 -17.60 -13.27 10.51
N GLY I 101 -18.71 -12.94 9.86
CA GLY I 101 -18.73 -12.86 8.41
C GLY I 101 -18.95 -14.18 7.74
N SER I 102 -19.87 -15.00 8.27
CA SER I 102 -20.11 -16.32 7.72
C SER I 102 -21.60 -16.62 7.75
N SER I 103 -22.13 -17.11 6.64
CA SER I 103 -23.56 -17.40 6.57
C SER I 103 -23.93 -18.59 7.46
N ASN I 104 -22.97 -19.48 7.74
CA ASN I 104 -23.23 -20.61 8.61
C ASN I 104 -23.52 -20.20 10.04
N TYR I 105 -23.24 -18.96 10.41
CA TYR I 105 -23.45 -18.46 11.77
C TYR I 105 -24.69 -17.58 11.81
N GLY I 106 -24.98 -17.05 13.00
CA GLY I 106 -26.11 -16.17 13.17
C GLY I 106 -25.85 -14.80 12.60
N MET I 107 -26.90 -13.97 12.63
CA MET I 107 -26.84 -12.62 12.08
C MET I 107 -26.36 -11.64 13.15
N ASP I 108 -25.39 -10.80 12.77
CA ASP I 108 -24.73 -9.95 13.75
C ASP I 108 -25.68 -8.87 14.27
N TYR I 109 -26.13 -7.97 13.39
CA TYR I 109 -27.07 -6.94 13.79
C TYR I 109 -27.79 -6.41 12.57
N TRP I 110 -29.06 -6.07 12.74
CA TRP I 110 -29.94 -5.75 11.63
C TRP I 110 -30.10 -4.24 11.50
N GLY I 111 -30.53 -3.82 10.32
CA GLY I 111 -30.74 -2.42 10.02
C GLY I 111 -32.10 -1.93 10.49
N GLN I 112 -32.59 -0.89 9.82
CA GLN I 112 -33.89 -0.32 10.16
C GLN I 112 -35.01 -0.85 9.27
N GLY I 113 -34.73 -1.12 8.00
CA GLY I 113 -35.72 -1.69 7.11
C GLY I 113 -36.65 -0.67 6.49
N THR I 114 -36.83 -0.74 5.18
CA THR I 114 -37.76 0.11 4.47
C THR I 114 -39.17 -0.45 4.63
N SER I 115 -40.11 0.06 3.83
CA SER I 115 -41.47 -0.46 3.82
C SER I 115 -41.97 -0.50 2.38
N VAL I 116 -42.03 -1.71 1.83
CA VAL I 116 -42.50 -1.93 0.46
C VAL I 116 -43.98 -2.27 0.51
N THR I 117 -44.74 -1.79 -0.46
CA THR I 117 -46.17 -2.06 -0.53
C THR I 117 -46.56 -2.27 -1.98
N VAL I 118 -47.51 -3.16 -2.21
CA VAL I 118 -47.99 -3.48 -3.56
C VAL I 118 -49.46 -3.13 -3.63
N SER I 119 -49.80 -2.14 -4.45
CA SER I 119 -51.18 -1.70 -4.60
C SER I 119 -51.97 -2.69 -5.45
N ASP J 1 30.62 25.92 25.44
CA ASP J 1 30.44 25.67 24.03
C ASP J 1 31.65 26.14 23.22
N ILE J 2 31.47 26.27 21.91
CA ILE J 2 32.52 26.70 21.00
C ILE J 2 32.10 28.04 20.40
N LEU J 3 33.03 28.99 20.37
CA LEU J 3 32.79 30.32 19.85
C LEU J 3 33.43 30.48 18.47
N LEU J 4 32.94 31.44 17.72
CA LEU J 4 33.42 31.73 16.37
C LEU J 4 34.18 33.04 16.35
N THR J 5 35.35 33.04 15.73
CA THR J 5 36.15 34.24 15.53
C THR J 5 36.34 34.40 14.03
N GLN J 6 35.38 35.08 13.39
CA GLN J 6 35.44 35.31 11.95
C GLN J 6 36.19 36.62 11.72
N SER J 7 37.52 36.51 11.61
CA SER J 7 38.38 37.67 11.42
C SER J 7 39.02 37.61 10.04
N PRO J 8 39.03 38.72 9.29
CA PRO J 8 38.48 40.01 9.71
C PRO J 8 36.99 40.10 9.45
N SER J 9 36.44 41.31 9.43
CA SER J 9 35.01 41.52 9.22
C SER J 9 34.69 42.13 7.87
N ILE J 10 35.70 42.48 7.07
CA ILE J 10 35.48 43.11 5.78
C ILE J 10 36.65 42.77 4.87
N LEU J 11 36.34 42.45 3.61
CA LEU J 11 37.35 42.10 2.61
C LEU J 11 37.10 42.95 1.36
N SER J 12 37.73 44.12 1.29
CA SER J 12 37.65 44.97 0.11
C SER J 12 38.66 44.45 -0.91
N VAL J 13 38.15 43.79 -1.95
CA VAL J 13 38.98 43.11 -2.94
C VAL J 13 38.50 43.48 -4.33
N SER J 14 39.45 43.76 -5.22
CA SER J 14 39.10 44.06 -6.60
C SER J 14 38.63 42.78 -7.31
N PRO J 15 37.69 42.90 -8.25
CA PRO J 15 37.18 41.71 -8.94
C PRO J 15 38.29 41.01 -9.71
N GLY J 16 38.27 39.68 -9.65
CA GLY J 16 39.28 38.86 -10.29
C GLY J 16 40.51 38.67 -9.43
N GLU J 17 40.31 38.18 -8.21
CA GLU J 17 41.41 37.93 -7.28
C GLU J 17 40.92 36.99 -6.20
N ARG J 18 41.83 36.16 -5.71
CA ARG J 18 41.47 35.17 -4.68
C ARG J 18 41.28 35.86 -3.33
N VAL J 19 40.25 35.41 -2.60
CA VAL J 19 39.98 35.90 -1.26
C VAL J 19 40.02 34.72 -0.29
N SER J 20 40.18 35.03 0.99
CA SER J 20 40.28 33.99 2.01
C SER J 20 39.74 34.55 3.33
N PHE J 21 38.61 34.03 3.76
CA PHE J 21 38.06 34.34 5.07
C PHE J 21 38.79 33.51 6.12
N SER J 22 38.36 33.60 7.37
CA SER J 22 38.97 32.79 8.43
C SER J 22 37.98 32.65 9.57
N CYS J 23 37.37 31.48 9.71
CA CYS J 23 36.55 31.16 10.87
C CYS J 23 37.37 30.35 11.86
N ARG J 24 38.32 31.05 12.49
CA ARG J 24 39.22 30.43 13.47
C ARG J 24 38.40 30.02 14.70
N ALA J 25 38.24 28.72 14.90
CA ALA J 25 37.44 28.22 16.00
C ALA J 25 38.16 28.43 17.33
N SER J 26 37.48 28.07 18.42
CA SER J 26 38.05 28.14 19.75
C SER J 26 38.56 26.78 20.22
N GLN J 27 37.68 25.79 20.25
CA GLN J 27 38.03 24.43 20.62
C GLN J 27 38.31 23.61 19.36
N SER J 28 39.22 22.66 19.48
CA SER J 28 39.56 21.79 18.36
C SER J 28 38.35 20.96 17.94
N ILE J 29 37.81 21.23 16.75
CA ILE J 29 36.63 20.56 16.25
C ILE J 29 36.98 19.36 15.38
N GLY J 30 37.98 19.52 14.50
CA GLY J 30 38.23 18.52 13.50
C GLY J 30 37.94 19.06 12.11
N THR J 31 36.85 18.57 11.49
CA THR J 31 36.48 19.07 10.18
C THR J 31 34.98 19.26 10.02
N SER J 32 34.25 19.50 11.10
CA SER J 32 32.79 19.68 11.04
C SER J 32 32.48 21.18 11.07
N ILE J 33 32.71 21.83 9.94
CA ILE J 33 32.43 23.26 9.78
C ILE J 33 31.88 23.49 8.39
N HIS J 34 30.78 24.23 8.29
CA HIS J 34 30.12 24.52 7.03
C HIS J 34 30.28 26.00 6.70
N TRP J 35 29.83 26.38 5.50
CA TRP J 35 29.92 27.76 5.04
C TRP J 35 28.66 28.12 4.28
N TYR J 36 28.11 29.28 4.57
CA TYR J 36 26.87 29.75 3.95
C TYR J 36 27.15 31.04 3.17
N GLN J 37 26.09 31.58 2.56
CA GLN J 37 26.20 32.83 1.81
C GLN J 37 24.83 33.49 1.77
N GLN J 38 24.68 34.60 2.49
CA GLN J 38 23.42 35.33 2.56
C GLN J 38 23.61 36.69 1.89
N LYS J 39 23.04 36.84 0.69
CA LYS J 39 23.03 38.14 0.03
C LYS J 39 22.15 39.11 0.82
N PRO J 40 22.40 40.41 0.69
CA PRO J 40 21.58 41.39 1.41
C PRO J 40 20.10 41.25 1.06
N ASN J 41 19.27 41.21 2.10
CA ASN J 41 17.83 41.01 1.97
C ASN J 41 17.52 39.69 1.25
N GLY J 42 17.95 38.60 1.86
CA GLY J 42 17.72 37.28 1.31
C GLY J 42 18.03 36.20 2.32
N SER J 43 17.68 34.98 1.96
CA SER J 43 17.92 33.78 2.76
C SER J 43 19.25 33.14 2.35
N PRO J 44 20.05 32.72 3.33
CA PRO J 44 21.38 32.18 3.00
C PRO J 44 21.29 30.88 2.21
N ARG J 45 22.46 30.45 1.72
CA ARG J 45 22.56 29.25 0.91
C ARG J 45 23.84 28.53 1.26
N LEU J 46 23.76 27.22 1.46
CA LEU J 46 24.94 26.44 1.83
C LEU J 46 25.92 26.41 0.67
N LEU J 47 27.21 26.52 0.99
CA LEU J 47 28.27 26.53 -0.01
C LEU J 47 29.17 25.32 0.10
N ILE J 48 29.76 25.08 1.27
CA ILE J 48 30.76 24.03 1.46
C ILE J 48 30.43 23.29 2.76
N GLN J 49 30.42 21.96 2.68
CA GLN J 49 30.17 21.13 3.85
C GLN J 49 31.45 20.51 4.36
N TYR J 50 31.54 20.39 5.69
CA TYR J 50 32.68 19.77 6.37
C TYR J 50 34.00 20.44 6.00
N ALA J 51 33.94 21.69 5.54
CA ALA J 51 35.07 22.55 5.20
C ALA J 51 35.85 22.05 3.98
N SER J 52 35.51 20.90 3.43
CA SER J 52 36.19 20.40 2.23
C SER J 52 35.24 19.98 1.12
N GLN J 53 34.10 19.38 1.48
CA GLN J 53 33.17 18.86 0.49
C GLN J 53 32.28 19.98 -0.04
N SER J 54 32.34 20.22 -1.34
CA SER J 54 31.47 21.20 -1.97
C SER J 54 30.09 20.57 -2.18
N ILE J 55 29.22 21.26 -2.90
CA ILE J 55 27.87 20.78 -3.17
C ILE J 55 27.55 20.94 -4.64
N SER J 56 26.87 19.96 -5.22
CA SER J 56 26.45 20.04 -6.62
C SER J 56 25.52 21.24 -6.84
N GLY J 57 25.45 21.67 -8.09
CA GLY J 57 24.69 22.85 -8.45
C GLY J 57 25.35 24.16 -8.07
N ILE J 58 26.58 24.12 -7.55
CA ILE J 58 27.31 25.31 -7.13
C ILE J 58 28.53 25.46 -8.01
N PRO J 59 28.84 26.68 -8.49
CA PRO J 59 30.07 26.86 -9.28
C PRO J 59 31.29 26.48 -8.47
N SER J 60 32.24 25.81 -9.14
CA SER J 60 33.44 25.27 -8.48
C SER J 60 34.41 26.33 -8.04
N ARG J 61 34.07 27.63 -8.12
CA ARG J 61 34.97 28.67 -7.65
C ARG J 61 35.18 28.57 -6.14
N PHE J 62 34.11 28.32 -5.40
CA PHE J 62 34.21 28.20 -3.95
C PHE J 62 34.92 26.90 -3.59
N SER J 63 36.06 27.01 -2.92
CA SER J 63 36.87 25.85 -2.56
C SER J 63 37.35 26.01 -1.13
N GLY J 64 36.66 25.36 -0.19
CA GLY J 64 37.03 25.46 1.20
C GLY J 64 38.19 24.57 1.56
N SER J 65 38.68 24.76 2.79
CA SER J 65 39.81 23.99 3.31
C SER J 65 39.85 24.20 4.82
N GLY J 66 40.90 23.71 5.45
CA GLY J 66 41.09 23.92 6.87
C GLY J 66 40.84 22.65 7.66
N SER J 67 41.55 22.53 8.78
CA SER J 67 41.42 21.38 9.66
C SER J 67 42.03 21.74 11.01
N GLY J 68 41.35 21.33 12.08
CA GLY J 68 41.83 21.62 13.42
C GLY J 68 41.14 22.82 14.05
N THR J 69 41.85 23.95 14.09
CA THR J 69 41.30 25.19 14.62
C THR J 69 41.44 26.36 13.65
N ASP J 70 41.84 26.10 12.41
CA ASP J 70 42.04 27.15 11.40
C ASP J 70 41.33 26.71 10.12
N PHE J 71 40.22 27.36 9.80
CA PHE J 71 39.42 27.02 8.64
C PHE J 71 39.19 28.26 7.81
N THR J 72 39.13 28.06 6.49
CA THR J 72 39.05 29.20 5.58
C THR J 72 38.34 28.80 4.30
N LEU J 73 37.65 29.76 3.71
CA LEU J 73 37.04 29.62 2.40
C LEU J 73 37.90 30.36 1.37
N THR J 74 38.12 29.73 0.22
CA THR J 74 39.01 30.27 -0.82
C THR J 74 38.23 30.40 -2.12
N ILE J 75 37.65 31.56 -2.36
CA ILE J 75 37.09 31.89 -3.67
C ILE J 75 38.25 32.21 -4.59
N ASN J 76 38.47 31.37 -5.60
CA ASN J 76 39.65 31.51 -6.44
C ASN J 76 39.61 32.80 -7.25
N SER J 77 38.46 33.11 -7.85
CA SER J 77 38.32 34.29 -8.68
C SER J 77 36.99 34.95 -8.35
N VAL J 78 37.05 36.11 -7.70
CA VAL J 78 35.82 36.79 -7.28
C VAL J 78 35.14 37.44 -8.48
N GLU J 79 33.86 37.77 -8.29
CA GLU J 79 33.09 38.48 -9.30
C GLU J 79 32.24 39.53 -8.59
N SER J 80 31.60 40.38 -9.39
CA SER J 80 30.74 41.43 -8.84
C SER J 80 29.42 40.89 -8.30
N GLU J 81 29.14 39.60 -8.52
CA GLU J 81 27.92 38.97 -8.03
C GLU J 81 28.14 38.21 -6.72
N ASP J 82 29.32 38.33 -6.12
CA ASP J 82 29.64 37.64 -4.87
C ASP J 82 29.66 38.57 -3.68
N ILE J 83 28.99 39.71 -3.77
CA ILE J 83 28.89 40.65 -2.65
C ILE J 83 27.81 40.11 -1.71
N ALA J 84 28.22 39.36 -0.69
CA ALA J 84 27.27 38.74 0.24
C ALA J 84 28.00 38.41 1.52
N ASP J 85 27.22 38.02 2.54
CA ASP J 85 27.74 37.68 3.85
C ASP J 85 28.07 36.20 3.90
N TYR J 86 29.26 35.87 4.39
CA TYR J 86 29.76 34.50 4.43
C TYR J 86 29.86 34.06 5.89
N TYR J 87 28.91 33.25 6.34
CA TYR J 87 28.89 32.75 7.70
C TYR J 87 29.61 31.41 7.79
N CYS J 88 29.61 30.83 8.98
CA CYS J 88 30.17 29.51 9.21
C CYS J 88 29.52 28.90 10.44
N GLN J 89 29.41 27.58 10.45
CA GLN J 89 28.67 26.85 11.47
C GLN J 89 29.56 25.82 12.13
N HIS J 90 29.19 25.44 13.35
CA HIS J 90 29.88 24.39 14.10
C HIS J 90 28.85 23.32 14.45
N THR J 91 28.81 22.25 13.67
CA THR J 91 27.89 21.14 13.91
C THR J 91 28.55 20.00 14.67
N ASN J 92 29.52 20.30 15.52
CA ASN J 92 30.16 19.25 16.32
C ASN J 92 29.24 18.79 17.44
N GLY J 93 28.55 19.72 18.09
CA GLY J 93 27.68 19.38 19.20
C GLY J 93 26.81 20.55 19.56
N TRP J 94 25.83 20.27 20.41
CA TRP J 94 24.91 21.30 20.84
C TRP J 94 25.62 22.27 21.78
N PRO J 95 25.47 23.59 21.59
CA PRO J 95 24.65 24.19 20.54
C PRO J 95 25.41 24.45 19.24
N TYR J 96 24.67 24.66 18.15
CA TYR J 96 25.26 24.96 16.85
C TYR J 96 25.48 26.46 16.76
N THR J 97 26.69 26.90 17.09
CA THR J 97 27.01 28.32 17.10
C THR J 97 27.42 28.75 15.70
N PHE J 98 26.66 29.69 15.12
CA PHE J 98 27.00 30.24 13.82
C PHE J 98 28.22 31.15 13.94
N GLY J 99 28.60 31.77 12.83
CA GLY J 99 29.72 32.67 12.78
C GLY J 99 29.30 34.14 12.72
N TRP J 100 30.30 35.00 12.58
CA TRP J 100 30.05 36.43 12.54
C TRP J 100 29.55 36.88 11.18
N GLY J 101 30.29 36.56 10.13
CA GLY J 101 29.91 36.94 8.78
C GLY J 101 30.75 38.07 8.22
N ASP J 102 31.35 37.85 7.05
CA ASP J 102 32.20 38.83 6.41
C ASP J 102 31.60 39.28 5.09
N HIS J 103 32.09 40.41 4.60
CA HIS J 103 31.65 40.97 3.33
C HIS J 103 32.76 40.86 2.29
N ALA J 104 32.36 40.70 1.04
CA ALA J 104 33.28 40.67 -0.09
C ALA J 104 33.06 41.97 -0.86
N GLY J 105 33.79 43.02 -0.47
CA GLY J 105 33.63 44.32 -1.08
C GLY J 105 34.48 44.44 -2.34
N ASN J 106 33.85 44.90 -3.42
CA ASN J 106 34.53 45.13 -4.69
C ASN J 106 34.39 46.61 -5.05
N LYS J 107 35.52 47.32 -5.04
CA LYS J 107 35.52 48.75 -5.30
C LYS J 107 36.22 49.04 -6.62
N PRO J 108 35.55 49.63 -7.60
CA PRO J 108 36.16 50.05 -8.86
C PRO J 108 36.99 51.32 -8.72
N VAL K 1 8.06 26.66 -3.95
CA VAL K 1 8.66 27.35 -2.81
C VAL K 1 9.20 26.34 -1.80
N LYS K 2 8.40 25.31 -1.51
CA LYS K 2 8.78 24.18 -0.68
C LYS K 2 8.90 24.55 0.80
N LEU K 3 8.84 25.84 1.11
CA LEU K 3 9.00 26.30 2.50
C LEU K 3 8.34 27.66 2.64
N VAL K 4 7.20 27.70 3.32
CA VAL K 4 6.51 28.95 3.63
C VAL K 4 6.15 28.95 5.11
N GLU K 5 6.51 30.02 5.80
CA GLU K 5 6.25 30.16 7.23
C GLU K 5 5.24 31.29 7.45
N SER K 6 4.12 30.96 8.08
CA SER K 6 3.07 31.92 8.36
C SER K 6 2.93 32.11 9.87
N GLY K 7 2.62 33.33 10.26
CA GLY K 7 2.45 33.65 11.67
C GLY K 7 3.61 34.45 12.19
N GLY K 8 3.31 35.36 13.12
CA GLY K 8 4.34 36.15 13.78
C GLY K 8 4.30 37.62 13.39
N GLY K 9 3.72 38.44 14.26
CA GLY K 9 3.68 39.87 14.04
C GLY K 9 4.32 40.63 15.19
N LEU K 10 3.50 41.39 15.91
CA LEU K 10 3.94 42.09 17.12
C LEU K 10 3.23 41.48 18.32
N VAL K 11 3.99 41.27 19.40
CA VAL K 11 3.49 40.61 20.60
C VAL K 11 4.07 41.30 21.82
N LYS K 12 3.22 41.62 22.79
CA LYS K 12 3.66 42.27 24.02
C LYS K 12 4.71 41.41 24.73
N PRO K 13 5.55 42.03 25.57
CA PRO K 13 6.63 41.26 26.21
C PRO K 13 6.12 40.27 27.23
N GLY K 14 5.71 39.09 26.77
CA GLY K 14 5.15 38.08 27.65
C GLY K 14 4.06 37.26 26.98
N GLY K 15 3.65 37.65 25.78
CA GLY K 15 2.65 36.93 25.03
C GLY K 15 3.15 35.63 24.46
N SER K 16 2.55 35.21 23.34
CA SER K 16 2.94 33.96 22.71
C SER K 16 2.55 34.01 21.23
N LEU K 17 3.20 33.15 20.45
CA LEU K 17 2.95 33.03 19.02
C LEU K 17 3.07 31.56 18.63
N LYS K 18 2.80 31.29 17.35
CA LYS K 18 2.95 29.93 16.82
C LYS K 18 3.22 30.04 15.33
N LEU K 19 4.49 29.93 14.95
CA LEU K 19 4.85 29.92 13.54
C LEU K 19 4.46 28.58 12.92
N SER K 20 4.44 28.53 11.59
CA SER K 20 3.92 27.37 10.88
C SER K 20 4.99 26.62 10.10
N CYS K 21 5.67 27.28 9.16
CA CYS K 21 6.66 26.65 8.28
C CYS K 21 6.11 25.39 7.61
N ALA K 22 5.12 25.62 6.75
CA ALA K 22 4.56 24.52 5.95
C ALA K 22 5.48 24.22 4.78
N ALA K 23 5.84 22.94 4.63
CA ALA K 23 6.77 22.49 3.60
C ALA K 23 6.06 21.49 2.69
N SER K 24 6.14 21.72 1.38
CA SER K 24 5.47 20.86 0.41
C SER K 24 6.37 20.60 -0.79
N GLY K 25 7.65 20.32 -0.55
CA GLY K 25 8.54 20.03 -1.65
C GLY K 25 9.20 18.66 -1.61
N PHE K 26 9.46 18.16 -0.41
CA PHE K 26 10.18 16.90 -0.24
C PHE K 26 9.44 15.94 0.68
N ALA K 27 10.08 14.82 1.04
CA ALA K 27 9.53 13.91 2.03
C ALA K 27 9.66 14.52 3.41
N PHE K 28 8.53 14.69 4.09
CA PHE K 28 8.54 15.33 5.40
C PHE K 28 8.70 14.36 6.56
N SER K 29 8.36 13.08 6.35
CA SER K 29 8.61 12.09 7.40
C SER K 29 10.09 12.00 7.71
N THR K 30 10.93 11.99 6.68
CA THR K 30 12.37 12.13 6.83
C THR K 30 12.70 13.61 6.98
N TYR K 31 13.98 13.96 6.86
CA TYR K 31 14.43 15.35 6.82
C TYR K 31 14.04 16.11 8.09
N ASP K 32 14.66 15.72 9.19
CA ASP K 32 14.48 16.43 10.45
C ASP K 32 14.82 17.91 10.26
N MET K 33 13.87 18.77 10.60
CA MET K 33 14.00 20.20 10.35
C MET K 33 14.39 20.92 11.64
N SER K 34 14.50 22.24 11.54
CA SER K 34 14.93 23.06 12.67
C SER K 34 14.50 24.50 12.41
N TRP K 35 14.88 25.39 13.32
CA TRP K 35 14.61 26.81 13.21
C TRP K 35 15.89 27.59 13.46
N VAL K 36 16.07 28.68 12.72
CA VAL K 36 17.25 29.54 12.85
C VAL K 36 16.78 30.98 12.83
N ARG K 37 17.25 31.78 13.78
CA ARG K 37 16.82 33.16 13.93
C ARG K 37 17.83 34.12 13.30
N GLN K 38 17.33 35.29 12.93
CA GLN K 38 18.17 36.42 12.55
C GLN K 38 18.40 37.28 13.79
N THR K 39 18.91 38.49 13.60
CA THR K 39 19.08 39.47 14.68
C THR K 39 19.34 40.82 14.02
N PRO K 40 18.77 41.92 14.54
CA PRO K 40 18.97 43.23 13.91
C PRO K 40 20.43 43.62 13.69
N GLU K 41 21.37 42.91 14.31
CA GLU K 41 22.78 43.09 14.03
C GLU K 41 23.31 42.09 13.00
N LYS K 42 22.39 41.40 12.29
CA LYS K 42 22.74 40.45 11.24
C LYS K 42 23.61 39.32 11.78
N ARG K 43 23.13 38.66 12.82
CA ARG K 43 23.74 37.45 13.36
C ARG K 43 22.70 36.36 13.43
N LEU K 44 23.16 35.10 13.38
CA LEU K 44 22.28 33.95 13.32
C LEU K 44 22.44 33.09 14.56
N GLU K 45 21.33 32.54 15.04
CA GLU K 45 21.33 31.63 16.18
C GLU K 45 20.38 30.48 15.91
N TRP K 46 20.72 29.31 16.42
CA TRP K 46 19.92 28.10 16.26
C TRP K 46 19.12 27.84 17.52
N VAL K 47 17.83 27.50 17.36
CA VAL K 47 16.96 27.36 18.51
C VAL K 47 16.20 26.05 18.62
N ALA K 48 15.88 25.41 17.49
CA ALA K 48 14.77 24.46 17.50
C ALA K 48 15.01 23.22 16.64
N THR K 49 16.16 22.56 16.79
CA THR K 49 16.38 21.33 16.04
C THR K 49 15.36 20.26 16.44
N ILE K 50 14.75 19.63 15.42
CA ILE K 50 13.80 18.54 15.63
C ILE K 50 14.47 17.25 15.13
N SER K 51 13.90 16.12 15.52
CA SER K 51 14.35 14.83 15.05
C SER K 51 13.43 14.35 13.92
N GLY K 52 13.60 13.09 13.53
CA GLY K 52 12.82 12.52 12.43
C GLY K 52 11.32 12.52 12.67
N GLY K 53 10.87 11.74 13.65
CA GLY K 53 9.45 11.67 13.95
C GLY K 53 9.00 12.72 14.93
N GLY K 54 9.89 13.11 15.84
CA GLY K 54 9.59 14.10 16.86
C GLY K 54 9.83 13.63 18.29
N SER K 55 10.28 12.40 18.49
CA SER K 55 10.53 11.93 19.85
C SER K 55 11.73 12.62 20.48
N TYR K 56 12.68 13.07 19.66
CA TYR K 56 13.89 13.74 20.15
C TYR K 56 13.84 15.21 19.76
N THR K 57 14.27 16.06 20.69
CA THR K 57 14.22 17.51 20.48
C THR K 57 15.38 18.14 21.25
N TYR K 58 15.95 19.19 20.68
CA TYR K 58 17.08 19.88 21.27
C TYR K 58 16.88 21.38 21.22
N TYR K 59 17.39 22.07 22.23
CA TYR K 59 17.30 23.51 22.35
C TYR K 59 18.63 24.04 22.85
N PRO K 60 18.93 25.32 22.62
CA PRO K 60 20.11 25.92 23.22
C PRO K 60 19.84 26.38 24.64
N ASP K 61 20.93 26.56 25.39
CA ASP K 61 20.80 27.00 26.78
C ASP K 61 20.20 28.40 26.89
N ILE K 62 20.28 29.20 25.83
CA ILE K 62 19.72 30.55 25.87
C ILE K 62 18.20 30.50 25.86
N VAL K 63 17.63 29.63 25.04
CA VAL K 63 16.18 29.53 24.86
C VAL K 63 15.80 28.07 25.13
N LYS K 64 15.42 27.77 26.37
CA LYS K 64 14.98 26.44 26.73
C LYS K 64 13.87 26.55 27.75
N GLY K 65 12.78 25.82 27.52
CA GLY K 65 11.63 25.88 28.40
C GLY K 65 10.57 26.84 27.87
N ARG K 66 11.02 27.95 27.26
CA ARG K 66 10.09 28.88 26.67
C ARG K 66 9.54 28.35 25.34
N PHE K 67 10.41 27.82 24.50
CA PHE K 67 10.03 27.39 23.17
C PHE K 67 9.75 25.88 23.16
N THR K 68 8.67 25.49 22.49
CA THR K 68 8.35 24.10 22.26
C THR K 68 7.95 23.91 20.81
N ILE K 69 8.47 22.86 20.18
CA ILE K 69 8.29 22.63 18.75
C ILE K 69 7.67 21.27 18.53
N SER K 70 6.89 21.17 17.46
CA SER K 70 6.15 19.95 17.15
C SER K 70 6.41 19.51 15.72
N ARG K 71 5.63 18.54 15.23
CA ARG K 71 5.75 18.08 13.85
C ARG K 71 4.50 17.29 13.51
N ASP K 72 3.83 17.69 12.42
CA ASP K 72 2.66 16.99 11.92
C ASP K 72 2.98 16.49 10.52
N ASN K 73 3.53 15.28 10.44
CA ASN K 73 3.91 14.72 9.14
C ASN K 73 2.71 14.50 8.22
N ALA K 74 1.50 14.40 8.77
CA ALA K 74 0.31 14.31 7.95
C ALA K 74 -0.09 15.65 7.35
N ARG K 75 0.40 16.76 7.92
CA ARG K 75 0.14 18.09 7.40
C ARG K 75 1.40 18.84 6.98
N ASN K 76 2.58 18.31 7.27
CA ASN K 76 3.86 18.90 6.86
C ASN K 76 4.02 20.31 7.41
N THR K 77 4.08 20.41 8.74
CA THR K 77 4.32 21.65 9.44
C THR K 77 5.37 21.43 10.53
N LEU K 78 5.77 22.52 11.18
CA LEU K 78 6.65 22.46 12.33
C LEU K 78 6.02 23.01 13.60
N TYR K 79 5.37 24.17 13.52
CA TYR K 79 4.61 24.74 14.63
C TYR K 79 5.49 24.96 15.87
N LEU K 80 6.43 25.89 15.72
CA LEU K 80 7.20 26.36 16.87
C LEU K 80 6.34 27.28 17.71
N GLN K 81 6.14 26.92 18.98
CA GLN K 81 5.27 27.64 19.89
C GLN K 81 6.12 28.45 20.85
N MET K 82 6.13 29.77 20.67
CA MET K 82 6.86 30.65 21.56
C MET K 82 6.04 30.93 22.82
N SER K 83 6.75 31.31 23.89
CA SER K 83 6.12 31.63 25.16
C SER K 83 7.10 32.42 26.01
N SER K 84 6.55 33.34 26.81
CA SER K 84 7.35 34.18 27.71
C SER K 84 8.40 34.97 26.93
N LEU K 85 7.95 35.65 25.88
CA LEU K 85 8.85 36.41 25.03
C LEU K 85 9.42 37.60 25.79
N ARG K 86 10.74 37.64 25.94
CA ARG K 86 11.41 38.76 26.58
C ARG K 86 11.52 39.92 25.60
N SER K 87 12.26 40.96 25.99
CA SER K 87 12.46 42.10 25.09
C SER K 87 13.28 41.72 23.87
N GLU K 88 14.07 40.67 23.95
CA GLU K 88 14.82 40.16 22.80
C GLU K 88 13.89 39.30 21.94
N ASP K 89 14.48 38.50 21.05
CA ASP K 89 13.75 37.56 20.20
C ASP K 89 12.92 38.28 19.14
N THR K 90 13.50 39.30 18.51
CA THR K 90 12.92 39.96 17.36
C THR K 90 13.82 39.64 16.16
N ALA K 91 13.38 38.69 15.33
CA ALA K 91 14.24 38.16 14.29
C ALA K 91 13.39 37.74 13.10
N LEU K 92 13.98 36.95 12.21
CA LEU K 92 13.34 36.45 11.00
C LEU K 92 12.79 35.04 11.16
N TYR K 93 13.49 34.18 11.89
CA TYR K 93 13.02 32.82 12.21
C TYR K 93 12.78 32.00 10.95
N PHE K 94 13.85 31.74 10.22
CA PHE K 94 13.79 30.79 9.12
C PHE K 94 13.60 29.37 9.64
N CYS K 95 13.34 28.44 8.72
CA CYS K 95 13.26 27.03 9.03
C CYS K 95 13.90 26.25 7.90
N VAL K 96 14.72 25.26 8.25
CA VAL K 96 15.58 24.58 7.28
C VAL K 96 15.46 23.07 7.45
N ARG K 97 15.79 22.36 6.38
CA ARG K 97 16.02 20.92 6.44
C ARG K 97 17.52 20.66 6.38
N GLN K 98 17.95 19.57 7.01
CA GLN K 98 19.36 19.32 7.28
C GLN K 98 20.08 18.63 6.13
N TYR K 99 19.54 18.73 4.92
CA TYR K 99 20.22 18.35 3.67
C TYR K 99 20.35 16.86 3.46
N TYR K 100 20.15 16.06 4.52
CA TYR K 100 20.05 14.61 4.42
C TYR K 100 19.02 14.01 5.36
N GLY K 101 18.34 14.81 6.18
CA GLY K 101 17.68 14.26 7.33
C GLY K 101 18.62 13.98 8.48
N SER K 102 19.76 14.65 8.51
CA SER K 102 20.79 14.42 9.52
C SER K 102 21.29 15.76 10.02
N SER K 103 21.06 16.04 11.30
CA SER K 103 21.47 17.32 11.87
C SER K 103 22.98 17.48 11.92
N ASN K 104 23.74 16.40 11.80
CA ASN K 104 25.20 16.48 11.78
C ASN K 104 25.74 17.12 10.51
N TYR K 105 24.90 17.35 9.51
CA TYR K 105 25.32 17.91 8.24
C TYR K 105 24.84 19.36 8.13
N GLY K 106 25.03 19.95 6.96
CA GLY K 106 24.66 21.33 6.72
C GLY K 106 23.16 21.55 6.62
N MET K 107 22.75 22.57 5.86
CA MET K 107 21.36 22.92 5.72
C MET K 107 21.03 23.18 4.26
N ASP K 108 19.90 22.63 3.80
CA ASP K 108 19.41 22.93 2.46
C ASP K 108 18.70 24.27 2.44
N TYR K 109 17.94 24.53 1.37
CA TYR K 109 17.33 25.84 1.17
C TYR K 109 16.55 26.29 2.39
N TRP K 110 16.71 27.56 2.74
CA TRP K 110 16.05 28.16 3.88
C TRP K 110 14.70 28.74 3.45
N GLY K 111 13.88 29.05 4.44
CA GLY K 111 12.57 29.64 4.19
C GLY K 111 12.68 31.12 3.84
N GLN K 112 11.55 31.81 3.98
CA GLN K 112 11.51 33.24 3.74
C GLN K 112 11.67 34.05 5.01
N GLY K 113 11.24 33.52 6.14
CA GLY K 113 11.40 34.21 7.42
C GLY K 113 10.27 35.16 7.75
N THR K 114 9.65 34.94 8.90
CA THR K 114 8.61 35.84 9.39
C THR K 114 9.26 37.04 10.05
N SER K 115 8.49 37.83 10.79
CA SER K 115 9.02 39.01 11.49
C SER K 115 8.33 39.09 12.85
N VAL K 116 9.00 38.60 13.89
CA VAL K 116 8.50 38.67 15.25
C VAL K 116 9.07 39.93 15.90
N THR K 117 8.24 40.62 16.67
CA THR K 117 8.65 41.82 17.37
C THR K 117 7.96 41.89 18.72
N VAL K 118 8.67 42.37 19.73
CA VAL K 118 8.15 42.46 21.09
C VAL K 118 8.36 43.90 21.56
N SER K 119 7.27 44.65 21.66
CA SER K 119 7.33 46.03 22.12
C SER K 119 5.97 46.49 22.63
N ASP L 1 31.34 19.37 -29.55
CA ASP L 1 30.17 18.56 -29.85
C ASP L 1 30.29 17.89 -31.21
N ILE L 2 29.21 17.29 -31.68
CA ILE L 2 29.17 16.59 -32.96
C ILE L 2 28.09 17.23 -33.82
N LEU L 3 28.46 17.67 -35.01
CA LEU L 3 27.54 18.32 -35.92
C LEU L 3 26.97 17.30 -36.91
N LEU L 4 25.70 17.46 -37.25
CA LEU L 4 25.00 16.58 -38.16
C LEU L 4 24.64 17.35 -39.43
N THR L 5 25.18 16.90 -40.56
CA THR L 5 24.95 17.53 -41.85
C THR L 5 23.88 16.74 -42.60
N GLN L 6 22.69 17.33 -42.73
CA GLN L 6 21.58 16.69 -43.43
C GLN L 6 21.53 17.28 -44.84
N SER L 7 22.23 16.63 -45.77
CA SER L 7 22.30 17.04 -47.17
C SER L 7 21.58 16.02 -48.05
N PRO L 8 20.76 16.47 -49.01
CA PRO L 8 20.50 17.88 -49.31
C PRO L 8 19.42 18.48 -48.40
N SER L 9 18.84 19.59 -48.81
CA SER L 9 17.80 20.25 -48.03
C SER L 9 16.43 20.18 -48.68
N ILE L 10 16.31 19.57 -49.84
CA ILE L 10 15.03 19.48 -50.55
C ILE L 10 15.04 18.22 -51.40
N LEU L 11 13.90 17.52 -51.44
CA LEU L 11 13.73 16.30 -52.23
C LEU L 11 12.40 16.38 -52.96
N SER L 12 12.45 16.88 -54.20
CA SER L 12 11.26 16.93 -55.05
C SER L 12 11.09 15.57 -55.71
N VAL L 13 10.10 14.81 -55.26
CA VAL L 13 9.89 13.44 -55.71
C VAL L 13 8.41 13.23 -56.02
N SER L 14 8.11 12.66 -57.18
CA SER L 14 6.74 12.35 -57.54
C SER L 14 6.22 11.21 -56.67
N PRO L 15 4.93 11.23 -56.32
CA PRO L 15 4.38 10.18 -55.47
C PRO L 15 4.50 8.80 -56.10
N GLY L 16 4.92 7.84 -55.30
CA GLY L 16 5.15 6.49 -55.78
C GLY L 16 6.59 6.25 -56.22
N GLU L 17 7.54 6.61 -55.37
CA GLU L 17 8.95 6.44 -55.67
C GLU L 17 9.74 6.51 -54.38
N ARG L 18 10.82 5.74 -54.29
CA ARG L 18 11.60 5.69 -53.06
C ARG L 18 12.46 6.94 -52.91
N VAL L 19 12.52 7.45 -51.68
CA VAL L 19 13.36 8.59 -51.36
C VAL L 19 14.39 8.16 -50.32
N SER L 20 15.46 8.95 -50.20
CA SER L 20 16.55 8.63 -49.29
C SER L 20 17.19 9.93 -48.84
N PHE L 21 17.08 10.23 -47.54
CA PHE L 21 17.77 11.38 -46.97
C PHE L 21 19.21 10.99 -46.62
N SER L 22 19.93 11.90 -45.99
CA SER L 22 21.31 11.61 -45.58
C SER L 22 21.68 12.53 -44.42
N CYS L 23 21.68 11.99 -43.21
CA CYS L 23 22.19 12.70 -42.03
C CYS L 23 23.64 12.24 -41.82
N ARG L 24 24.53 12.74 -42.68
CA ARG L 24 25.93 12.37 -42.62
C ARG L 24 26.59 13.02 -41.40
N ALA L 25 27.01 12.20 -40.45
CA ALA L 25 27.60 12.70 -39.23
C ALA L 25 29.01 13.20 -39.46
N SER L 26 29.60 13.79 -38.43
CA SER L 26 30.98 14.24 -38.45
C SER L 26 31.90 13.25 -37.77
N GLN L 27 31.65 12.96 -36.50
CA GLN L 27 32.37 11.94 -35.76
C GLN L 27 31.64 10.60 -35.90
N SER L 28 32.40 9.50 -35.77
CA SER L 28 31.82 8.18 -35.84
C SER L 28 30.84 7.95 -34.70
N ILE L 29 29.55 7.94 -35.00
CA ILE L 29 28.53 7.80 -33.97
C ILE L 29 28.21 6.33 -33.69
N GLY L 30 28.38 5.46 -34.68
CA GLY L 30 28.00 4.07 -34.51
C GLY L 30 26.61 3.82 -35.06
N THR L 31 25.63 3.72 -34.16
CA THR L 31 24.25 3.52 -34.60
C THR L 31 23.25 4.31 -33.75
N SER L 32 23.69 5.31 -32.99
CA SER L 32 22.79 6.07 -32.13
C SER L 32 22.36 7.36 -32.83
N ILE L 33 21.55 7.18 -33.88
CA ILE L 33 20.96 8.28 -34.63
C ILE L 33 19.53 7.93 -34.97
N HIS L 34 18.61 8.84 -34.69
CA HIS L 34 17.18 8.61 -34.83
C HIS L 34 16.61 9.55 -35.88
N TRP L 35 15.31 9.41 -36.14
CA TRP L 35 14.64 10.21 -37.16
C TRP L 35 13.27 10.62 -36.67
N TYR L 36 12.85 11.83 -37.04
CA TYR L 36 11.57 12.39 -36.64
C TYR L 36 10.80 12.83 -37.88
N GLN L 37 9.60 13.36 -37.67
CA GLN L 37 8.77 13.83 -38.77
C GLN L 37 7.84 14.91 -38.21
N GLN L 38 8.14 16.16 -38.53
CA GLN L 38 7.34 17.30 -38.07
C GLN L 38 6.62 17.90 -39.27
N LYS L 39 5.31 17.67 -39.35
CA LYS L 39 4.50 18.31 -40.37
C LYS L 39 4.43 19.81 -40.10
N PRO L 40 4.19 20.61 -41.14
CA PRO L 40 4.11 22.06 -40.94
C PRO L 40 3.04 22.42 -39.92
N ASN L 41 3.43 23.28 -38.96
CA ASN L 41 2.58 23.70 -37.86
C ASN L 41 2.12 22.48 -37.04
N GLY L 42 3.10 21.79 -36.47
CA GLY L 42 2.81 20.62 -35.66
C GLY L 42 4.04 20.19 -34.88
N SER L 43 3.84 19.21 -34.02
CA SER L 43 4.86 18.60 -33.19
C SER L 43 5.38 17.32 -33.83
N PRO L 44 6.70 17.12 -33.84
CA PRO L 44 7.28 15.97 -34.55
C PRO L 44 6.90 14.63 -33.93
N ARG L 45 7.32 13.54 -34.57
CA ARG L 45 6.99 12.20 -34.12
C ARG L 45 8.13 11.26 -34.47
N LEU L 46 8.54 10.45 -33.50
CA LEU L 46 9.65 9.52 -33.71
C LEU L 46 9.29 8.48 -34.76
N LEU L 47 10.23 8.20 -35.67
CA LEU L 47 10.01 7.26 -36.75
C LEU L 47 10.88 6.02 -36.63
N ILE L 48 12.20 6.18 -36.54
CA ILE L 48 13.13 5.07 -36.46
C ILE L 48 14.10 5.33 -35.32
N GLN L 49 14.32 4.31 -34.49
CA GLN L 49 15.29 4.39 -33.40
C GLN L 49 16.54 3.62 -33.77
N TYR L 50 17.70 4.16 -33.37
CA TYR L 50 19.00 3.55 -33.59
C TYR L 50 19.25 3.29 -35.08
N ALA L 51 18.56 4.02 -35.95
CA ALA L 51 18.75 4.00 -37.39
C ALA L 51 18.32 2.66 -38.01
N SER L 52 17.93 1.70 -37.19
CA SER L 52 17.48 0.42 -37.71
C SER L 52 16.16 -0.03 -37.13
N GLN L 53 15.93 0.22 -35.84
CA GLN L 53 14.72 -0.26 -35.17
C GLN L 53 13.57 0.71 -35.42
N SER L 54 12.51 0.21 -36.05
CA SER L 54 11.30 1.02 -36.24
C SER L 54 10.50 1.03 -34.93
N ILE L 55 9.29 1.59 -34.98
CA ILE L 55 8.43 1.68 -33.81
C ILE L 55 7.03 1.27 -34.21
N SER L 56 6.37 0.51 -33.34
CA SER L 56 4.99 0.09 -33.58
C SER L 56 4.06 1.29 -33.68
N GLY L 57 2.91 1.07 -34.31
CA GLY L 57 1.96 2.13 -34.56
C GLY L 57 2.29 3.01 -35.74
N ILE L 58 3.34 2.68 -36.49
CA ILE L 58 3.77 3.47 -37.64
C ILE L 58 3.75 2.56 -38.87
N PRO L 59 3.28 3.03 -40.02
CA PRO L 59 3.34 2.20 -41.23
C PRO L 59 4.78 1.80 -41.54
N SER L 60 4.97 0.52 -41.86
CA SER L 60 6.29 -0.09 -42.01
C SER L 60 7.02 0.36 -43.26
N ARG L 61 6.53 1.33 -44.03
CA ARG L 61 7.28 1.78 -45.20
C ARG L 61 8.53 2.56 -44.81
N PHE L 62 8.48 3.24 -43.65
CA PHE L 62 9.66 3.94 -43.15
C PHE L 62 10.71 2.91 -42.72
N SER L 63 11.76 2.77 -43.52
CA SER L 63 12.79 1.76 -43.30
C SER L 63 14.15 2.44 -43.21
N GLY L 64 14.54 2.84 -42.00
CA GLY L 64 15.84 3.44 -41.82
C GLY L 64 16.97 2.44 -41.99
N SER L 65 18.18 2.97 -42.09
CA SER L 65 19.38 2.17 -42.26
C SER L 65 20.59 3.05 -41.96
N GLY L 66 21.77 2.51 -42.19
CA GLY L 66 22.98 3.28 -42.01
C GLY L 66 23.77 2.83 -40.80
N SER L 67 25.09 3.00 -40.87
CA SER L 67 25.98 2.64 -39.77
C SER L 67 27.31 3.34 -39.98
N GLY L 68 27.90 3.82 -38.89
CA GLY L 68 29.17 4.52 -38.96
C GLY L 68 29.01 6.03 -39.02
N THR L 69 29.31 6.62 -40.18
CA THR L 69 29.15 8.06 -40.38
C THR L 69 28.26 8.35 -41.59
N ASP L 70 27.39 7.41 -41.98
CA ASP L 70 26.50 7.58 -43.12
C ASP L 70 25.20 6.88 -42.81
N PHE L 71 24.15 7.66 -42.56
CA PHE L 71 22.85 7.13 -42.19
C PHE L 71 21.79 7.67 -43.15
N THR L 72 20.74 6.89 -43.36
CA THR L 72 19.76 7.20 -44.40
C THR L 72 18.40 6.61 -44.02
N LEU L 73 17.37 7.45 -44.09
CA LEU L 73 15.99 6.99 -44.00
C LEU L 73 15.49 6.71 -45.41
N THR L 74 14.81 5.58 -45.58
CA THR L 74 14.37 5.11 -46.89
C THR L 74 12.86 4.87 -46.87
N ILE L 75 12.09 5.87 -47.30
CA ILE L 75 10.67 5.67 -47.57
C ILE L 75 10.56 4.96 -48.92
N ASN L 76 10.13 3.69 -48.89
CA ASN L 76 10.13 2.91 -50.12
C ASN L 76 9.08 3.41 -51.12
N SER L 77 7.90 3.79 -50.62
CA SER L 77 6.82 4.26 -51.48
C SER L 77 6.21 5.49 -50.83
N VAL L 78 6.47 6.67 -51.40
CA VAL L 78 5.99 7.92 -50.83
C VAL L 78 4.51 8.10 -51.11
N GLU L 79 3.89 9.04 -50.43
CA GLU L 79 2.50 9.40 -50.67
C GLU L 79 2.35 10.91 -50.55
N SER L 80 1.14 11.39 -50.82
CA SER L 80 0.85 12.82 -50.73
C SER L 80 0.69 13.29 -49.29
N GLU L 81 0.79 12.40 -48.31
CA GLU L 81 0.65 12.74 -46.91
C GLU L 81 1.99 12.72 -46.18
N ASP L 82 3.10 12.60 -46.91
CA ASP L 82 4.43 12.56 -46.31
C ASP L 82 5.19 13.87 -46.51
N ILE L 83 4.49 14.97 -46.79
CA ILE L 83 5.13 16.27 -46.95
C ILE L 83 5.40 16.81 -45.55
N ALA L 84 6.60 16.60 -45.04
CA ALA L 84 6.95 17.02 -43.69
C ALA L 84 8.47 17.09 -43.58
N ASP L 85 8.93 17.63 -42.46
CA ASP L 85 10.35 17.78 -42.19
C ASP L 85 10.88 16.56 -41.47
N TYR L 86 12.04 16.07 -41.91
CA TYR L 86 12.64 14.84 -41.39
C TYR L 86 13.97 15.18 -40.73
N TYR L 87 13.97 15.30 -39.40
CA TYR L 87 15.16 15.60 -38.64
C TYR L 87 15.87 14.32 -38.21
N CYS L 88 17.14 14.48 -37.84
CA CYS L 88 17.92 13.43 -37.23
C CYS L 88 18.45 13.91 -35.89
N GLN L 89 18.88 12.97 -35.05
CA GLN L 89 19.20 13.30 -33.67
C GLN L 89 20.40 12.47 -33.22
N HIS L 90 21.02 12.91 -32.12
CA HIS L 90 22.12 12.22 -31.48
C HIS L 90 21.74 11.83 -30.06
N THR L 91 22.28 10.69 -29.61
CA THR L 91 22.16 10.30 -28.20
C THR L 91 23.45 9.73 -27.65
N ASN L 92 24.56 9.81 -28.38
CA ASN L 92 25.79 9.20 -27.90
C ASN L 92 26.46 10.06 -26.83
N GLY L 93 26.49 11.37 -27.02
CA GLY L 93 27.12 12.25 -26.05
C GLY L 93 26.34 13.52 -25.82
N TRP L 94 26.86 14.39 -24.97
CA TRP L 94 26.19 15.64 -24.65
C TRP L 94 26.88 16.79 -25.38
N PRO L 95 26.11 17.70 -26.01
CA PRO L 95 24.65 17.68 -26.00
C PRO L 95 24.08 16.83 -27.14
N TYR L 96 22.75 16.77 -27.23
CA TYR L 96 22.06 16.00 -28.27
C TYR L 96 21.80 16.94 -29.44
N THR L 97 22.71 16.95 -30.41
CA THR L 97 22.58 17.84 -31.56
C THR L 97 21.58 17.28 -32.55
N PHE L 98 20.59 18.09 -32.92
CA PHE L 98 19.60 17.69 -33.90
C PHE L 98 20.19 17.82 -35.30
N GLY L 99 19.34 17.77 -36.33
CA GLY L 99 19.79 17.90 -37.70
C GLY L 99 19.13 19.03 -38.45
N TRP L 100 19.38 19.11 -39.75
CA TRP L 100 18.81 20.18 -40.56
C TRP L 100 17.32 19.97 -40.79
N GLY L 101 16.95 18.84 -41.38
CA GLY L 101 15.57 18.56 -41.70
C GLY L 101 15.25 18.86 -43.15
N ASP L 102 14.82 17.84 -43.89
CA ASP L 102 14.55 17.96 -45.31
C ASP L 102 13.05 17.89 -45.56
N HIS L 103 12.66 18.32 -46.76
CA HIS L 103 11.28 18.28 -47.20
C HIS L 103 11.09 17.20 -48.26
N ALA L 104 9.92 16.58 -48.23
CA ALA L 104 9.52 15.60 -49.24
C ALA L 104 8.51 16.28 -50.15
N GLY L 105 9.01 16.90 -51.21
CA GLY L 105 8.17 17.63 -52.14
C GLY L 105 7.60 16.73 -53.22
N ASN L 106 6.27 16.77 -53.38
CA ASN L 106 5.57 16.01 -54.40
C ASN L 106 4.92 16.99 -55.36
N LYS L 107 5.39 17.01 -56.61
CA LYS L 107 4.88 17.95 -57.59
C LYS L 107 4.17 17.21 -58.71
N PRO L 108 2.86 17.44 -58.91
CA PRO L 108 2.10 16.85 -60.01
C PRO L 108 2.39 17.55 -61.34
N VAL M 1 -4.41 14.18 -23.58
CA VAL M 1 -3.36 15.01 -24.16
C VAL M 1 -1.99 14.60 -23.63
N LYS M 2 -1.95 14.25 -22.34
CA LYS M 2 -0.77 13.71 -21.66
C LYS M 2 0.32 14.76 -21.46
N LEU M 3 0.16 15.93 -22.07
CA LEU M 3 1.19 16.97 -22.00
C LEU M 3 0.51 18.33 -22.20
N VAL M 4 0.43 19.12 -21.15
CA VAL M 4 -0.18 20.44 -21.20
C VAL M 4 0.90 21.45 -20.85
N GLU M 5 1.37 22.18 -21.85
CA GLU M 5 2.40 23.20 -21.66
C GLU M 5 1.74 24.55 -21.44
N SER M 6 2.01 25.16 -20.29
CA SER M 6 1.43 26.44 -19.91
C SER M 6 2.51 27.36 -19.39
N GLY M 7 2.43 28.63 -19.77
CA GLY M 7 3.38 29.63 -19.34
C GLY M 7 4.29 30.05 -20.48
N GLY M 8 4.63 31.34 -20.51
CA GLY M 8 5.53 31.86 -21.51
C GLY M 8 4.87 32.77 -22.52
N GLY M 9 5.02 34.07 -22.33
CA GLY M 9 4.49 35.05 -23.26
C GLY M 9 5.58 35.91 -23.87
N LEU M 10 5.61 37.18 -23.46
CA LEU M 10 6.66 38.12 -23.87
C LEU M 10 7.40 38.59 -22.63
N VAL M 11 8.73 38.65 -22.74
CA VAL M 11 9.59 38.98 -21.61
C VAL M 11 10.70 39.90 -22.09
N LYS M 12 10.93 40.99 -21.37
CA LYS M 12 12.01 41.92 -21.71
C LYS M 12 13.35 41.21 -21.68
N PRO M 13 14.35 41.73 -22.39
CA PRO M 13 15.64 41.03 -22.47
C PRO M 13 16.40 41.04 -21.15
N GLY M 14 16.04 40.12 -20.26
CA GLY M 14 16.66 40.04 -18.95
C GLY M 14 15.71 39.57 -17.86
N GLY M 15 14.43 39.43 -18.21
CA GLY M 15 13.43 38.97 -17.26
C GLY M 15 13.52 37.49 -16.96
N SER M 16 12.38 36.87 -16.63
CA SER M 16 12.37 35.46 -16.27
C SER M 16 10.99 34.89 -16.55
N LEU M 17 10.93 33.56 -16.63
CA LEU M 17 9.68 32.83 -16.88
C LEU M 17 9.67 31.55 -16.07
N LYS M 18 8.54 30.85 -16.13
CA LYS M 18 8.37 29.59 -15.41
C LYS M 18 7.34 28.76 -16.19
N LEU M 19 7.81 27.74 -16.89
CA LEU M 19 6.95 26.93 -17.74
C LEU M 19 6.35 25.78 -16.94
N SER M 20 5.57 24.94 -17.61
CA SER M 20 4.86 23.85 -16.96
C SER M 20 4.51 22.79 -17.99
N CYS M 21 4.55 21.53 -17.58
CA CYS M 21 4.22 20.41 -18.46
C CYS M 21 3.37 19.37 -17.73
N ALA M 22 2.28 19.81 -17.12
CA ALA M 22 1.38 18.92 -16.41
C ALA M 22 1.01 17.71 -17.26
N ALA M 23 1.45 16.54 -16.83
CA ALA M 23 1.23 15.29 -17.54
C ALA M 23 0.06 14.52 -16.92
N SER M 24 -0.53 13.63 -17.72
CA SER M 24 -1.75 12.96 -17.33
C SER M 24 -1.63 11.45 -17.25
N GLY M 25 -1.20 10.79 -18.33
CA GLY M 25 -1.44 9.36 -18.45
C GLY M 25 -0.25 8.42 -18.50
N PHE M 26 0.77 8.66 -17.68
CA PHE M 26 1.88 7.72 -17.59
C PHE M 26 2.55 7.88 -16.23
N ALA M 27 3.49 6.98 -15.95
CA ALA M 27 4.20 6.98 -14.68
C ALA M 27 5.22 8.11 -14.64
N PHE M 28 4.81 9.27 -14.12
CA PHE M 28 5.70 10.43 -14.11
C PHE M 28 6.91 10.24 -13.20
N SER M 29 6.83 9.33 -12.22
CA SER M 29 7.99 9.06 -11.38
C SER M 29 9.14 8.52 -12.22
N THR M 30 8.84 7.64 -13.16
CA THR M 30 9.78 7.21 -14.17
C THR M 30 9.70 8.18 -15.36
N TYR M 31 10.28 7.79 -16.50
CA TYR M 31 10.18 8.56 -17.73
C TYR M 31 10.77 9.97 -17.56
N ASP M 32 12.09 9.99 -17.39
CA ASP M 32 12.82 11.25 -17.33
C ASP M 32 12.52 12.11 -18.55
N MET M 33 11.94 13.28 -18.32
CA MET M 33 11.54 14.14 -19.41
C MET M 33 12.65 15.14 -19.73
N SER M 34 12.43 15.96 -20.76
CA SER M 34 13.43 16.90 -21.21
C SER M 34 12.72 18.13 -21.78
N TRP M 35 13.48 19.00 -22.44
CA TRP M 35 12.96 20.17 -23.11
C TRP M 35 13.65 20.31 -24.46
N VAL M 36 12.92 20.80 -25.46
CA VAL M 36 13.45 20.97 -26.80
C VAL M 36 13.05 22.35 -27.31
N ARG M 37 14.01 23.07 -27.87
CA ARG M 37 13.82 24.45 -28.29
C ARG M 37 13.71 24.52 -29.81
N GLN M 38 12.70 25.24 -30.29
CA GLN M 38 12.53 25.50 -31.71
C GLN M 38 13.37 26.72 -32.10
N THR M 39 13.14 27.25 -33.30
CA THR M 39 13.80 28.46 -33.77
C THR M 39 13.02 28.98 -34.96
N PRO M 40 12.85 30.31 -35.11
CA PRO M 40 12.11 30.84 -36.26
C PRO M 40 12.64 30.38 -37.62
N GLU M 41 13.85 29.83 -37.65
CA GLU M 41 14.38 29.20 -38.85
C GLU M 41 14.04 27.71 -38.94
N LYS M 42 13.20 27.22 -38.03
CA LYS M 42 12.77 25.82 -37.99
C LYS M 42 13.97 24.88 -37.82
N ARG M 43 14.64 25.03 -36.69
CA ARG M 43 15.71 24.14 -36.30
C ARG M 43 15.58 23.83 -34.82
N LEU M 44 15.76 22.57 -34.46
CA LEU M 44 15.56 22.11 -33.09
C LEU M 44 16.84 22.23 -32.30
N GLU M 45 16.72 22.59 -31.02
CA GLU M 45 17.86 22.69 -30.12
C GLU M 45 17.50 22.03 -28.79
N TRP M 46 18.49 21.39 -28.18
CA TRP M 46 18.30 20.67 -26.94
C TRP M 46 18.60 21.56 -25.74
N VAL M 47 17.78 21.45 -24.70
CA VAL M 47 17.96 22.20 -23.47
C VAL M 47 17.46 21.37 -22.29
N ALA M 48 18.29 21.27 -21.25
CA ALA M 48 17.84 20.96 -19.88
C ALA M 48 17.13 19.62 -19.78
N THR M 49 17.90 18.56 -19.97
CA THR M 49 17.40 17.21 -19.72
C THR M 49 17.32 16.93 -18.22
N ILE M 50 16.25 16.27 -17.80
CA ILE M 50 16.08 15.89 -16.41
C ILE M 50 16.28 14.38 -16.29
N SER M 51 16.51 13.91 -15.08
CA SER M 51 16.60 12.50 -14.79
C SER M 51 15.29 12.01 -14.18
N GLY M 52 15.30 10.78 -13.68
CA GLY M 52 14.11 10.17 -13.10
C GLY M 52 13.57 10.93 -11.89
N GLY M 53 14.33 10.94 -10.80
CA GLY M 53 13.90 11.63 -9.60
C GLY M 53 14.15 13.12 -9.66
N GLY M 54 15.28 13.52 -10.24
CA GLY M 54 15.62 14.93 -10.35
C GLY M 54 17.01 15.24 -9.83
N SER M 55 17.67 14.23 -9.28
CA SER M 55 19.01 14.42 -8.73
C SER M 55 20.07 14.63 -9.81
N TYR M 56 19.76 14.33 -11.07
CA TYR M 56 20.69 14.48 -12.17
C TYR M 56 20.08 15.37 -13.24
N THR M 57 20.76 16.46 -13.58
CA THR M 57 20.33 17.33 -14.67
C THR M 57 21.50 17.55 -15.62
N TYR M 58 21.17 17.79 -16.89
CA TYR M 58 22.16 18.04 -17.92
C TYR M 58 21.69 19.20 -18.78
N TYR M 59 22.61 20.09 -19.12
CA TYR M 59 22.32 21.26 -19.92
C TYR M 59 23.31 21.38 -21.07
N PRO M 60 22.91 22.03 -22.16
CA PRO M 60 23.83 22.20 -23.28
C PRO M 60 24.91 23.23 -22.96
N ASP M 61 25.89 23.31 -23.86
CA ASP M 61 26.98 24.26 -23.67
C ASP M 61 26.51 25.70 -23.83
N ILE M 62 25.49 25.92 -24.67
CA ILE M 62 25.00 27.27 -24.92
C ILE M 62 24.31 27.83 -23.68
N VAL M 63 23.54 27.00 -22.98
CA VAL M 63 22.80 27.41 -21.81
C VAL M 63 23.22 26.51 -20.65
N LYS M 64 24.04 27.06 -19.74
CA LYS M 64 24.50 26.31 -18.58
C LYS M 64 24.49 27.26 -17.40
N GLY M 65 23.71 26.92 -16.36
CA GLY M 65 23.51 27.78 -15.22
C GLY M 65 22.50 28.87 -15.45
N ARG M 66 22.21 29.20 -16.71
CA ARG M 66 21.21 30.21 -17.03
C ARG M 66 19.79 29.66 -16.89
N PHE M 67 19.61 28.36 -17.10
CA PHE M 67 18.33 27.70 -16.95
C PHE M 67 18.39 26.72 -15.78
N THR M 68 17.21 26.32 -15.32
CA THR M 68 17.11 25.32 -14.27
C THR M 68 15.82 24.55 -14.43
N ILE M 69 15.84 23.29 -14.00
CA ILE M 69 14.72 22.36 -14.16
C ILE M 69 14.44 21.67 -12.84
N SER M 70 13.22 21.15 -12.71
CA SER M 70 12.78 20.51 -11.50
C SER M 70 11.72 19.48 -11.83
N ARG M 71 11.33 18.70 -10.84
CA ARG M 71 10.24 17.73 -10.99
C ARG M 71 9.46 17.69 -9.68
N ASP M 72 8.15 17.73 -9.78
CA ASP M 72 7.27 17.56 -8.63
C ASP M 72 6.39 16.33 -8.89
N ASN M 73 6.92 15.16 -8.51
CA ASN M 73 6.13 13.94 -8.57
C ASN M 73 4.94 14.04 -7.63
N ALA M 74 3.89 13.30 -7.96
CA ALA M 74 2.54 13.41 -7.41
C ALA M 74 1.87 14.71 -7.86
N ARG M 75 2.57 15.56 -8.60
CA ARG M 75 1.99 16.70 -9.28
C ARG M 75 2.27 16.71 -10.77
N ASN M 76 3.30 16.00 -11.23
CA ASN M 76 3.58 15.78 -12.65
C ASN M 76 3.79 17.11 -13.39
N THR M 77 4.88 17.79 -13.02
CA THR M 77 5.27 19.03 -13.67
C THR M 77 6.76 18.98 -14.00
N LEU M 78 7.22 19.98 -14.76
CA LEU M 78 8.63 20.11 -15.09
C LEU M 78 9.21 21.46 -14.67
N TYR M 79 8.48 22.56 -14.86
CA TYR M 79 8.85 23.85 -14.29
C TYR M 79 10.24 24.31 -14.75
N LEU M 80 10.37 24.58 -16.04
CA LEU M 80 11.59 25.19 -16.55
C LEU M 80 11.62 26.65 -16.15
N GLN M 81 12.47 26.99 -15.18
CA GLN M 81 12.62 28.36 -14.71
C GLN M 81 13.80 28.99 -15.44
N MET M 82 13.51 29.93 -16.33
CA MET M 82 14.55 30.59 -17.12
C MET M 82 14.98 31.88 -16.44
N SER M 83 16.29 32.12 -16.41
CA SER M 83 16.84 33.36 -15.89
C SER M 83 16.92 34.39 -17.01
N SER M 84 17.71 35.45 -16.79
CA SER M 84 17.85 36.55 -17.74
C SER M 84 18.03 36.06 -19.18
N LEU M 85 17.06 36.37 -20.03
CA LEU M 85 17.06 35.90 -21.41
C LEU M 85 17.71 36.94 -22.31
N ARG M 86 18.58 36.50 -23.21
CA ARG M 86 19.21 37.38 -24.18
C ARG M 86 18.25 37.64 -25.34
N SER M 87 18.76 38.27 -26.40
CA SER M 87 17.91 38.55 -27.57
C SER M 87 17.46 37.27 -28.26
N GLU M 88 18.20 36.18 -28.08
CA GLU M 88 17.80 34.87 -28.59
C GLU M 88 16.78 34.24 -27.67
N ASP M 89 16.56 32.93 -27.83
CA ASP M 89 15.63 32.16 -26.98
C ASP M 89 14.18 32.55 -27.25
N THR M 90 13.84 32.71 -28.52
CA THR M 90 12.46 32.94 -28.96
C THR M 90 12.05 31.71 -29.77
N ALA M 91 11.25 30.84 -29.17
CA ALA M 91 10.98 29.54 -29.78
C ALA M 91 9.68 28.96 -29.23
N LEU M 92 9.47 27.68 -29.48
CA LEU M 92 8.27 26.97 -29.07
C LEU M 92 8.43 26.27 -27.72
N TYR M 93 9.61 25.71 -27.46
CA TYR M 93 9.94 25.09 -26.17
C TYR M 93 8.98 23.94 -25.83
N PHE M 94 9.04 22.89 -26.64
CA PHE M 94 8.33 21.67 -26.30
C PHE M 94 8.98 20.99 -25.10
N CYS M 95 8.24 20.07 -24.49
CA CYS M 95 8.76 19.18 -23.46
C CYS M 95 8.31 17.77 -23.79
N VAL M 96 9.24 16.82 -23.69
CA VAL M 96 9.02 15.48 -24.23
C VAL M 96 9.49 14.45 -23.22
N ARG M 97 8.68 13.40 -23.04
CA ARG M 97 9.13 12.22 -22.31
C ARG M 97 9.90 11.31 -23.26
N GLN M 98 10.93 10.67 -22.73
CA GLN M 98 11.81 9.85 -23.55
C GLN M 98 11.15 8.49 -23.82
N TYR M 99 11.86 7.62 -24.53
CA TYR M 99 11.37 6.29 -24.84
C TYR M 99 11.80 5.32 -23.75
N TYR M 100 10.85 4.55 -23.22
CA TYR M 100 11.08 3.60 -22.13
C TYR M 100 11.67 4.26 -20.89
N GLY M 101 11.53 5.57 -20.77
CA GLY M 101 12.10 6.28 -19.64
C GLY M 101 13.62 6.32 -19.61
N SER M 102 14.27 5.99 -20.71
CA SER M 102 15.72 6.09 -20.80
C SER M 102 16.09 7.49 -21.28
N SER M 103 17.35 7.68 -21.67
CA SER M 103 17.75 8.91 -22.35
C SER M 103 18.57 8.66 -23.60
N ASN M 104 19.08 7.45 -23.80
CA ASN M 104 19.86 7.12 -24.99
C ASN M 104 19.00 6.67 -26.16
N TYR M 105 17.67 6.66 -26.01
CA TYR M 105 16.78 6.13 -27.04
C TYR M 105 16.16 7.21 -27.92
N GLY M 106 15.45 8.17 -27.34
CA GLY M 106 14.84 9.18 -28.18
C GLY M 106 13.70 9.87 -27.46
N MET M 107 12.76 10.37 -28.26
CA MET M 107 11.68 11.21 -27.76
C MET M 107 10.36 10.69 -28.32
N ASP M 108 9.42 10.37 -27.43
CA ASP M 108 8.16 9.74 -27.85
C ASP M 108 7.05 10.75 -28.10
N TYR M 109 6.65 11.48 -27.07
CA TYR M 109 5.47 12.34 -27.14
C TYR M 109 5.87 13.78 -26.92
N TRP M 110 5.63 14.61 -27.91
CA TRP M 110 5.95 16.03 -27.86
C TRP M 110 4.69 16.83 -27.54
N GLY M 111 4.84 17.85 -26.72
CA GLY M 111 3.72 18.66 -26.32
C GLY M 111 3.24 19.58 -27.43
N GLN M 112 2.50 20.61 -27.03
CA GLN M 112 1.97 21.57 -27.99
C GLN M 112 2.93 22.71 -28.26
N GLY M 113 3.73 23.11 -27.26
CA GLY M 113 4.69 24.16 -27.44
C GLY M 113 4.16 25.54 -27.10
N THR M 114 4.80 26.20 -26.13
CA THR M 114 4.45 27.56 -25.76
C THR M 114 5.10 28.52 -26.76
N SER M 115 5.10 29.82 -26.44
CA SER M 115 5.72 30.82 -27.31
C SER M 115 6.40 31.86 -26.43
N VAL M 116 7.71 31.76 -26.30
CA VAL M 116 8.51 32.72 -25.55
C VAL M 116 9.09 33.73 -26.54
N THR M 117 9.03 35.01 -26.19
CA THR M 117 9.54 36.07 -27.04
C THR M 117 10.26 37.09 -26.18
N VAL M 118 11.35 37.65 -26.70
CA VAL M 118 12.16 38.63 -25.97
C VAL M 118 12.32 39.86 -26.87
N SER M 119 11.64 40.94 -26.51
CA SER M 119 11.73 42.18 -27.26
C SER M 119 11.29 43.36 -26.41
N ASP N 1 -10.55 -14.47 -44.02
CA ASP N 1 -11.09 -14.71 -42.68
C ASP N 1 -11.92 -16.00 -42.64
N ILE N 2 -12.85 -16.06 -41.69
CA ILE N 2 -13.72 -17.22 -41.51
C ILE N 2 -15.16 -16.72 -41.45
N LEU N 3 -16.00 -17.21 -42.36
CA LEU N 3 -17.40 -16.81 -42.41
C LEU N 3 -18.27 -17.81 -41.67
N LEU N 4 -19.32 -17.29 -41.04
CA LEU N 4 -20.27 -18.10 -40.29
C LEU N 4 -21.63 -18.01 -40.95
N THR N 5 -22.22 -19.16 -41.26
CA THR N 5 -23.51 -19.24 -41.94
C THR N 5 -24.56 -19.66 -40.92
N GLN N 6 -25.45 -18.73 -40.55
CA GLN N 6 -26.51 -18.99 -39.60
C GLN N 6 -27.81 -19.19 -40.38
N SER N 7 -28.07 -20.44 -40.78
CA SER N 7 -29.25 -20.82 -41.53
C SER N 7 -30.15 -21.71 -40.70
N PRO N 8 -31.48 -21.50 -40.72
CA PRO N 8 -32.15 -20.47 -41.52
C PRO N 8 -32.15 -19.11 -40.82
N SER N 9 -33.04 -18.22 -41.24
CA SER N 9 -33.13 -16.89 -40.65
C SER N 9 -34.37 -16.70 -39.80
N ILE N 10 -35.22 -17.71 -39.68
CA ILE N 10 -36.46 -17.61 -38.91
C ILE N 10 -36.82 -19.00 -38.40
N LEU N 11 -37.39 -19.05 -37.20
CA LEU N 11 -37.83 -20.30 -36.57
C LEU N 11 -39.20 -20.05 -35.94
N SER N 12 -40.25 -20.33 -36.71
CA SER N 12 -41.63 -20.23 -36.21
C SER N 12 -41.96 -21.50 -35.45
N VAL N 13 -42.00 -21.41 -34.13
CA VAL N 13 -42.18 -22.58 -33.26
C VAL N 13 -43.26 -22.27 -32.23
N SER N 14 -44.13 -23.25 -31.98
CA SER N 14 -45.11 -23.12 -30.92
C SER N 14 -44.41 -23.18 -29.56
N PRO N 15 -44.90 -22.42 -28.57
CA PRO N 15 -44.27 -22.45 -27.24
C PRO N 15 -44.34 -23.84 -26.63
N GLY N 16 -43.26 -24.22 -25.95
CA GLY N 16 -43.19 -25.54 -25.36
C GLY N 16 -42.73 -26.60 -26.34
N GLU N 17 -41.57 -26.37 -26.97
CA GLU N 17 -41.02 -27.32 -27.93
C GLU N 17 -39.55 -26.99 -28.11
N ARG N 18 -38.74 -28.02 -28.34
CA ARG N 18 -37.30 -27.82 -28.50
C ARG N 18 -36.99 -27.24 -29.86
N VAL N 19 -36.15 -26.20 -29.89
CA VAL N 19 -35.69 -25.60 -31.13
C VAL N 19 -34.20 -25.87 -31.27
N SER N 20 -33.72 -25.79 -32.50
CA SER N 20 -32.31 -26.03 -32.79
C SER N 20 -31.90 -25.11 -33.93
N PHE N 21 -31.01 -24.16 -33.65
CA PHE N 21 -30.45 -23.31 -34.69
C PHE N 21 -29.39 -24.09 -35.44
N SER N 22 -28.63 -23.40 -36.31
CA SER N 22 -27.55 -24.04 -37.05
C SER N 22 -26.55 -22.98 -37.44
N CYS N 23 -25.30 -23.18 -37.02
CA CYS N 23 -24.21 -22.23 -37.28
C CYS N 23 -23.05 -23.02 -37.85
N ARG N 24 -23.05 -23.20 -39.17
CA ARG N 24 -22.02 -23.97 -39.86
C ARG N 24 -20.92 -23.03 -40.32
N ALA N 25 -19.72 -23.22 -39.80
CA ALA N 25 -18.60 -22.38 -40.17
C ALA N 25 -18.01 -22.83 -41.50
N SER N 26 -17.18 -21.97 -42.08
CA SER N 26 -16.46 -22.32 -43.30
C SER N 26 -15.23 -23.17 -42.98
N GLN N 27 -14.30 -22.59 -42.23
CA GLN N 27 -13.12 -23.32 -41.78
C GLN N 27 -13.42 -23.99 -40.44
N SER N 28 -12.72 -25.10 -40.18
CA SER N 28 -12.91 -25.82 -38.92
C SER N 28 -12.48 -24.93 -37.75
N ILE N 29 -13.41 -24.70 -36.83
CA ILE N 29 -13.18 -23.81 -35.69
C ILE N 29 -12.78 -24.64 -34.48
N GLY N 30 -13.24 -25.88 -34.43
CA GLY N 30 -13.00 -26.71 -33.28
C GLY N 30 -14.12 -26.62 -32.27
N THR N 31 -13.93 -25.81 -31.23
CA THR N 31 -15.00 -25.59 -30.25
C THR N 31 -15.06 -24.15 -29.76
N SER N 32 -14.45 -23.20 -30.47
CA SER N 32 -14.44 -21.81 -30.04
C SER N 32 -15.52 -21.04 -30.80
N ILE N 33 -16.76 -21.26 -30.39
CA ILE N 33 -17.91 -20.55 -30.95
C ILE N 33 -18.90 -20.30 -29.82
N HIS N 34 -19.34 -19.05 -29.68
CA HIS N 34 -20.19 -18.63 -28.58
C HIS N 34 -21.52 -18.13 -29.13
N TRP N 35 -22.49 -17.98 -28.22
CA TRP N 35 -23.84 -17.57 -28.59
C TRP N 35 -24.29 -16.41 -27.71
N TYR N 36 -25.16 -15.57 -28.28
CA TYR N 36 -25.68 -14.40 -27.57
C TYR N 36 -27.20 -14.37 -27.71
N GLN N 37 -27.82 -13.34 -27.13
CA GLN N 37 -29.27 -13.19 -27.20
C GLN N 37 -29.57 -11.70 -27.08
N GLN N 38 -29.92 -11.08 -28.20
CA GLN N 38 -30.23 -9.65 -28.24
C GLN N 38 -31.73 -9.49 -28.50
N LYS N 39 -32.47 -9.17 -27.44
CA LYS N 39 -33.88 -8.85 -27.59
C LYS N 39 -34.04 -7.59 -28.42
N PRO N 40 -35.19 -7.43 -29.08
CA PRO N 40 -35.41 -6.22 -29.89
C PRO N 40 -35.26 -4.95 -29.04
N ASN N 41 -34.48 -4.01 -29.57
CA ASN N 41 -34.15 -2.76 -28.88
C ASN N 41 -33.49 -3.04 -27.53
N GLY N 42 -32.34 -3.70 -27.60
CA GLY N 42 -31.60 -4.04 -26.39
C GLY N 42 -30.19 -4.46 -26.74
N SER N 43 -29.39 -4.66 -25.69
CA SER N 43 -28.01 -5.10 -25.78
C SER N 43 -27.91 -6.61 -25.53
N PRO N 44 -27.12 -7.31 -26.33
CA PRO N 44 -27.07 -8.78 -26.21
C PRO N 44 -26.43 -9.25 -24.92
N ARG N 45 -26.41 -10.57 -24.70
CA ARG N 45 -25.82 -11.14 -23.50
C ARG N 45 -25.39 -12.56 -23.80
N LEU N 46 -24.28 -12.97 -23.18
CA LEU N 46 -23.71 -14.28 -23.43
C LEU N 46 -24.62 -15.38 -22.92
N LEU N 47 -24.76 -16.45 -23.69
CA LEU N 47 -25.57 -17.60 -23.31
C LEU N 47 -24.70 -18.85 -23.10
N ILE N 48 -23.92 -19.23 -24.11
CA ILE N 48 -23.06 -20.40 -24.04
C ILE N 48 -21.72 -20.04 -24.64
N GLN N 49 -20.64 -20.27 -23.89
CA GLN N 49 -19.30 -20.04 -24.39
C GLN N 49 -18.63 -21.38 -24.72
N TYR N 50 -17.77 -21.34 -25.73
CA TYR N 50 -17.07 -22.52 -26.25
C TYR N 50 -18.03 -23.61 -26.71
N ALA N 51 -19.28 -23.24 -26.98
CA ALA N 51 -20.30 -24.10 -27.58
C ALA N 51 -20.73 -25.23 -26.66
N SER N 52 -20.09 -25.37 -25.52
CA SER N 52 -20.49 -26.40 -24.56
C SER N 52 -20.67 -25.86 -23.15
N GLN N 53 -19.84 -24.91 -22.72
CA GLN N 53 -19.86 -24.40 -21.35
C GLN N 53 -20.89 -23.28 -21.26
N SER N 54 -21.85 -23.45 -20.35
CA SER N 54 -22.83 -22.41 -20.08
C SER N 54 -22.21 -21.35 -19.19
N ILE N 55 -23.02 -20.38 -18.76
CA ILE N 55 -22.57 -19.31 -17.87
C ILE N 55 -23.51 -19.26 -16.67
N SER N 56 -22.93 -19.04 -15.49
CA SER N 56 -23.73 -18.93 -14.27
C SER N 56 -24.71 -17.77 -14.37
N GLY N 57 -25.84 -17.90 -13.67
CA GLY N 57 -26.89 -16.92 -13.73
C GLY N 57 -27.82 -17.06 -14.92
N ILE N 58 -27.55 -17.98 -15.84
CA ILE N 58 -28.38 -18.21 -17.02
C ILE N 58 -29.34 -19.35 -16.72
N PRO N 59 -30.61 -19.24 -17.09
CA PRO N 59 -31.53 -20.38 -16.92
C PRO N 59 -31.01 -21.60 -17.68
N SER N 60 -31.04 -22.75 -17.01
CA SER N 60 -30.43 -23.97 -17.50
C SER N 60 -31.14 -24.56 -18.72
N ARG N 61 -32.16 -23.90 -19.26
CA ARG N 61 -32.86 -24.43 -20.42
C ARG N 61 -32.02 -24.33 -21.69
N PHE N 62 -31.05 -23.42 -21.73
CA PHE N 62 -30.17 -23.31 -22.88
C PHE N 62 -29.07 -24.36 -22.81
N SER N 63 -28.82 -25.06 -23.90
CA SER N 63 -27.84 -26.13 -23.92
C SER N 63 -27.19 -26.18 -25.31
N GLY N 64 -26.04 -25.54 -25.45
CA GLY N 64 -25.32 -25.57 -26.70
C GLY N 64 -24.62 -26.89 -26.93
N SER N 65 -24.14 -27.05 -28.16
CA SER N 65 -23.42 -28.25 -28.57
C SER N 65 -22.76 -27.98 -29.91
N GLY N 66 -21.98 -28.95 -30.37
CA GLY N 66 -21.34 -28.84 -31.67
C GLY N 66 -19.82 -28.96 -31.61
N SER N 67 -19.24 -29.45 -32.69
CA SER N 67 -17.78 -29.60 -32.78
C SER N 67 -17.40 -29.77 -34.25
N GLY N 68 -16.31 -29.11 -34.64
CA GLY N 68 -15.85 -29.19 -36.01
C GLY N 68 -16.33 -28.04 -36.87
N THR N 69 -17.26 -28.32 -37.79
CA THR N 69 -17.85 -27.29 -38.63
C THR N 69 -19.37 -27.29 -38.55
N ASP N 70 -19.94 -27.79 -37.45
CA ASP N 70 -21.38 -27.84 -37.27
C ASP N 70 -21.68 -27.61 -35.81
N PHE N 71 -22.19 -26.43 -35.48
CA PHE N 71 -22.49 -26.03 -34.10
C PHE N 71 -23.94 -25.60 -34.02
N THR N 72 -24.60 -25.98 -32.92
CA THR N 72 -26.03 -25.76 -32.78
C THR N 72 -26.35 -25.38 -31.35
N LEU N 73 -27.41 -24.59 -31.19
CA LEU N 73 -27.96 -24.24 -29.89
C LEU N 73 -29.31 -24.93 -29.73
N THR N 74 -29.50 -25.60 -28.60
CA THR N 74 -30.68 -26.44 -28.37
C THR N 74 -31.42 -25.92 -27.14
N ILE N 75 -32.37 -25.02 -27.35
CA ILE N 75 -33.29 -24.61 -26.29
C ILE N 75 -34.31 -25.73 -26.12
N ASN N 76 -34.28 -26.40 -24.97
CA ASN N 76 -35.08 -27.60 -24.79
C ASN N 76 -36.57 -27.27 -24.72
N SER N 77 -36.94 -26.20 -24.02
CA SER N 77 -38.34 -25.83 -23.86
C SER N 77 -38.47 -24.33 -24.04
N VAL N 78 -39.03 -23.90 -25.17
CA VAL N 78 -39.13 -22.48 -25.46
C VAL N 78 -40.26 -21.86 -24.62
N GLU N 79 -40.23 -20.53 -24.52
CA GLU N 79 -41.27 -19.78 -23.85
C GLU N 79 -41.56 -18.52 -24.67
N SER N 80 -42.60 -17.79 -24.26
CA SER N 80 -42.97 -16.56 -24.95
C SER N 80 -42.02 -15.41 -24.65
N GLU N 81 -41.04 -15.60 -23.77
CA GLU N 81 -40.06 -14.57 -23.45
C GLU N 81 -38.72 -14.78 -24.13
N ASP N 82 -38.60 -15.79 -25.00
CA ASP N 82 -37.37 -16.08 -25.70
C ASP N 82 -37.39 -15.59 -27.14
N ILE N 83 -38.25 -14.61 -27.45
CA ILE N 83 -38.31 -14.03 -28.79
C ILE N 83 -37.17 -13.02 -28.89
N ALA N 84 -36.03 -13.45 -29.43
CA ALA N 84 -34.86 -12.59 -29.53
C ALA N 84 -33.94 -13.14 -30.61
N ASP N 85 -32.89 -12.38 -30.91
CA ASP N 85 -31.93 -12.75 -31.93
C ASP N 85 -30.76 -13.51 -31.31
N TYR N 86 -30.34 -14.59 -31.97
CA TYR N 86 -29.27 -15.45 -31.47
C TYR N 86 -28.12 -15.40 -32.47
N TYR N 87 -26.99 -14.85 -32.05
CA TYR N 87 -25.83 -14.67 -32.91
C TYR N 87 -24.77 -15.73 -32.64
N CYS N 88 -23.76 -15.75 -33.51
CA CYS N 88 -22.62 -16.65 -33.40
C CYS N 88 -21.37 -15.83 -33.18
N GLN N 89 -20.58 -16.21 -32.20
CA GLN N 89 -19.25 -15.63 -32.05
C GLN N 89 -18.20 -16.57 -32.64
N HIS N 90 -17.06 -16.01 -32.97
CA HIS N 90 -15.93 -16.77 -33.50
C HIS N 90 -14.65 -16.17 -32.98
N THR N 91 -13.81 -17.01 -32.38
CA THR N 91 -12.61 -16.51 -31.71
C THR N 91 -11.38 -17.35 -32.05
N ASN N 92 -11.43 -18.09 -33.16
CA ASN N 92 -10.26 -18.84 -33.59
C ASN N 92 -9.11 -17.90 -33.96
N GLY N 93 -9.42 -16.74 -34.50
CA GLY N 93 -8.38 -15.81 -34.89
C GLY N 93 -8.98 -14.48 -35.29
N TRP N 94 -8.10 -13.56 -35.64
CA TRP N 94 -8.59 -12.24 -36.06
C TRP N 94 -8.97 -12.26 -37.53
N PRO N 95 -10.10 -11.65 -37.90
CA PRO N 95 -11.00 -10.94 -37.00
C PRO N 95 -12.07 -11.83 -36.38
N TYR N 96 -12.82 -11.30 -35.42
CA TYR N 96 -13.88 -12.04 -34.75
C TYR N 96 -15.17 -11.82 -35.51
N THR N 97 -15.39 -12.65 -36.53
CA THR N 97 -16.58 -12.55 -37.36
C THR N 97 -17.79 -13.05 -36.60
N PHE N 98 -18.82 -12.21 -36.48
CA PHE N 98 -20.06 -12.59 -35.82
C PHE N 98 -20.87 -13.49 -36.74
N GLY N 99 -22.14 -13.73 -36.36
CA GLY N 99 -23.05 -14.50 -37.16
C GLY N 99 -24.19 -13.64 -37.70
N TRP N 100 -25.12 -14.33 -38.36
CA TRP N 100 -26.26 -13.64 -38.99
C TRP N 100 -27.31 -13.27 -37.95
N GLY N 101 -27.79 -14.25 -37.19
CA GLY N 101 -28.82 -14.00 -36.19
C GLY N 101 -30.18 -14.49 -36.61
N ASP N 102 -30.77 -15.38 -35.80
CA ASP N 102 -32.06 -15.97 -36.10
C ASP N 102 -33.09 -15.51 -35.08
N HIS N 103 -34.36 -15.64 -35.46
CA HIS N 103 -35.48 -15.29 -34.59
C HIS N 103 -36.17 -16.55 -34.10
N ALA N 104 -36.76 -16.46 -32.91
CA ALA N 104 -37.56 -17.54 -32.33
C ALA N 104 -39.01 -17.06 -32.33
N GLY N 105 -39.71 -17.29 -33.43
CA GLY N 105 -41.08 -16.85 -33.56
C GLY N 105 -42.04 -17.83 -32.90
N ASN N 106 -42.94 -17.29 -32.09
CA ASN N 106 -43.96 -18.09 -31.40
C ASN N 106 -45.33 -17.60 -31.83
N LYS N 107 -46.02 -18.42 -32.62
CA LYS N 107 -47.34 -18.06 -33.14
C LYS N 107 -48.41 -18.90 -32.46
N PRO N 108 -49.47 -18.27 -31.92
CA PRO N 108 -50.60 -18.99 -31.32
C PRO N 108 -51.71 -19.29 -32.32
N VAL O 1 -24.26 1.14 -13.64
CA VAL O 1 -24.42 0.82 -15.05
C VAL O 1 -23.15 0.18 -15.59
N LYS O 2 -22.00 0.62 -15.07
CA LYS O 2 -20.69 0.07 -15.36
C LYS O 2 -20.22 0.40 -16.77
N LEU O 3 -21.07 0.99 -17.60
CA LEU O 3 -20.75 1.32 -18.99
C LEU O 3 -21.68 2.43 -19.43
N VAL O 4 -21.11 3.52 -19.95
CA VAL O 4 -21.88 4.70 -20.30
C VAL O 4 -21.87 4.98 -21.79
N GLU O 5 -20.71 4.86 -22.45
CA GLU O 5 -20.58 5.07 -23.89
C GLU O 5 -21.14 6.43 -24.32
N SER O 6 -20.52 7.49 -23.80
CA SER O 6 -20.96 8.85 -24.06
C SER O 6 -20.13 9.46 -25.18
N GLY O 7 -20.81 10.02 -26.18
CA GLY O 7 -20.13 10.74 -27.25
C GLY O 7 -20.45 10.26 -28.64
N GLY O 8 -20.92 11.17 -29.50
CA GLY O 8 -21.13 10.85 -30.90
C GLY O 8 -22.57 10.80 -31.35
N GLY O 9 -23.02 11.85 -32.05
CA GLY O 9 -24.38 11.85 -32.57
C GLY O 9 -24.50 12.10 -34.06
N LEU O 10 -23.55 12.84 -34.64
CA LEU O 10 -23.57 13.15 -36.07
C LEU O 10 -22.26 13.80 -36.51
N VAL O 11 -21.70 13.33 -37.62
CA VAL O 11 -20.43 13.84 -38.13
C VAL O 11 -20.45 13.78 -39.65
N LYS O 12 -20.03 14.87 -40.30
CA LYS O 12 -19.92 14.89 -41.74
C LYS O 12 -18.95 13.82 -42.22
N PRO O 13 -19.03 13.43 -43.50
CA PRO O 13 -18.19 12.32 -43.97
C PRO O 13 -16.71 12.68 -44.05
N GLY O 14 -16.01 12.58 -42.91
CA GLY O 14 -14.60 12.88 -42.87
C GLY O 14 -14.13 13.48 -41.55
N GLY O 15 -15.06 13.77 -40.65
CA GLY O 15 -14.73 14.30 -39.34
C GLY O 15 -14.17 13.25 -38.40
N SER O 16 -14.41 13.46 -37.11
CA SER O 16 -13.88 12.56 -36.09
C SER O 16 -14.72 12.67 -34.83
N LEU O 17 -14.57 11.67 -33.95
CA LEU O 17 -15.28 11.63 -32.68
C LEU O 17 -14.41 10.92 -31.66
N LYS O 18 -14.94 10.82 -30.43
CA LYS O 18 -14.29 10.07 -29.37
C LYS O 18 -15.35 9.54 -28.44
N LEU O 19 -15.45 8.22 -28.32
CA LEU O 19 -16.47 7.55 -27.52
C LEU O 19 -15.84 7.05 -26.23
N SER O 20 -16.44 7.42 -25.11
CA SER O 20 -15.78 7.22 -23.81
C SER O 20 -15.90 5.78 -23.32
N CYS O 21 -17.12 5.31 -23.05
CA CYS O 21 -17.37 4.01 -22.43
C CYS O 21 -16.63 3.90 -21.08
N ALA O 22 -17.10 4.72 -20.14
CA ALA O 22 -16.52 4.73 -18.80
C ALA O 22 -17.05 3.57 -17.98
N ALA O 23 -16.17 2.99 -17.18
CA ALA O 23 -16.52 1.84 -16.33
C ALA O 23 -16.66 2.28 -14.88
N SER O 24 -17.41 1.48 -14.11
CA SER O 24 -17.73 1.83 -12.74
C SER O 24 -17.23 0.83 -11.71
N GLY O 25 -17.55 -0.46 -11.87
CA GLY O 25 -17.42 -1.37 -10.74
C GLY O 25 -16.68 -2.66 -10.94
N PHE O 26 -15.58 -2.65 -11.70
CA PHE O 26 -14.74 -3.84 -11.82
C PHE O 26 -13.29 -3.41 -11.99
N ALA O 27 -12.41 -4.41 -11.97
CA ALA O 27 -10.97 -4.16 -12.09
C ALA O 27 -10.65 -3.76 -13.53
N PHE O 28 -10.58 -2.45 -13.77
CA PHE O 28 -10.37 -1.95 -15.12
C PHE O 28 -8.94 -2.18 -15.62
N SER O 29 -7.97 -2.32 -14.71
CA SER O 29 -6.61 -2.61 -15.14
C SER O 29 -6.54 -3.95 -15.86
N THR O 30 -7.25 -4.94 -15.35
CA THR O 30 -7.44 -6.22 -16.02
C THR O 30 -8.63 -6.08 -16.98
N TYR O 31 -9.19 -7.21 -17.45
CA TYR O 31 -10.40 -7.21 -18.27
C TYR O 31 -10.20 -6.44 -19.57
N ASP O 32 -9.39 -7.03 -20.44
CA ASP O 32 -9.21 -6.55 -21.80
C ASP O 32 -10.55 -6.18 -22.41
N MET O 33 -10.71 -4.92 -22.80
CA MET O 33 -11.98 -4.45 -23.34
C MET O 33 -11.84 -4.18 -24.83
N SER O 34 -12.98 -3.97 -25.48
CA SER O 34 -13.01 -3.82 -26.93
C SER O 34 -14.30 -3.10 -27.32
N TRP O 35 -14.48 -2.89 -28.63
CA TRP O 35 -15.64 -2.22 -29.19
C TRP O 35 -16.32 -3.13 -30.20
N VAL O 36 -17.65 -3.10 -30.24
CA VAL O 36 -18.44 -3.88 -31.18
C VAL O 36 -19.53 -2.99 -31.75
N ARG O 37 -19.67 -2.99 -33.07
CA ARG O 37 -20.66 -2.17 -33.75
C ARG O 37 -21.87 -3.01 -34.15
N GLN O 38 -23.02 -2.35 -34.25
CA GLN O 38 -24.18 -2.91 -34.91
C GLN O 38 -24.20 -2.41 -36.36
N THR O 39 -25.33 -2.61 -37.04
CA THR O 39 -25.53 -2.08 -38.38
C THR O 39 -27.00 -1.70 -38.51
N PRO O 40 -27.34 -0.85 -39.48
CA PRO O 40 -28.77 -0.60 -39.76
C PRO O 40 -29.52 -1.85 -40.18
N GLU O 41 -28.81 -2.90 -40.61
CA GLU O 41 -29.43 -4.19 -40.92
C GLU O 41 -29.37 -5.16 -39.76
N LYS O 42 -29.00 -4.70 -38.57
CA LYS O 42 -28.97 -5.51 -37.35
C LYS O 42 -28.02 -6.69 -37.49
N ARG O 43 -26.80 -6.41 -37.94
CA ARG O 43 -25.73 -7.41 -38.00
C ARG O 43 -24.52 -6.86 -37.27
N LEU O 44 -24.13 -7.52 -36.20
CA LEU O 44 -23.02 -7.06 -35.38
C LEU O 44 -21.69 -7.29 -36.08
N GLU O 45 -20.78 -6.33 -35.94
CA GLU O 45 -19.45 -6.43 -36.51
C GLU O 45 -18.42 -5.96 -35.49
N TRP O 46 -17.22 -6.51 -35.61
CA TRP O 46 -16.11 -6.17 -34.71
C TRP O 46 -15.42 -4.90 -35.19
N VAL O 47 -14.91 -4.13 -34.23
CA VAL O 47 -14.33 -2.81 -34.51
C VAL O 47 -12.89 -2.71 -34.04
N ALA O 48 -12.61 -3.09 -32.80
CA ALA O 48 -11.27 -2.95 -32.24
C ALA O 48 -11.17 -3.81 -30.99
N THR O 49 -9.99 -3.79 -30.37
CA THR O 49 -9.72 -4.51 -29.13
C THR O 49 -8.42 -4.02 -28.51
N ILE O 50 -8.42 -3.75 -27.20
CA ILE O 50 -7.23 -3.31 -26.49
C ILE O 50 -6.95 -4.29 -25.36
N SER O 51 -5.66 -4.50 -25.10
CA SER O 51 -5.22 -5.45 -24.10
C SER O 51 -5.32 -4.81 -22.70
N GLY O 52 -4.69 -5.44 -21.72
CA GLY O 52 -4.75 -4.98 -20.34
C GLY O 52 -4.26 -3.57 -20.14
N GLY O 53 -2.99 -3.31 -20.41
CA GLY O 53 -2.44 -1.97 -20.24
C GLY O 53 -2.61 -1.10 -21.46
N GLY O 54 -2.60 -1.71 -22.64
CA GLY O 54 -2.71 -0.98 -23.89
C GLY O 54 -1.54 -1.17 -24.83
N SER O 55 -0.51 -1.91 -24.44
CA SER O 55 0.64 -2.12 -25.33
C SER O 55 0.30 -3.02 -26.51
N TYR O 56 -0.80 -3.76 -26.44
CA TYR O 56 -1.23 -4.66 -27.51
C TYR O 56 -2.60 -4.24 -27.99
N THR O 57 -2.75 -4.11 -29.30
CA THR O 57 -3.98 -3.61 -29.91
C THR O 57 -4.20 -4.33 -31.24
N TYR O 58 -5.45 -4.65 -31.53
CA TYR O 58 -5.81 -5.36 -32.75
C TYR O 58 -6.99 -4.68 -33.43
N TYR O 59 -7.04 -4.82 -34.74
CA TYR O 59 -8.11 -4.25 -35.57
C TYR O 59 -8.46 -5.25 -36.66
N PRO O 60 -9.66 -5.16 -37.22
CA PRO O 60 -10.03 -6.02 -38.34
C PRO O 60 -9.38 -5.54 -39.64
N ASP O 61 -9.75 -6.19 -40.73
CA ASP O 61 -9.20 -5.81 -42.04
C ASP O 61 -9.87 -4.56 -42.59
N ILE O 62 -11.15 -4.36 -42.32
CA ILE O 62 -11.88 -3.20 -42.84
C ILE O 62 -11.34 -1.93 -42.24
N VAL O 63 -10.84 -1.99 -41.00
CA VAL O 63 -10.40 -0.83 -40.26
C VAL O 63 -8.91 -0.98 -39.96
N LYS O 64 -8.11 -0.09 -40.53
CA LYS O 64 -6.68 -0.03 -40.22
C LYS O 64 -6.23 1.41 -40.39
N GLY O 65 -5.94 2.08 -39.27
CA GLY O 65 -5.49 3.44 -39.27
C GLY O 65 -6.58 4.47 -39.09
N ARG O 66 -7.82 4.14 -39.46
CA ARG O 66 -8.93 5.06 -39.23
C ARG O 66 -9.31 5.12 -37.76
N PHE O 67 -9.57 3.95 -37.17
CA PHE O 67 -9.92 3.84 -35.76
C PHE O 67 -8.66 3.62 -34.94
N THR O 68 -8.64 4.16 -33.72
CA THR O 68 -7.56 3.89 -32.78
C THR O 68 -8.15 3.82 -31.37
N ILE O 69 -8.12 2.63 -30.79
CA ILE O 69 -8.63 2.43 -29.43
C ILE O 69 -7.52 2.69 -28.44
N SER O 70 -7.86 3.41 -27.37
CA SER O 70 -6.93 3.71 -26.29
C SER O 70 -7.46 3.12 -24.99
N ARG O 71 -6.81 3.46 -23.88
CA ARG O 71 -7.27 3.03 -22.57
C ARG O 71 -6.57 3.87 -21.52
N ASP O 72 -7.33 4.50 -20.65
CA ASP O 72 -6.79 5.39 -19.62
C ASP O 72 -7.18 4.83 -18.25
N ASN O 73 -6.31 4.00 -17.68
CA ASN O 73 -6.52 3.49 -16.34
C ASN O 73 -6.46 4.64 -15.33
N ALA O 74 -6.90 4.36 -14.11
CA ALA O 74 -7.13 5.31 -13.03
C ALA O 74 -8.30 6.24 -13.34
N ARG O 75 -8.91 6.12 -14.52
CA ARG O 75 -10.14 6.81 -14.85
C ARG O 75 -11.17 5.90 -15.50
N ASN O 76 -10.77 4.71 -15.95
CA ASN O 76 -11.68 3.70 -16.49
C ASN O 76 -12.43 4.22 -17.71
N THR O 77 -11.69 4.50 -18.77
CA THR O 77 -12.25 4.93 -20.05
C THR O 77 -11.64 4.12 -21.18
N LEU O 78 -12.21 4.26 -22.37
CA LEU O 78 -11.70 3.59 -23.56
C LEU O 78 -11.27 4.56 -24.65
N TYR O 79 -12.09 5.56 -24.96
CA TYR O 79 -11.72 6.66 -25.85
C TYR O 79 -11.34 6.14 -27.25
N LEU O 80 -12.34 5.62 -27.94
CA LEU O 80 -12.17 5.24 -29.34
C LEU O 80 -12.16 6.50 -30.20
N GLN O 81 -11.02 6.81 -30.80
CA GLN O 81 -10.86 7.99 -31.64
C GLN O 81 -11.01 7.59 -33.11
N MET O 82 -12.07 8.09 -33.75
CA MET O 82 -12.32 7.80 -35.14
C MET O 82 -11.65 8.83 -36.04
N SER O 83 -11.55 8.50 -37.33
CA SER O 83 -10.94 9.39 -38.30
C SER O 83 -11.29 8.92 -39.70
N SER O 84 -11.52 9.86 -40.61
CA SER O 84 -11.83 9.57 -42.01
C SER O 84 -13.08 8.70 -42.12
N LEU O 85 -14.16 9.19 -41.50
CA LEU O 85 -15.42 8.44 -41.48
C LEU O 85 -16.02 8.42 -42.88
N ARG O 86 -16.14 7.23 -43.47
CA ARG O 86 -16.77 7.08 -44.77
C ARG O 86 -18.28 7.19 -44.64
N SER O 87 -18.98 6.97 -45.75
CA SER O 87 -20.44 6.99 -45.73
C SER O 87 -21.02 5.88 -44.86
N GLU O 88 -20.28 4.80 -44.66
CA GLU O 88 -20.68 3.73 -43.76
C GLU O 88 -20.38 4.13 -42.32
N ASP O 89 -20.39 3.16 -41.42
CA ASP O 89 -20.02 3.36 -40.01
C ASP O 89 -21.09 4.18 -39.28
N THR O 90 -22.35 3.89 -39.53
CA THR O 90 -23.47 4.41 -38.77
C THR O 90 -24.04 3.25 -37.97
N ALA O 91 -23.72 3.19 -36.68
CA ALA O 91 -24.00 2.01 -35.90
C ALA O 91 -24.30 2.40 -34.45
N LEU O 92 -24.28 1.41 -33.57
CA LEU O 92 -24.53 1.58 -32.14
C LEU O 92 -23.25 1.67 -31.32
N TYR O 93 -22.22 0.92 -31.70
CA TYR O 93 -20.90 0.98 -31.06
C TYR O 93 -20.97 0.67 -29.57
N PHE O 94 -21.37 -0.57 -29.27
CA PHE O 94 -21.27 -1.06 -27.90
C PHE O 94 -19.81 -1.26 -27.51
N CYS O 95 -19.58 -1.36 -26.20
CA CYS O 95 -18.30 -1.81 -25.68
C CYS O 95 -18.54 -2.97 -24.73
N VAL O 96 -17.62 -3.92 -24.74
CA VAL O 96 -17.82 -5.18 -24.03
C VAL O 96 -16.77 -5.33 -22.94
N ARG O 97 -16.83 -6.44 -22.20
CA ARG O 97 -15.93 -6.67 -21.08
C ARG O 97 -15.03 -7.88 -21.26
N GLN O 98 -15.31 -8.76 -22.23
CA GLN O 98 -14.46 -9.92 -22.52
C GLN O 98 -14.29 -10.80 -21.28
N TYR O 99 -15.40 -11.45 -20.92
CA TYR O 99 -15.55 -12.29 -19.73
C TYR O 99 -14.29 -13.03 -19.36
N TYR O 100 -13.89 -12.91 -18.08
CA TYR O 100 -12.64 -13.41 -17.51
C TYR O 100 -11.41 -12.64 -17.97
N GLY O 101 -11.60 -11.48 -18.59
CA GLY O 101 -10.48 -10.68 -19.06
C GLY O 101 -9.91 -11.12 -20.39
N SER O 102 -9.86 -12.42 -20.62
CA SER O 102 -9.29 -12.96 -21.86
C SER O 102 -10.10 -12.49 -23.06
N SER O 103 -9.42 -12.42 -24.20
CA SER O 103 -10.05 -12.11 -25.47
C SER O 103 -10.42 -13.35 -26.27
N ASN O 104 -10.25 -14.53 -25.69
CA ASN O 104 -10.54 -15.79 -26.35
C ASN O 104 -11.82 -16.44 -25.86
N TYR O 105 -12.59 -15.76 -25.00
CA TYR O 105 -13.78 -16.34 -24.40
C TYR O 105 -15.08 -15.75 -24.91
N GLY O 106 -15.24 -14.43 -24.88
CA GLY O 106 -16.50 -13.90 -25.37
C GLY O 106 -16.70 -12.46 -24.91
N MET O 107 -17.96 -12.12 -24.68
CA MET O 107 -18.34 -10.78 -24.26
C MET O 107 -19.20 -10.90 -23.00
N ASP O 108 -18.77 -10.23 -21.94
CA ASP O 108 -19.62 -10.09 -20.76
C ASP O 108 -20.65 -8.98 -21.05
N TYR O 109 -21.31 -8.47 -20.01
CA TYR O 109 -22.40 -7.53 -20.21
C TYR O 109 -21.96 -6.35 -21.06
N TRP O 110 -22.78 -6.04 -22.07
CA TRP O 110 -22.50 -4.98 -23.03
C TRP O 110 -23.00 -3.64 -22.48
N GLY O 111 -22.74 -2.58 -23.24
CA GLY O 111 -23.18 -1.24 -22.87
C GLY O 111 -24.57 -0.94 -23.37
N GLN O 112 -24.87 0.36 -23.44
CA GLN O 112 -26.17 0.81 -23.92
C GLN O 112 -26.17 1.12 -25.42
N GLY O 113 -25.03 1.53 -25.97
CA GLY O 113 -24.95 1.80 -27.38
C GLY O 113 -25.17 3.26 -27.74
N THR O 114 -24.15 3.90 -28.32
CA THR O 114 -24.27 5.26 -28.80
C THR O 114 -24.93 5.22 -30.19
N SER O 115 -24.92 6.35 -30.91
CA SER O 115 -25.51 6.39 -32.24
C SER O 115 -24.68 7.35 -33.10
N VAL O 116 -23.76 6.80 -33.86
CA VAL O 116 -22.94 7.57 -34.80
C VAL O 116 -23.65 7.59 -36.14
N THR O 117 -23.59 8.74 -36.82
CA THR O 117 -24.22 8.88 -38.13
C THR O 117 -23.35 9.80 -38.98
N VAL O 118 -23.26 9.51 -40.27
CA VAL O 118 -22.47 10.30 -41.21
C VAL O 118 -23.36 10.65 -42.40
N SER O 119 -23.65 11.94 -42.55
CA SER O 119 -24.47 12.41 -43.68
C SER O 119 -24.24 13.90 -43.91
#